data_3P1X
# 
_entry.id   3P1X 
# 
_audit_conform.dict_name       mmcif_pdbx.dic 
_audit_conform.dict_version    5.397 
_audit_conform.dict_location   http://mmcif.pdb.org/dictionaries/ascii/mmcif_pdbx.dic 
# 
loop_
_database_2.database_id 
_database_2.database_code 
_database_2.pdbx_database_accession 
_database_2.pdbx_DOI 
PDB   3P1X         pdb_00003p1x 10.2210/pdb3p1x/pdb 
RCSB  RCSB061854   ?            ?                   
WWPDB D_1000061854 ?            ?                   
# 
loop_
_pdbx_audit_revision_history.ordinal 
_pdbx_audit_revision_history.data_content_type 
_pdbx_audit_revision_history.major_revision 
_pdbx_audit_revision_history.minor_revision 
_pdbx_audit_revision_history.revision_date 
1 'Structure model' 1 0 2010-12-29 
2 'Structure model' 1 1 2011-07-13 
3 'Structure model' 1 2 2012-02-22 
4 'Structure model' 1 3 2024-10-16 
# 
_pdbx_audit_revision_details.ordinal             1 
_pdbx_audit_revision_details.revision_ordinal    1 
_pdbx_audit_revision_details.data_content_type   'Structure model' 
_pdbx_audit_revision_details.provider            repository 
_pdbx_audit_revision_details.type                'Initial release' 
_pdbx_audit_revision_details.description         ? 
_pdbx_audit_revision_details.details             ? 
# 
loop_
_pdbx_audit_revision_group.ordinal 
_pdbx_audit_revision_group.revision_ordinal 
_pdbx_audit_revision_group.data_content_type 
_pdbx_audit_revision_group.group 
1 2 'Structure model' 'Version format compliance' 
2 3 'Structure model' 'Structure summary'         
3 4 'Structure model' 'Data collection'           
4 4 'Structure model' 'Database references'       
5 4 'Structure model' 'Derived calculations'      
6 4 'Structure model' 'Structure summary'         
# 
loop_
_pdbx_audit_revision_category.ordinal 
_pdbx_audit_revision_category.revision_ordinal 
_pdbx_audit_revision_category.data_content_type 
_pdbx_audit_revision_category.category 
1 4 'Structure model' chem_comp_atom            
2 4 'Structure model' chem_comp_bond            
3 4 'Structure model' database_2                
4 4 'Structure model' pdbx_entry_details        
5 4 'Structure model' pdbx_modification_feature 
6 4 'Structure model' struct_conn               
# 
loop_
_pdbx_audit_revision_item.ordinal 
_pdbx_audit_revision_item.revision_ordinal 
_pdbx_audit_revision_item.data_content_type 
_pdbx_audit_revision_item.item 
1 4 'Structure model' '_database_2.pdbx_DOI'                
2 4 'Structure model' '_database_2.pdbx_database_accession' 
3 4 'Structure model' '_struct_conn.pdbx_leaving_atom_flag' 
# 
_pdbx_database_status.status_code                     REL 
_pdbx_database_status.entry_id                        3P1X 
_pdbx_database_status.recvd_initial_deposition_date   2010-09-30 
_pdbx_database_status.deposit_site                    RCSB 
_pdbx_database_status.process_site                    RCSB 
_pdbx_database_status.status_code_sf                  REL 
_pdbx_database_status.status_code_mr                  ? 
_pdbx_database_status.SG_entry                        Y 
_pdbx_database_status.status_code_cs                  ? 
_pdbx_database_status.pdb_format_compatible           Y 
_pdbx_database_status.status_code_nmr_data            ? 
_pdbx_database_status.methods_development_category    ? 
# 
_pdbx_database_related.db_name        TargetDB 
_pdbx_database_related.db_id          HR4527E 
_pdbx_database_related.details        . 
_pdbx_database_related.content_type   unspecified 
# 
loop_
_audit_author.name 
_audit_author.pdbx_ordinal 
'Seetharaman, J.'                                 1  
'Neely, H.'                                       2  
'Wang, D.'                                        3  
'Janjua, H.'                                      4  
'Cunningham, K.'                                  5  
'Owens, L.'                                       6  
'Xiao, R.'                                        7  
'Liu, J.'                                         8  
'Baran, M.C.'                                     9  
'Acton, T.B.'                                     10 
'Montelione, G.T.'                                11 
'Tong, L.'                                        12 
'Hunt, J.F.'                                      13 
'Northeast Structural Genomics Consortium (NESG)' 14 
# 
_citation.id                        primary 
_citation.title                     
;Crystal structure of DRBM 2 domain of Interleukin enhancer-binding factor 3 from Homo sapiens, Northeast Structural Genomics Consortium Target HR4527E
;
_citation.journal_abbrev            'To be Published' 
_citation.journal_volume            ? 
_citation.page_first                ? 
_citation.page_last                 ? 
_citation.year                      ? 
_citation.journal_id_ASTM           ? 
_citation.country                   ? 
_citation.journal_id_ISSN           ? 
_citation.journal_id_CSD            0353 
_citation.book_publisher            ? 
_citation.pdbx_database_id_PubMed   ? 
_citation.pdbx_database_id_DOI      ? 
# 
loop_
_citation_author.citation_id 
_citation_author.name 
_citation_author.ordinal 
_citation_author.identifier_ORCID 
primary 'Seetharaman, J.'  1  ? 
primary 'Neely, H.'        2  ? 
primary 'Wang, D.'         3  ? 
primary 'Janjua, H.'       4  ? 
primary 'Cunningham, K.'   5  ? 
primary 'Owens, L.'        6  ? 
primary 'Xiao, R.'         7  ? 
primary 'Liu, J.'          8  ? 
primary 'Baran, M.C.'      9  ? 
primary 'Acton, T.B.'      10 ? 
primary 'Montelione, G.T.' 11 ? 
primary 'Tong, L.'         12 ? 
primary 'Hunt, J.F.'       13 ? 
# 
loop_
_entity.id 
_entity.type 
_entity.src_method 
_entity.pdbx_description 
_entity.formula_weight 
_entity.pdbx_number_of_molecules 
_entity.pdbx_ec 
_entity.pdbx_mutation 
_entity.pdbx_fragment 
_entity.details 
1 polymer nat 'Interleukin enhancer-binding factor 3' 8409.390 2   ? ? 'DRBM 2 domain residues 520-594' ? 
2 water   nat water                                   18.015   199 ? ? ?                                ? 
# 
_entity_name_com.entity_id   1 
_entity_name_com.name        
;Nuclear factor of activated T-cells 90 kDa, NF-AT-90, Double-stranded RNA-binding protein 76, DRBP76, Translational control protein 80, TCP80, Nuclear factor associated with dsRNA, NFAR, M-phase phosphoprotein 4, MPP4
;
# 
_entity_poly.entity_id                      1 
_entity_poly.type                           'polypeptide(L)' 
_entity_poly.nstd_linkage                   no 
_entity_poly.nstd_monomer                   yes 
_entity_poly.pdbx_seq_one_letter_code       
;ILTKHGKNPV(MSE)ELNEKRRGLKYELISETGGSHDKRFV(MSE)EVEVDGQKFQGAGSNKKVAKAYAALAALEKLFPD
TPL
;
_entity_poly.pdbx_seq_one_letter_code_can   ILTKHGKNPVMELNEKRRGLKYELISETGGSHDKRFVMEVEVDGQKFQGAGSNKKVAKAYAALAALEKLFPDTPL 
_entity_poly.pdbx_strand_id                 A,B 
_entity_poly.pdbx_target_identifier         HR4527E 
# 
_pdbx_entity_nonpoly.entity_id   2 
_pdbx_entity_nonpoly.name        water 
_pdbx_entity_nonpoly.comp_id     HOH 
# 
loop_
_entity_poly_seq.entity_id 
_entity_poly_seq.num 
_entity_poly_seq.mon_id 
_entity_poly_seq.hetero 
1 1  ILE n 
1 2  LEU n 
1 3  THR n 
1 4  LYS n 
1 5  HIS n 
1 6  GLY n 
1 7  LYS n 
1 8  ASN n 
1 9  PRO n 
1 10 VAL n 
1 11 MSE n 
1 12 GLU n 
1 13 LEU n 
1 14 ASN n 
1 15 GLU n 
1 16 LYS n 
1 17 ARG n 
1 18 ARG n 
1 19 GLY n 
1 20 LEU n 
1 21 LYS n 
1 22 TYR n 
1 23 GLU n 
1 24 LEU n 
1 25 ILE n 
1 26 SER n 
1 27 GLU n 
1 28 THR n 
1 29 GLY n 
1 30 GLY n 
1 31 SER n 
1 32 HIS n 
1 33 ASP n 
1 34 LYS n 
1 35 ARG n 
1 36 PHE n 
1 37 VAL n 
1 38 MSE n 
1 39 GLU n 
1 40 VAL n 
1 41 GLU n 
1 42 VAL n 
1 43 ASP n 
1 44 GLY n 
1 45 GLN n 
1 46 LYS n 
1 47 PHE n 
1 48 GLN n 
1 49 GLY n 
1 50 ALA n 
1 51 GLY n 
1 52 SER n 
1 53 ASN n 
1 54 LYS n 
1 55 LYS n 
1 56 VAL n 
1 57 ALA n 
1 58 LYS n 
1 59 ALA n 
1 60 TYR n 
1 61 ALA n 
1 62 ALA n 
1 63 LEU n 
1 64 ALA n 
1 65 ALA n 
1 66 LEU n 
1 67 GLU n 
1 68 LYS n 
1 69 LEU n 
1 70 PHE n 
1 71 PRO n 
1 72 ASP n 
1 73 THR n 
1 74 PRO n 
1 75 LEU n 
# 
_entity_src_nat.entity_id                  1 
_entity_src_nat.pdbx_src_id                1 
_entity_src_nat.pdbx_alt_source_flag       sample 
_entity_src_nat.pdbx_beg_seq_num           ? 
_entity_src_nat.pdbx_end_seq_num           ? 
_entity_src_nat.common_name                human 
_entity_src_nat.pdbx_organism_scientific   'Homo sapiens' 
_entity_src_nat.pdbx_ncbi_taxonomy_id      9606 
_entity_src_nat.genus                      ? 
_entity_src_nat.species                    ? 
_entity_src_nat.strain                     ? 
_entity_src_nat.tissue                     ? 
_entity_src_nat.tissue_fraction            ? 
_entity_src_nat.pdbx_secretion             ? 
_entity_src_nat.pdbx_fragment              ? 
_entity_src_nat.pdbx_variant               ? 
_entity_src_nat.pdbx_cell_line             ? 
_entity_src_nat.pdbx_atcc                  ? 
_entity_src_nat.pdbx_cellular_location     ? 
_entity_src_nat.pdbx_organ                 ? 
_entity_src_nat.pdbx_organelle             ? 
_entity_src_nat.pdbx_cell                  ? 
_entity_src_nat.pdbx_plasmid_name          ? 
_entity_src_nat.pdbx_plasmid_details       ? 
_entity_src_nat.details                    ? 
# 
loop_
_chem_comp.id 
_chem_comp.type 
_chem_comp.mon_nstd_flag 
_chem_comp.name 
_chem_comp.pdbx_synonyms 
_chem_comp.formula 
_chem_comp.formula_weight 
ALA 'L-peptide linking' y ALANINE          ? 'C3 H7 N O2'     89.093  
ARG 'L-peptide linking' y ARGININE         ? 'C6 H15 N4 O2 1' 175.209 
ASN 'L-peptide linking' y ASPARAGINE       ? 'C4 H8 N2 O3'    132.118 
ASP 'L-peptide linking' y 'ASPARTIC ACID'  ? 'C4 H7 N O4'     133.103 
GLN 'L-peptide linking' y GLUTAMINE        ? 'C5 H10 N2 O3'   146.144 
GLU 'L-peptide linking' y 'GLUTAMIC ACID'  ? 'C5 H9 N O4'     147.129 
GLY 'peptide linking'   y GLYCINE          ? 'C2 H5 N O2'     75.067  
HIS 'L-peptide linking' y HISTIDINE        ? 'C6 H10 N3 O2 1' 156.162 
HOH non-polymer         . WATER            ? 'H2 O'           18.015  
ILE 'L-peptide linking' y ISOLEUCINE       ? 'C6 H13 N O2'    131.173 
LEU 'L-peptide linking' y LEUCINE          ? 'C6 H13 N O2'    131.173 
LYS 'L-peptide linking' y LYSINE           ? 'C6 H15 N2 O2 1' 147.195 
MSE 'L-peptide linking' n SELENOMETHIONINE ? 'C5 H11 N O2 Se' 196.106 
PHE 'L-peptide linking' y PHENYLALANINE    ? 'C9 H11 N O2'    165.189 
PRO 'L-peptide linking' y PROLINE          ? 'C5 H9 N O2'     115.130 
SER 'L-peptide linking' y SERINE           ? 'C3 H7 N O3'     105.093 
THR 'L-peptide linking' y THREONINE        ? 'C4 H9 N O3'     119.119 
TYR 'L-peptide linking' y TYROSINE         ? 'C9 H11 N O3'    181.189 
VAL 'L-peptide linking' y VALINE           ? 'C5 H11 N O2'    117.146 
# 
loop_
_pdbx_poly_seq_scheme.asym_id 
_pdbx_poly_seq_scheme.entity_id 
_pdbx_poly_seq_scheme.seq_id 
_pdbx_poly_seq_scheme.mon_id 
_pdbx_poly_seq_scheme.ndb_seq_num 
_pdbx_poly_seq_scheme.pdb_seq_num 
_pdbx_poly_seq_scheme.auth_seq_num 
_pdbx_poly_seq_scheme.pdb_mon_id 
_pdbx_poly_seq_scheme.auth_mon_id 
_pdbx_poly_seq_scheme.pdb_strand_id 
_pdbx_poly_seq_scheme.pdb_ins_code 
_pdbx_poly_seq_scheme.hetero 
A 1 1  ILE 1  520 ?   ?   ?   A . n 
A 1 2  LEU 2  521 ?   ?   ?   A . n 
A 1 3  THR 3  522 ?   ?   ?   A . n 
A 1 4  LYS 4  523 ?   ?   ?   A . n 
A 1 5  HIS 5  524 ?   ?   ?   A . n 
A 1 6  GLY 6  525 525 GLY GLY A . n 
A 1 7  LYS 7  526 526 LYS LYS A . n 
A 1 8  ASN 8  527 527 ASN ASN A . n 
A 1 9  PRO 9  528 528 PRO PRO A . n 
A 1 10 VAL 10 529 529 VAL VAL A . n 
A 1 11 MSE 11 530 530 MSE MSE A . n 
A 1 12 GLU 12 531 531 GLU GLU A . n 
A 1 13 LEU 13 532 532 LEU LEU A . n 
A 1 14 ASN 14 533 533 ASN ASN A . n 
A 1 15 GLU 15 534 534 GLU GLU A . n 
A 1 16 LYS 16 535 535 LYS LYS A . n 
A 1 17 ARG 17 536 536 ARG ARG A . n 
A 1 18 ARG 18 537 537 ARG ARG A . n 
A 1 19 GLY 19 538 538 GLY GLY A . n 
A 1 20 LEU 20 539 539 LEU LEU A . n 
A 1 21 LYS 21 540 540 LYS LYS A . n 
A 1 22 TYR 22 541 541 TYR TYR A . n 
A 1 23 GLU 23 542 542 GLU GLU A . n 
A 1 24 LEU 24 543 543 LEU LEU A . n 
A 1 25 ILE 25 544 544 ILE ILE A . n 
A 1 26 SER 26 545 545 SER SER A . n 
A 1 27 GLU 27 546 546 GLU GLU A . n 
A 1 28 THR 28 547 547 THR THR A . n 
A 1 29 GLY 29 548 548 GLY GLY A . n 
A 1 30 GLY 30 549 549 GLY GLY A . n 
A 1 31 SER 31 550 550 SER SER A . n 
A 1 32 HIS 32 551 551 HIS HIS A . n 
A 1 33 ASP 33 552 552 ASP ASP A . n 
A 1 34 LYS 34 553 553 LYS LYS A . n 
A 1 35 ARG 35 554 554 ARG ARG A . n 
A 1 36 PHE 36 555 555 PHE PHE A . n 
A 1 37 VAL 37 556 556 VAL VAL A . n 
A 1 38 MSE 38 557 557 MSE MSE A . n 
A 1 39 GLU 39 558 558 GLU GLU A . n 
A 1 40 VAL 40 559 559 VAL VAL A . n 
A 1 41 GLU 41 560 560 GLU GLU A . n 
A 1 42 VAL 42 561 561 VAL VAL A . n 
A 1 43 ASP 43 562 562 ASP ASP A . n 
A 1 44 GLY 44 563 563 GLY GLY A . n 
A 1 45 GLN 45 564 564 GLN GLN A . n 
A 1 46 LYS 46 565 565 LYS LYS A . n 
A 1 47 PHE 47 566 566 PHE PHE A . n 
A 1 48 GLN 48 567 567 GLN GLN A . n 
A 1 49 GLY 49 568 568 GLY GLY A . n 
A 1 50 ALA 50 569 569 ALA ALA A . n 
A 1 51 GLY 51 570 570 GLY GLY A . n 
A 1 52 SER 52 571 571 SER SER A . n 
A 1 53 ASN 53 572 572 ASN ASN A . n 
A 1 54 LYS 54 573 573 LYS LYS A . n 
A 1 55 LYS 55 574 574 LYS LYS A . n 
A 1 56 VAL 56 575 575 VAL VAL A . n 
A 1 57 ALA 57 576 576 ALA ALA A . n 
A 1 58 LYS 58 577 577 LYS LYS A . n 
A 1 59 ALA 59 578 578 ALA ALA A . n 
A 1 60 TYR 60 579 579 TYR TYR A . n 
A 1 61 ALA 61 580 580 ALA ALA A . n 
A 1 62 ALA 62 581 581 ALA ALA A . n 
A 1 63 LEU 63 582 582 LEU LEU A . n 
A 1 64 ALA 64 583 583 ALA ALA A . n 
A 1 65 ALA 65 584 584 ALA ALA A . n 
A 1 66 LEU 66 585 585 LEU LEU A . n 
A 1 67 GLU 67 586 586 GLU GLU A . n 
A 1 68 LYS 68 587 587 LYS LYS A . n 
A 1 69 LEU 69 588 588 LEU LEU A . n 
A 1 70 PHE 70 589 589 PHE PHE A . n 
A 1 71 PRO 71 590 590 PRO PRO A . n 
A 1 72 ASP 72 591 591 ASP ASP A . n 
A 1 73 THR 73 592 592 THR THR A . n 
A 1 74 PRO 74 593 593 PRO PRO A . n 
A 1 75 LEU 75 594 594 LEU LEU A . n 
B 1 1  ILE 1  520 ?   ?   ?   B . n 
B 1 2  LEU 2  521 ?   ?   ?   B . n 
B 1 3  THR 3  522 ?   ?   ?   B . n 
B 1 4  LYS 4  523 ?   ?   ?   B . n 
B 1 5  HIS 5  524 ?   ?   ?   B . n 
B 1 6  GLY 6  525 525 GLY GLY B . n 
B 1 7  LYS 7  526 526 LYS LYS B . n 
B 1 8  ASN 8  527 527 ASN ASN B . n 
B 1 9  PRO 9  528 528 PRO PRO B . n 
B 1 10 VAL 10 529 529 VAL VAL B . n 
B 1 11 MSE 11 530 530 MSE MSE B . n 
B 1 12 GLU 12 531 531 GLU GLU B . n 
B 1 13 LEU 13 532 532 LEU LEU B . n 
B 1 14 ASN 14 533 533 ASN ASN B . n 
B 1 15 GLU 15 534 534 GLU GLU B . n 
B 1 16 LYS 16 535 535 LYS LYS B . n 
B 1 17 ARG 17 536 536 ARG ARG B . n 
B 1 18 ARG 18 537 537 ARG ARG B . n 
B 1 19 GLY 19 538 538 GLY GLY B . n 
B 1 20 LEU 20 539 539 LEU LEU B . n 
B 1 21 LYS 21 540 540 LYS LYS B . n 
B 1 22 TYR 22 541 541 TYR TYR B . n 
B 1 23 GLU 23 542 542 GLU GLU B . n 
B 1 24 LEU 24 543 543 LEU LEU B . n 
B 1 25 ILE 25 544 544 ILE ILE B . n 
B 1 26 SER 26 545 545 SER SER B . n 
B 1 27 GLU 27 546 546 GLU GLU B . n 
B 1 28 THR 28 547 547 THR THR B . n 
B 1 29 GLY 29 548 548 GLY GLY B . n 
B 1 30 GLY 30 549 549 GLY GLY B . n 
B 1 31 SER 31 550 550 SER SER B . n 
B 1 32 HIS 32 551 551 HIS HIS B . n 
B 1 33 ASP 33 552 552 ASP ASP B . n 
B 1 34 LYS 34 553 553 LYS LYS B . n 
B 1 35 ARG 35 554 554 ARG ARG B . n 
B 1 36 PHE 36 555 555 PHE PHE B . n 
B 1 37 VAL 37 556 556 VAL VAL B . n 
B 1 38 MSE 38 557 557 MSE MSE B . n 
B 1 39 GLU 39 558 558 GLU GLU B . n 
B 1 40 VAL 40 559 559 VAL VAL B . n 
B 1 41 GLU 41 560 560 GLU GLU B . n 
B 1 42 VAL 42 561 561 VAL VAL B . n 
B 1 43 ASP 43 562 562 ASP ASP B . n 
B 1 44 GLY 44 563 563 GLY GLY B . n 
B 1 45 GLN 45 564 564 GLN GLN B . n 
B 1 46 LYS 46 565 565 LYS LYS B . n 
B 1 47 PHE 47 566 566 PHE PHE B . n 
B 1 48 GLN 48 567 567 GLN GLN B . n 
B 1 49 GLY 49 568 568 GLY GLY B . n 
B 1 50 ALA 50 569 569 ALA ALA B . n 
B 1 51 GLY 51 570 570 GLY GLY B . n 
B 1 52 SER 52 571 571 SER SER B . n 
B 1 53 ASN 53 572 572 ASN ASN B . n 
B 1 54 LYS 54 573 573 LYS LYS B . n 
B 1 55 LYS 55 574 574 LYS LYS B . n 
B 1 56 VAL 56 575 575 VAL VAL B . n 
B 1 57 ALA 57 576 576 ALA ALA B . n 
B 1 58 LYS 58 577 577 LYS LYS B . n 
B 1 59 ALA 59 578 578 ALA ALA B . n 
B 1 60 TYR 60 579 579 TYR TYR B . n 
B 1 61 ALA 61 580 580 ALA ALA B . n 
B 1 62 ALA 62 581 581 ALA ALA B . n 
B 1 63 LEU 63 582 582 LEU LEU B . n 
B 1 64 ALA 64 583 583 ALA ALA B . n 
B 1 65 ALA 65 584 584 ALA ALA B . n 
B 1 66 LEU 66 585 585 LEU LEU B . n 
B 1 67 GLU 67 586 586 GLU GLU B . n 
B 1 68 LYS 68 587 587 LYS LYS B . n 
B 1 69 LEU 69 588 588 LEU LEU B . n 
B 1 70 PHE 70 589 589 PHE PHE B . n 
B 1 71 PRO 71 590 590 PRO PRO B . n 
B 1 72 ASP 72 591 ?   ?   ?   B . n 
B 1 73 THR 73 592 ?   ?   ?   B . n 
B 1 74 PRO 74 593 ?   ?   ?   B . n 
B 1 75 LEU 75 594 ?   ?   ?   B . n 
# 
loop_
_pdbx_nonpoly_scheme.asym_id 
_pdbx_nonpoly_scheme.entity_id 
_pdbx_nonpoly_scheme.mon_id 
_pdbx_nonpoly_scheme.ndb_seq_num 
_pdbx_nonpoly_scheme.pdb_seq_num 
_pdbx_nonpoly_scheme.auth_seq_num 
_pdbx_nonpoly_scheme.pdb_mon_id 
_pdbx_nonpoly_scheme.auth_mon_id 
_pdbx_nonpoly_scheme.pdb_strand_id 
_pdbx_nonpoly_scheme.pdb_ins_code 
C 2 HOH 1   2   2   HOH TIP A . 
C 2 HOH 2   3   3   HOH TIP A . 
C 2 HOH 3   4   4   HOH TIP A . 
C 2 HOH 4   7   7   HOH TIP A . 
C 2 HOH 5   10  10  HOH TIP A . 
C 2 HOH 6   14  14  HOH TIP A . 
C 2 HOH 7   16  16  HOH TIP A . 
C 2 HOH 8   18  18  HOH TIP A . 
C 2 HOH 9   19  19  HOH TIP A . 
C 2 HOH 10  20  20  HOH TIP A . 
C 2 HOH 11  22  22  HOH TIP A . 
C 2 HOH 12  24  24  HOH TIP A . 
C 2 HOH 13  26  26  HOH TIP A . 
C 2 HOH 14  31  31  HOH TIP A . 
C 2 HOH 15  34  34  HOH TIP A . 
C 2 HOH 16  35  35  HOH TIP A . 
C 2 HOH 17  37  37  HOH TIP A . 
C 2 HOH 18  41  41  HOH TIP A . 
C 2 HOH 19  42  42  HOH TIP A . 
C 2 HOH 20  46  46  HOH TIP A . 
C 2 HOH 21  47  47  HOH TIP A . 
C 2 HOH 22  51  51  HOH TIP A . 
C 2 HOH 23  52  52  HOH TIP A . 
C 2 HOH 24  53  53  HOH TIP A . 
C 2 HOH 25  56  56  HOH TIP A . 
C 2 HOH 26  58  58  HOH TIP A . 
C 2 HOH 27  60  60  HOH TIP A . 
C 2 HOH 28  61  61  HOH TIP A . 
C 2 HOH 29  63  63  HOH TIP A . 
C 2 HOH 30  66  66  HOH TIP A . 
C 2 HOH 31  68  68  HOH TIP A . 
C 2 HOH 32  69  69  HOH TIP A . 
C 2 HOH 33  72  72  HOH TIP A . 
C 2 HOH 34  76  76  HOH TIP A . 
C 2 HOH 35  78  78  HOH TIP A . 
C 2 HOH 36  81  81  HOH TIP A . 
C 2 HOH 37  82  82  HOH TIP A . 
C 2 HOH 38  85  85  HOH TIP A . 
C 2 HOH 39  91  91  HOH TIP A . 
C 2 HOH 40  94  94  HOH TIP A . 
C 2 HOH 41  96  96  HOH TIP A . 
C 2 HOH 42  97  97  HOH TIP A . 
C 2 HOH 43  98  98  HOH TIP A . 
C 2 HOH 44  100 100 HOH TIP A . 
C 2 HOH 45  106 106 HOH TIP A . 
C 2 HOH 46  108 108 HOH TIP A . 
C 2 HOH 47  109 109 HOH TIP A . 
C 2 HOH 48  112 112 HOH TIP A . 
C 2 HOH 49  113 113 HOH TIP A . 
C 2 HOH 50  116 116 HOH TIP A . 
C 2 HOH 51  120 120 HOH TIP A . 
C 2 HOH 52  125 125 HOH TIP A . 
C 2 HOH 53  126 126 HOH TIP A . 
C 2 HOH 54  129 129 HOH TIP A . 
C 2 HOH 55  132 132 HOH TIP A . 
C 2 HOH 56  133 133 HOH TIP A . 
C 2 HOH 57  134 134 HOH TIP A . 
C 2 HOH 58  136 136 HOH TIP A . 
C 2 HOH 59  139 139 HOH TIP A . 
C 2 HOH 60  140 140 HOH TIP A . 
C 2 HOH 61  141 141 HOH TIP A . 
C 2 HOH 62  142 142 HOH TIP A . 
C 2 HOH 63  144 144 HOH TIP A . 
C 2 HOH 64  147 147 HOH TIP A . 
C 2 HOH 65  150 150 HOH TIP A . 
C 2 HOH 66  152 152 HOH TIP A . 
C 2 HOH 67  155 155 HOH TIP A . 
C 2 HOH 68  157 157 HOH TIP A . 
C 2 HOH 69  158 158 HOH TIP A . 
C 2 HOH 70  159 159 HOH TIP A . 
C 2 HOH 71  160 160 HOH TIP A . 
C 2 HOH 72  163 163 HOH TIP A . 
C 2 HOH 73  164 164 HOH TIP A . 
C 2 HOH 74  165 165 HOH TIP A . 
C 2 HOH 75  166 166 HOH TIP A . 
C 2 HOH 76  167 167 HOH TIP A . 
C 2 HOH 77  168 168 HOH TIP A . 
C 2 HOH 78  169 169 HOH TIP A . 
C 2 HOH 79  170 170 HOH TIP A . 
C 2 HOH 80  174 174 HOH TIP A . 
C 2 HOH 81  175 175 HOH TIP A . 
C 2 HOH 82  176 176 HOH TIP A . 
C 2 HOH 83  178 178 HOH TIP A . 
C 2 HOH 84  180 180 HOH TIP A . 
C 2 HOH 85  181 181 HOH TIP A . 
C 2 HOH 86  182 182 HOH TIP A . 
C 2 HOH 87  183 183 HOH TIP A . 
C 2 HOH 88  184 184 HOH TIP A . 
C 2 HOH 89  188 188 HOH TIP A . 
C 2 HOH 90  190 190 HOH TIP A . 
C 2 HOH 91  193 193 HOH TIP A . 
C 2 HOH 92  196 196 HOH TIP A . 
C 2 HOH 93  198 198 HOH TIP A . 
C 2 HOH 94  199 199 HOH TIP A . 
D 2 HOH 1   1   1   HOH TIP B . 
D 2 HOH 2   5   5   HOH TIP B . 
D 2 HOH 3   6   6   HOH TIP B . 
D 2 HOH 4   8   8   HOH TIP B . 
D 2 HOH 5   9   9   HOH TIP B . 
D 2 HOH 6   11  11  HOH TIP B . 
D 2 HOH 7   12  12  HOH TIP B . 
D 2 HOH 8   13  13  HOH TIP B . 
D 2 HOH 9   15  15  HOH TIP B . 
D 2 HOH 10  17  17  HOH TIP B . 
D 2 HOH 11  21  21  HOH TIP B . 
D 2 HOH 12  23  23  HOH TIP B . 
D 2 HOH 13  25  25  HOH TIP B . 
D 2 HOH 14  27  27  HOH TIP B . 
D 2 HOH 15  28  28  HOH TIP B . 
D 2 HOH 16  29  29  HOH TIP B . 
D 2 HOH 17  30  30  HOH TIP B . 
D 2 HOH 18  32  32  HOH TIP B . 
D 2 HOH 19  33  33  HOH TIP B . 
D 2 HOH 20  36  36  HOH TIP B . 
D 2 HOH 21  38  38  HOH TIP B . 
D 2 HOH 22  39  39  HOH TIP B . 
D 2 HOH 23  40  40  HOH TIP B . 
D 2 HOH 24  43  43  HOH TIP B . 
D 2 HOH 25  44  44  HOH TIP B . 
D 2 HOH 26  45  45  HOH TIP B . 
D 2 HOH 27  48  48  HOH TIP B . 
D 2 HOH 28  49  49  HOH TIP B . 
D 2 HOH 29  50  50  HOH TIP B . 
D 2 HOH 30  54  54  HOH TIP B . 
D 2 HOH 31  55  55  HOH TIP B . 
D 2 HOH 32  57  57  HOH TIP B . 
D 2 HOH 33  59  59  HOH TIP B . 
D 2 HOH 34  62  62  HOH TIP B . 
D 2 HOH 35  64  64  HOH TIP B . 
D 2 HOH 36  65  65  HOH TIP B . 
D 2 HOH 37  67  67  HOH TIP B . 
D 2 HOH 38  70  70  HOH TIP B . 
D 2 HOH 39  71  71  HOH TIP B . 
D 2 HOH 40  73  73  HOH TIP B . 
D 2 HOH 41  74  74  HOH TIP B . 
D 2 HOH 42  75  75  HOH TIP B . 
D 2 HOH 43  77  77  HOH TIP B . 
D 2 HOH 44  79  79  HOH TIP B . 
D 2 HOH 45  80  80  HOH TIP B . 
D 2 HOH 46  83  83  HOH TIP B . 
D 2 HOH 47  84  84  HOH TIP B . 
D 2 HOH 48  86  86  HOH TIP B . 
D 2 HOH 49  87  87  HOH TIP B . 
D 2 HOH 50  88  88  HOH TIP B . 
D 2 HOH 51  89  89  HOH TIP B . 
D 2 HOH 52  90  90  HOH TIP B . 
D 2 HOH 53  92  92  HOH TIP B . 
D 2 HOH 54  93  93  HOH TIP B . 
D 2 HOH 55  95  95  HOH TIP B . 
D 2 HOH 56  99  99  HOH TIP B . 
D 2 HOH 57  101 101 HOH TIP B . 
D 2 HOH 58  102 102 HOH TIP B . 
D 2 HOH 59  103 103 HOH TIP B . 
D 2 HOH 60  104 104 HOH TIP B . 
D 2 HOH 61  105 105 HOH TIP B . 
D 2 HOH 62  107 107 HOH TIP B . 
D 2 HOH 63  110 110 HOH TIP B . 
D 2 HOH 64  111 111 HOH TIP B . 
D 2 HOH 65  114 114 HOH TIP B . 
D 2 HOH 66  115 115 HOH TIP B . 
D 2 HOH 67  117 117 HOH TIP B . 
D 2 HOH 68  118 118 HOH TIP B . 
D 2 HOH 69  119 119 HOH TIP B . 
D 2 HOH 70  121 121 HOH TIP B . 
D 2 HOH 71  122 122 HOH TIP B . 
D 2 HOH 72  123 123 HOH TIP B . 
D 2 HOH 73  124 124 HOH TIP B . 
D 2 HOH 74  127 127 HOH TIP B . 
D 2 HOH 75  128 128 HOH TIP B . 
D 2 HOH 76  130 130 HOH TIP B . 
D 2 HOH 77  131 131 HOH TIP B . 
D 2 HOH 78  135 135 HOH TIP B . 
D 2 HOH 79  137 137 HOH TIP B . 
D 2 HOH 80  138 138 HOH TIP B . 
D 2 HOH 81  143 143 HOH TIP B . 
D 2 HOH 82  145 145 HOH TIP B . 
D 2 HOH 83  146 146 HOH TIP B . 
D 2 HOH 84  148 148 HOH TIP B . 
D 2 HOH 85  149 149 HOH TIP B . 
D 2 HOH 86  151 151 HOH TIP B . 
D 2 HOH 87  153 153 HOH TIP B . 
D 2 HOH 88  154 154 HOH TIP B . 
D 2 HOH 89  156 156 HOH TIP B . 
D 2 HOH 90  161 161 HOH TIP B . 
D 2 HOH 91  162 162 HOH TIP B . 
D 2 HOH 92  171 171 HOH TIP B . 
D 2 HOH 93  172 172 HOH TIP B . 
D 2 HOH 94  173 173 HOH TIP B . 
D 2 HOH 95  177 177 HOH TIP B . 
D 2 HOH 96  179 179 HOH TIP B . 
D 2 HOH 97  185 185 HOH TIP B . 
D 2 HOH 98  186 186 HOH TIP B . 
D 2 HOH 99  187 187 HOH TIP B . 
D 2 HOH 100 189 189 HOH TIP B . 
D 2 HOH 101 191 191 HOH TIP B . 
D 2 HOH 102 192 192 HOH TIP B . 
D 2 HOH 103 194 194 HOH TIP B . 
D 2 HOH 104 195 195 HOH TIP B . 
D 2 HOH 105 197 197 HOH TIP B . 
# 
loop_
_pdbx_unobs_or_zero_occ_atoms.id 
_pdbx_unobs_or_zero_occ_atoms.PDB_model_num 
_pdbx_unobs_or_zero_occ_atoms.polymer_flag 
_pdbx_unobs_or_zero_occ_atoms.occupancy_flag 
_pdbx_unobs_or_zero_occ_atoms.auth_asym_id 
_pdbx_unobs_or_zero_occ_atoms.auth_comp_id 
_pdbx_unobs_or_zero_occ_atoms.auth_seq_id 
_pdbx_unobs_or_zero_occ_atoms.PDB_ins_code 
_pdbx_unobs_or_zero_occ_atoms.auth_atom_id 
_pdbx_unobs_or_zero_occ_atoms.label_alt_id 
_pdbx_unobs_or_zero_occ_atoms.label_asym_id 
_pdbx_unobs_or_zero_occ_atoms.label_comp_id 
_pdbx_unobs_or_zero_occ_atoms.label_seq_id 
_pdbx_unobs_or_zero_occ_atoms.label_atom_id 
1  1 Y 1 A LYS 526 ? CG  ? A LYS 7  CG  
2  1 Y 1 A LYS 526 ? CD  ? A LYS 7  CD  
3  1 Y 1 A LYS 526 ? CE  ? A LYS 7  CE  
4  1 Y 1 A LYS 526 ? NZ  ? A LYS 7  NZ  
5  1 Y 1 A ARG 537 ? CG  ? A ARG 18 CG  
6  1 Y 1 A ARG 537 ? CD  ? A ARG 18 CD  
7  1 Y 1 A ARG 537 ? NE  ? A ARG 18 NE  
8  1 Y 1 A ARG 537 ? CZ  ? A ARG 18 CZ  
9  1 Y 1 A ARG 537 ? NH1 ? A ARG 18 NH1 
10 1 Y 1 A ARG 537 ? NH2 ? A ARG 18 NH2 
11 1 Y 1 A LYS 540 ? CB  ? A LYS 21 CB  
12 1 Y 1 A LYS 540 ? CG  ? A LYS 21 CG  
13 1 Y 1 A LYS 540 ? CD  ? A LYS 21 CD  
14 1 Y 1 A LYS 540 ? CE  ? A LYS 21 CE  
15 1 Y 1 A LYS 540 ? NZ  ? A LYS 21 NZ  
16 1 Y 1 A GLU 542 ? CG  ? A GLU 23 CG  
17 1 Y 1 A GLU 542 ? CD  ? A GLU 23 CD  
18 1 Y 1 A GLU 542 ? OE1 ? A GLU 23 OE1 
19 1 Y 1 A GLU 542 ? OE2 ? A GLU 23 OE2 
20 1 Y 1 A SER 550 ? CB  ? A SER 31 CB  
21 1 Y 1 A SER 550 ? OG  ? A SER 31 OG  
22 1 Y 1 A HIS 551 ? CB  ? A HIS 32 CB  
23 1 Y 1 A HIS 551 ? CG  ? A HIS 32 CG  
24 1 Y 1 A HIS 551 ? ND1 ? A HIS 32 ND1 
25 1 Y 1 A HIS 551 ? CD2 ? A HIS 32 CD2 
26 1 Y 1 A HIS 551 ? CE1 ? A HIS 32 CE1 
27 1 Y 1 A HIS 551 ? NE2 ? A HIS 32 NE2 
28 1 Y 1 A ASP 552 ? CB  ? A ASP 33 CB  
29 1 Y 1 A ASP 552 ? CG  ? A ASP 33 CG  
30 1 Y 1 A ASP 552 ? OD1 ? A ASP 33 OD1 
31 1 Y 1 A ASP 552 ? OD2 ? A ASP 33 OD2 
32 1 Y 1 A LYS 553 ? CG  ? A LYS 34 CG  
33 1 Y 1 A LYS 553 ? CD  ? A LYS 34 CD  
34 1 Y 1 A LYS 553 ? CE  ? A LYS 34 CE  
35 1 Y 1 A LYS 553 ? NZ  ? A LYS 34 NZ  
36 1 Y 1 B ARG 537 ? CG  ? B ARG 18 CG  
37 1 Y 1 B ARG 537 ? CD  ? B ARG 18 CD  
38 1 Y 1 B ARG 537 ? NE  ? B ARG 18 NE  
39 1 Y 1 B ARG 537 ? CZ  ? B ARG 18 CZ  
40 1 Y 1 B ARG 537 ? NH1 ? B ARG 18 NH1 
41 1 Y 1 B ARG 537 ? NH2 ? B ARG 18 NH2 
42 1 Y 1 B HIS 551 ? CB  ? B HIS 32 CB  
43 1 Y 1 B HIS 551 ? CG  ? B HIS 32 CG  
44 1 Y 1 B HIS 551 ? ND1 ? B HIS 32 ND1 
45 1 Y 1 B HIS 551 ? CD2 ? B HIS 32 CD2 
46 1 Y 1 B HIS 551 ? CE1 ? B HIS 32 CE1 
47 1 Y 1 B HIS 551 ? NE2 ? B HIS 32 NE2 
48 1 Y 1 B ARG 554 ? CG  ? B ARG 35 CG  
49 1 Y 1 B ARG 554 ? CD  ? B ARG 35 CD  
50 1 Y 1 B ARG 554 ? NE  ? B ARG 35 NE  
51 1 Y 1 B ARG 554 ? CZ  ? B ARG 35 CZ  
52 1 Y 1 B ARG 554 ? NH1 ? B ARG 35 NH1 
53 1 Y 1 B ARG 554 ? NH2 ? B ARG 35 NH2 
54 1 Y 1 B PRO 590 ? CG  ? B PRO 71 CG  
55 1 Y 1 B PRO 590 ? CD  ? B PRO 71 CD  
# 
loop_
_software.name 
_software.classification 
_software.version 
_software.citation_id 
_software.pdbx_ordinal 
ADSC     'data collection' Quantum ? 1 
SHELXS   phasing           .       ? 2 
CNS      refinement        1.2     ? 3 
HKL-2000 'data reduction'  .       ? 4 
HKL-2000 'data scaling'    .       ? 5 
# 
_cell.entry_id           3P1X 
_cell.length_a           107.572 
_cell.length_b           24.384 
_cell.length_c           71.626 
_cell.angle_alpha        90.00 
_cell.angle_beta         124.84 
_cell.angle_gamma        90.00 
_cell.Z_PDB              8 
_cell.pdbx_unique_axis   ? 
_cell.length_a_esd       ? 
_cell.length_b_esd       ? 
_cell.length_c_esd       ? 
_cell.angle_alpha_esd    ? 
_cell.angle_beta_esd     ? 
_cell.angle_gamma_esd    ? 
# 
_symmetry.entry_id                         3P1X 
_symmetry.space_group_name_H-M             'C 1 2 1' 
_symmetry.pdbx_full_space_group_name_H-M   ? 
_symmetry.cell_setting                     ? 
_symmetry.Int_Tables_number                5 
_symmetry.space_group_name_Hall            ? 
# 
_exptl.entry_id          3P1X 
_exptl.method            'X-RAY DIFFRACTION' 
_exptl.crystals_number   1 
# 
_exptl_crystal.id                    1 
_exptl_crystal.density_meas          ? 
_exptl_crystal.density_Matthews      2.32 
_exptl_crystal.density_percent_sol   47.05 
_exptl_crystal.description           ? 
_exptl_crystal.F_000                 ? 
_exptl_crystal.preparation           ? 
# 
_exptl_crystal_grow.crystal_id      1 
_exptl_crystal_grow.method          ? 
_exptl_crystal_grow.temp            277 
_exptl_crystal_grow.temp_details    ? 
_exptl_crystal_grow.pH              8 
_exptl_crystal_grow.pdbx_pH_range   ? 
_exptl_crystal_grow.pdbx_details    
'0.1M Sodium chloride, 0.1 M  Tris, pH (8, 24% (w/v) PEG 20K, microbatch under oil method, temperature 277K' 
# 
_diffrn.id                     1 
_diffrn.ambient_temp           100 
_diffrn.ambient_temp_details   ? 
_diffrn.crystal_id             1 
# 
_diffrn_detector.diffrn_id              1 
_diffrn_detector.detector               CCD 
_diffrn_detector.type                   'ADSC QUANTUM 4r' 
_diffrn_detector.pdbx_collection_date   2010-09-02 
_diffrn_detector.details                ? 
# 
_diffrn_radiation.diffrn_id                        1 
_diffrn_radiation.wavelength_id                    1 
_diffrn_radiation.pdbx_monochromatic_or_laue_m_l   M 
_diffrn_radiation.monochromator                    mirrors 
_diffrn_radiation.pdbx_diffrn_protocol             'SINGLE WAVELENGTH' 
_diffrn_radiation.pdbx_scattering_type             x-ray 
# 
_diffrn_radiation_wavelength.id           1 
_diffrn_radiation_wavelength.wavelength   0.979 
_diffrn_radiation_wavelength.wt           1.0 
# 
_diffrn_source.diffrn_id                   1 
_diffrn_source.source                      SYNCHROTRON 
_diffrn_source.type                        'NSLS BEAMLINE X4A' 
_diffrn_source.pdbx_synchrotron_site       NSLS 
_diffrn_source.pdbx_synchrotron_beamline   X4A 
_diffrn_source.pdbx_wavelength             ? 
_diffrn_source.pdbx_wavelength_list        0.979 
# 
_reflns.entry_id                     3P1X 
_reflns.observed_criterion_sigma_I   0 
_reflns.observed_criterion_sigma_F   0 
_reflns.d_resolution_low             50 
_reflns.d_resolution_high            2.3 
_reflns.number_obs                   12584 
_reflns.number_all                   12584 
_reflns.percent_possible_obs         94.0 
_reflns.pdbx_Rmerge_I_obs            0.036 
_reflns.pdbx_Rsym_value              0.039 
_reflns.pdbx_netI_over_sigmaI        33.9 
_reflns.B_iso_Wilson_estimate        16.6 
_reflns.pdbx_redundancy              2.1 
_reflns.R_free_details               ? 
_reflns.limit_h_max                  ? 
_reflns.limit_h_min                  ? 
_reflns.limit_k_max                  ? 
_reflns.limit_k_min                  ? 
_reflns.limit_l_max                  ? 
_reflns.limit_l_min                  ? 
_reflns.observed_criterion_F_max     ? 
_reflns.observed_criterion_F_min     ? 
_reflns.pdbx_chi_squared             ? 
_reflns.pdbx_scaling_rejects         ? 
_reflns.pdbx_ordinal                 1 
_reflns.pdbx_diffrn_id               1 
# 
_reflns_shell.d_res_high             2.30 
_reflns_shell.d_res_low              2.34 
_reflns_shell.percent_possible_all   92.1 
_reflns_shell.Rmerge_I_obs           0.064 
_reflns_shell.pdbx_Rsym_value        ? 
_reflns_shell.meanI_over_sigI_obs    ? 
_reflns_shell.pdbx_redundancy        2.0 
_reflns_shell.percent_possible_obs   ? 
_reflns_shell.number_unique_all      ? 
_reflns_shell.number_measured_all    ? 
_reflns_shell.number_measured_obs    ? 
_reflns_shell.number_unique_obs      ? 
_reflns_shell.pdbx_chi_squared       ? 
_reflns_shell.pdbx_ordinal           1 
_reflns_shell.pdbx_diffrn_id         1 
# 
_refine.pdbx_refine_id                           'X-RAY DIFFRACTION' 
_refine.entry_id                                 3P1X 
_refine.ls_number_reflns_obs                     22466 
_refine.ls_number_reflns_all                     ? 
_refine.pdbx_ls_sigma_I                          ? 
_refine.pdbx_ls_sigma_F                          2.0 
_refine.pdbx_data_cutoff_high_absF               241974.57 
_refine.pdbx_data_cutoff_low_absF                0.000000 
_refine.pdbx_data_cutoff_high_rms_absF           ? 
_refine.ls_d_res_low                             29.39 
_refine.ls_d_res_high                            1.90 
_refine.ls_percent_reflns_obs                    95.5 
_refine.ls_R_factor_obs                          0.213 
_refine.ls_R_factor_all                          ? 
_refine.ls_R_factor_R_work                       0.213 
_refine.ls_R_factor_R_free                       0.250 
_refine.ls_R_factor_R_free_error                 0.008 
_refine.ls_R_factor_R_free_error_details         ? 
_refine.ls_percent_reflns_R_free                 4.9 
_refine.ls_number_reflns_R_free                  1091 
_refine.ls_number_parameters                     ? 
_refine.ls_number_restraints                     ? 
_refine.occupancy_min                            ? 
_refine.occupancy_max                            ? 
_refine.correlation_coeff_Fo_to_Fc               ? 
_refine.correlation_coeff_Fo_to_Fc_free          ? 
_refine.B_iso_mean                               31.0 
_refine.aniso_B[1][1]                            -6.23 
_refine.aniso_B[2][2]                            11.33 
_refine.aniso_B[3][3]                            -5.09 
_refine.aniso_B[1][2]                            0.00 
_refine.aniso_B[1][3]                            -0.45 
_refine.aniso_B[2][3]                            0.00 
_refine.solvent_model_details                    'FLAT MODEL' 
_refine.solvent_model_param_ksol                 0.4 
_refine.solvent_model_param_bsol                 71.0575 
_refine.pdbx_solvent_vdw_probe_radii             ? 
_refine.pdbx_solvent_ion_probe_radii             ? 
_refine.pdbx_solvent_shrinkage_radii             ? 
_refine.pdbx_ls_cross_valid_method               THROUGHOUT 
_refine.details                                  'BULK SOLVENT MODEL USED' 
_refine.pdbx_starting_model                      ? 
_refine.pdbx_method_to_determine_struct          SAD 
_refine.pdbx_isotropic_thermal_model             RESTRAINED 
_refine.pdbx_stereochemistry_target_values       'Engh & Huber' 
_refine.pdbx_stereochem_target_val_spec_case     ? 
_refine.pdbx_R_Free_selection_details            RANDOM 
_refine.pdbx_overall_ESU_R_Free                  ? 
_refine.overall_SU_ML                            ? 
_refine.pdbx_overall_phase_error                 ? 
_refine.overall_SU_B                             ? 
_refine.overall_SU_R_Cruickshank_DPI             ? 
_refine.pdbx_overall_SU_R_free_Cruickshank_DPI   ? 
_refine.pdbx_overall_SU_R_Blow_DPI               ? 
_refine.pdbx_overall_SU_R_free_Blow_DPI          ? 
_refine.ls_redundancy_reflns_obs                 ? 
_refine.B_iso_min                                ? 
_refine.B_iso_max                                ? 
_refine.overall_SU_R_free                        ? 
_refine.ls_wR_factor_R_free                      ? 
_refine.ls_wR_factor_R_work                      ? 
_refine.overall_FOM_free_R_set                   ? 
_refine.overall_FOM_work_R_set                   ? 
_refine.pdbx_overall_ESU_R                       ? 
_refine.pdbx_diffrn_id                           1 
_refine.pdbx_TLS_residual_ADP_flag               ? 
# 
_refine_analyze.pdbx_refine_id                  'X-RAY DIFFRACTION' 
_refine_analyze.entry_id                        3P1X 
_refine_analyze.Luzzati_coordinate_error_obs    0.23 
_refine_analyze.Luzzati_sigma_a_obs             0.15 
_refine_analyze.Luzzati_d_res_low_obs           5.00 
_refine_analyze.Luzzati_coordinate_error_free   0.30 
_refine_analyze.Luzzati_sigma_a_free            0.23 
_refine_analyze.Luzzati_d_res_low_free          ? 
_refine_analyze.number_disordered_residues      ? 
_refine_analyze.occupancy_sum_hydrogen          ? 
_refine_analyze.occupancy_sum_non_hydrogen      ? 
_refine_analyze.pdbx_Luzzati_d_res_high_obs     ? 
# 
_refine_hist.pdbx_refine_id                   'X-RAY DIFFRACTION' 
_refine_hist.cycle_id                         LAST 
_refine_hist.pdbx_number_atoms_protein        998 
_refine_hist.pdbx_number_atoms_nucleic_acid   0 
_refine_hist.pdbx_number_atoms_ligand         0 
_refine_hist.number_atoms_solvent             199 
_refine_hist.number_atoms_total               1197 
_refine_hist.d_res_high                       1.90 
_refine_hist.d_res_low                        29.39 
# 
loop_
_refine_ls_restr.type 
_refine_ls_restr.dev_ideal 
_refine_ls_restr.dev_ideal_target 
_refine_ls_restr.weight 
_refine_ls_restr.number 
_refine_ls_restr.pdbx_refine_id 
_refine_ls_restr.pdbx_restraint_function 
c_bond_d                0.005 ? ? ? 'X-RAY DIFFRACTION' ? 
c_bond_d_na             ?     ? ? ? 'X-RAY DIFFRACTION' ? 
c_bond_d_prot           ?     ? ? ? 'X-RAY DIFFRACTION' ? 
c_angle_d               ?     ? ? ? 'X-RAY DIFFRACTION' ? 
c_angle_d_na            ?     ? ? ? 'X-RAY DIFFRACTION' ? 
c_angle_d_prot          ?     ? ? ? 'X-RAY DIFFRACTION' ? 
c_angle_deg             1.1   ? ? ? 'X-RAY DIFFRACTION' ? 
c_angle_deg_na          ?     ? ? ? 'X-RAY DIFFRACTION' ? 
c_angle_deg_prot        ?     ? ? ? 'X-RAY DIFFRACTION' ? 
c_dihedral_angle_d      22.8  ? ? ? 'X-RAY DIFFRACTION' ? 
c_dihedral_angle_d_na   ?     ? ? ? 'X-RAY DIFFRACTION' ? 
c_dihedral_angle_d_prot ?     ? ? ? 'X-RAY DIFFRACTION' ? 
c_improper_angle_d      0.73  ? ? ? 'X-RAY DIFFRACTION' ? 
c_improper_angle_d_na   ?     ? ? ? 'X-RAY DIFFRACTION' ? 
c_improper_angle_d_prot ?     ? ? ? 'X-RAY DIFFRACTION' ? 
c_mcbond_it             ?     ? ? ? 'X-RAY DIFFRACTION' ? 
c_mcangle_it            ?     ? ? ? 'X-RAY DIFFRACTION' ? 
c_scbond_it             ?     ? ? ? 'X-RAY DIFFRACTION' ? 
c_scangle_it            ?     ? ? ? 'X-RAY DIFFRACTION' ? 
# 
_refine_ls_restr_ncs.pdbx_refine_id      'X-RAY DIFFRACTION' 
_refine_ls_restr_ncs.dom_id              1 
_refine_ls_restr_ncs.ncs_model_details   NONE 
_refine_ls_restr_ncs.rms_dev_position    ? 
_refine_ls_restr_ncs.weight_position     ? 
_refine_ls_restr_ncs.rms_dev_B_iso       ? 
_refine_ls_restr_ncs.weight_B_iso        ? 
_refine_ls_restr_ncs.pdbx_ordinal        1 
_refine_ls_restr_ncs.pdbx_type           . 
_refine_ls_restr_ncs.pdbx_auth_asym_id   . 
_refine_ls_restr_ncs.pdbx_ens_id         1 
_refine_ls_restr_ncs.pdbx_number         ? 
_refine_ls_restr_ncs.pdbx_asym_id        ? 
_refine_ls_restr_ncs.pdbx_rms            ? 
_refine_ls_restr_ncs.pdbx_weight         ? 
# 
_refine_ls_shell.pdbx_refine_id                   'X-RAY DIFFRACTION' 
_refine_ls_shell.pdbx_total_number_of_bins_used   6 
_refine_ls_shell.d_res_high                       1.90 
_refine_ls_shell.d_res_low                        2.02 
_refine_ls_shell.number_reflns_R_work             3299 
_refine_ls_shell.R_factor_R_work                  0.234 
_refine_ls_shell.percent_reflns_obs               88.4 
_refine_ls_shell.R_factor_R_free                  0.308 
_refine_ls_shell.R_factor_R_free_error            0.024 
_refine_ls_shell.percent_reflns_R_free            4.8 
_refine_ls_shell.number_reflns_R_free             165 
_refine_ls_shell.number_reflns_all                ? 
_refine_ls_shell.R_factor_all                     ? 
_refine_ls_shell.redundancy_reflns_obs            ? 
_refine_ls_shell.number_reflns_obs                ? 
# 
loop_
_pdbx_xplor_file.pdbx_refine_id 
_pdbx_xplor_file.serial_no 
_pdbx_xplor_file.param_file 
_pdbx_xplor_file.topol_file 
'X-RAY DIFFRACTION' 1 protein_rep.param protein.top 
'X-RAY DIFFRACTION' 2 water_rep.param   water.top   
'X-RAY DIFFRACTION' 3 ion.param         ion.top     
# 
_struct_ncs_dom.id            1 
_struct_ncs_dom.details       ? 
_struct_ncs_dom.pdbx_ens_id   1 
# 
_struct_ncs_ens.id        1 
_struct_ncs_ens.details   ? 
# 
_struct.entry_id                  3P1X 
_struct.title                     
;Crystal structure of DRBM 2 domain of Interleukin enhancer-binding factor 3 from Homo sapiens, Northeast Structural Genomics Consortium Target HR4527E
;
_struct.pdbx_model_details        ? 
_struct.pdbx_CASP_flag            ? 
_struct.pdbx_model_type_details   ? 
# 
_struct_keywords.entry_id        3P1X 
_struct_keywords.pdbx_keywords   'Transcription regulator' 
_struct_keywords.text            
;Structural Genomics, PSI-Biology, Protein Structure Initiative, Northeast Structural Genomics Consortium, NESG, Transcription regulator
;
# 
loop_
_struct_asym.id 
_struct_asym.pdbx_blank_PDB_chainid_flag 
_struct_asym.pdbx_modified 
_struct_asym.entity_id 
_struct_asym.details 
A N N 1 ? 
B N N 1 ? 
C N N 2 ? 
D N N 2 ? 
# 
_struct_ref.id                         1 
_struct_ref.db_name                    UNP 
_struct_ref.db_code                    ILF3_HUMAN 
_struct_ref.pdbx_db_accession          Q12906 
_struct_ref.entity_id                  1 
_struct_ref.pdbx_seq_one_letter_code   ILTKHGKNPVMELNEKRRGLKYELISETGGSHDKRFVMEVEVDGQKFQGAGSNKKVAKAYAALAALEKLFPDTPL 
_struct_ref.pdbx_align_begin           520 
_struct_ref.pdbx_db_isoform            ? 
# 
loop_
_struct_ref_seq.align_id 
_struct_ref_seq.ref_id 
_struct_ref_seq.pdbx_PDB_id_code 
_struct_ref_seq.pdbx_strand_id 
_struct_ref_seq.seq_align_beg 
_struct_ref_seq.pdbx_seq_align_beg_ins_code 
_struct_ref_seq.seq_align_end 
_struct_ref_seq.pdbx_seq_align_end_ins_code 
_struct_ref_seq.pdbx_db_accession 
_struct_ref_seq.db_align_beg 
_struct_ref_seq.pdbx_db_align_beg_ins_code 
_struct_ref_seq.db_align_end 
_struct_ref_seq.pdbx_db_align_end_ins_code 
_struct_ref_seq.pdbx_auth_seq_align_beg 
_struct_ref_seq.pdbx_auth_seq_align_end 
1 1 3P1X A 1 ? 75 ? Q12906 520 ? 594 ? 520 594 
2 1 3P1X B 1 ? 75 ? Q12906 520 ? 594 ? 520 594 
# 
loop_
_pdbx_struct_assembly.id 
_pdbx_struct_assembly.details 
_pdbx_struct_assembly.method_details 
_pdbx_struct_assembly.oligomeric_details 
_pdbx_struct_assembly.oligomeric_count 
1 author_and_software_defined_assembly PISA monomeric 1 
2 author_and_software_defined_assembly PISA monomeric 1 
3 author_defined_assembly              ?    dimeric   2 
# 
loop_
_pdbx_struct_assembly_gen.assembly_id 
_pdbx_struct_assembly_gen.oper_expression 
_pdbx_struct_assembly_gen.asym_id_list 
1 1 A,C     
2 1 B,D     
3 1 A,B,C,D 
# 
_pdbx_struct_oper_list.id                   1 
_pdbx_struct_oper_list.type                 'identity operation' 
_pdbx_struct_oper_list.name                 1_555 
_pdbx_struct_oper_list.symmetry_operation   x,y,z 
_pdbx_struct_oper_list.matrix[1][1]         1.0000000000 
_pdbx_struct_oper_list.matrix[1][2]         0.0000000000 
_pdbx_struct_oper_list.matrix[1][3]         0.0000000000 
_pdbx_struct_oper_list.vector[1]            0.0000000000 
_pdbx_struct_oper_list.matrix[2][1]         0.0000000000 
_pdbx_struct_oper_list.matrix[2][2]         1.0000000000 
_pdbx_struct_oper_list.matrix[2][3]         0.0000000000 
_pdbx_struct_oper_list.vector[2]            0.0000000000 
_pdbx_struct_oper_list.matrix[3][1]         0.0000000000 
_pdbx_struct_oper_list.matrix[3][2]         0.0000000000 
_pdbx_struct_oper_list.matrix[3][3]         1.0000000000 
_pdbx_struct_oper_list.vector[3]            0.0000000000 
# 
_struct_biol.id        1 
_struct_biol.details   ? 
# 
loop_
_struct_conf.conf_type_id 
_struct_conf.id 
_struct_conf.pdbx_PDB_helix_id 
_struct_conf.beg_label_comp_id 
_struct_conf.beg_label_asym_id 
_struct_conf.beg_label_seq_id 
_struct_conf.pdbx_beg_PDB_ins_code 
_struct_conf.end_label_comp_id 
_struct_conf.end_label_asym_id 
_struct_conf.end_label_seq_id 
_struct_conf.pdbx_end_PDB_ins_code 
_struct_conf.beg_auth_comp_id 
_struct_conf.beg_auth_asym_id 
_struct_conf.beg_auth_seq_id 
_struct_conf.end_auth_comp_id 
_struct_conf.end_auth_asym_id 
_struct_conf.end_auth_seq_id 
_struct_conf.pdbx_PDB_helix_class 
_struct_conf.details 
_struct_conf.pdbx_PDB_helix_length 
HELX_P HELX_P1 1 ASN A 8  ? ARG A 17 ? ASN A 527 ARG A 536 1 ? 10 
HELX_P HELX_P2 2 ASN A 53 ? PHE A 70 ? ASN A 572 PHE A 589 1 ? 18 
HELX_P HELX_P3 3 ASN B 8  ? GLU B 15 ? ASN B 527 GLU B 534 1 ? 8  
HELX_P HELX_P4 4 ASN B 53 ? PHE B 70 ? ASN B 572 PHE B 589 1 ? 18 
# 
_struct_conf_type.id          HELX_P 
_struct_conf_type.criteria    ? 
_struct_conf_type.reference   ? 
# 
loop_
_struct_conn.id 
_struct_conn.conn_type_id 
_struct_conn.pdbx_leaving_atom_flag 
_struct_conn.pdbx_PDB_id 
_struct_conn.ptnr1_label_asym_id 
_struct_conn.ptnr1_label_comp_id 
_struct_conn.ptnr1_label_seq_id 
_struct_conn.ptnr1_label_atom_id 
_struct_conn.pdbx_ptnr1_label_alt_id 
_struct_conn.pdbx_ptnr1_PDB_ins_code 
_struct_conn.pdbx_ptnr1_standard_comp_id 
_struct_conn.ptnr1_symmetry 
_struct_conn.ptnr2_label_asym_id 
_struct_conn.ptnr2_label_comp_id 
_struct_conn.ptnr2_label_seq_id 
_struct_conn.ptnr2_label_atom_id 
_struct_conn.pdbx_ptnr2_label_alt_id 
_struct_conn.pdbx_ptnr2_PDB_ins_code 
_struct_conn.ptnr1_auth_asym_id 
_struct_conn.ptnr1_auth_comp_id 
_struct_conn.ptnr1_auth_seq_id 
_struct_conn.ptnr2_auth_asym_id 
_struct_conn.ptnr2_auth_comp_id 
_struct_conn.ptnr2_auth_seq_id 
_struct_conn.ptnr2_symmetry 
_struct_conn.pdbx_ptnr3_label_atom_id 
_struct_conn.pdbx_ptnr3_label_seq_id 
_struct_conn.pdbx_ptnr3_label_comp_id 
_struct_conn.pdbx_ptnr3_label_asym_id 
_struct_conn.pdbx_ptnr3_label_alt_id 
_struct_conn.pdbx_ptnr3_PDB_ins_code 
_struct_conn.details 
_struct_conn.pdbx_dist_value 
_struct_conn.pdbx_value_order 
_struct_conn.pdbx_role 
covale1 covale both ? A VAL 10 C ? ? ? 1_555 A MSE 11 N ? ? A VAL 529 A MSE 530 1_555 ? ? ? ? ? ? ? 1.331 ? ? 
covale2 covale both ? A MSE 11 C ? ? ? 1_555 A GLU 12 N ? ? A MSE 530 A GLU 531 1_555 ? ? ? ? ? ? ? 1.328 ? ? 
covale3 covale both ? A VAL 37 C ? ? ? 1_555 A MSE 38 N ? ? A VAL 556 A MSE 557 1_555 ? ? ? ? ? ? ? 1.328 ? ? 
covale4 covale both ? A MSE 38 C ? ? ? 1_555 A GLU 39 N ? ? A MSE 557 A GLU 558 1_555 ? ? ? ? ? ? ? 1.327 ? ? 
covale5 covale both ? B VAL 10 C ? ? ? 1_555 B MSE 11 N ? ? B VAL 529 B MSE 530 1_555 ? ? ? ? ? ? ? 1.329 ? ? 
covale6 covale both ? B MSE 11 C ? ? ? 1_555 B GLU 12 N ? ? B MSE 530 B GLU 531 1_555 ? ? ? ? ? ? ? 1.328 ? ? 
covale7 covale both ? B VAL 37 C ? ? ? 1_555 B MSE 38 N ? ? B VAL 556 B MSE 557 1_555 ? ? ? ? ? ? ? 1.330 ? ? 
covale8 covale both ? B MSE 38 C ? ? ? 1_555 B GLU 39 N ? ? B MSE 557 B GLU 558 1_555 ? ? ? ? ? ? ? 1.331 ? ? 
# 
_struct_conn_type.id          covale 
_struct_conn_type.criteria    ? 
_struct_conn_type.reference   ? 
# 
loop_
_pdbx_modification_feature.ordinal 
_pdbx_modification_feature.label_comp_id 
_pdbx_modification_feature.label_asym_id 
_pdbx_modification_feature.label_seq_id 
_pdbx_modification_feature.label_alt_id 
_pdbx_modification_feature.modified_residue_label_comp_id 
_pdbx_modification_feature.modified_residue_label_asym_id 
_pdbx_modification_feature.modified_residue_label_seq_id 
_pdbx_modification_feature.modified_residue_label_alt_id 
_pdbx_modification_feature.auth_comp_id 
_pdbx_modification_feature.auth_asym_id 
_pdbx_modification_feature.auth_seq_id 
_pdbx_modification_feature.PDB_ins_code 
_pdbx_modification_feature.symmetry 
_pdbx_modification_feature.modified_residue_auth_comp_id 
_pdbx_modification_feature.modified_residue_auth_asym_id 
_pdbx_modification_feature.modified_residue_auth_seq_id 
_pdbx_modification_feature.modified_residue_PDB_ins_code 
_pdbx_modification_feature.modified_residue_symmetry 
_pdbx_modification_feature.comp_id_linking_atom 
_pdbx_modification_feature.modified_residue_id_linking_atom 
_pdbx_modification_feature.modified_residue_id 
_pdbx_modification_feature.ref_pcm_id 
_pdbx_modification_feature.ref_comp_id 
_pdbx_modification_feature.type 
_pdbx_modification_feature.category 
1 MSE A 11 ? . . . . MSE A 530 ? 1_555 . . . . . . . MET 1 MSE Selenomethionine 'Named protein modification' 
2 MSE A 38 ? . . . . MSE A 557 ? 1_555 . . . . . . . MET 1 MSE Selenomethionine 'Named protein modification' 
3 MSE B 11 ? . . . . MSE B 530 ? 1_555 . . . . . . . MET 1 MSE Selenomethionine 'Named protein modification' 
4 MSE B 38 ? . . . . MSE B 557 ? 1_555 . . . . . . . MET 1 MSE Selenomethionine 'Named protein modification' 
# 
loop_
_struct_sheet.id 
_struct_sheet.type 
_struct_sheet.number_strands 
_struct_sheet.details 
A ? 3 ? 
B ? 3 ? 
# 
loop_
_struct_sheet_order.sheet_id 
_struct_sheet_order.range_id_1 
_struct_sheet_order.range_id_2 
_struct_sheet_order.offset 
_struct_sheet_order.sense 
A 1 2 ? anti-parallel 
A 2 3 ? anti-parallel 
B 1 2 ? anti-parallel 
B 2 3 ? anti-parallel 
# 
loop_
_struct_sheet_range.sheet_id 
_struct_sheet_range.id 
_struct_sheet_range.beg_label_comp_id 
_struct_sheet_range.beg_label_asym_id 
_struct_sheet_range.beg_label_seq_id 
_struct_sheet_range.pdbx_beg_PDB_ins_code 
_struct_sheet_range.end_label_comp_id 
_struct_sheet_range.end_label_asym_id 
_struct_sheet_range.end_label_seq_id 
_struct_sheet_range.pdbx_end_PDB_ins_code 
_struct_sheet_range.beg_auth_comp_id 
_struct_sheet_range.beg_auth_asym_id 
_struct_sheet_range.beg_auth_seq_id 
_struct_sheet_range.end_auth_comp_id 
_struct_sheet_range.end_auth_asym_id 
_struct_sheet_range.end_auth_seq_id 
A 1 TYR A 22 ? THR A 28 ? TYR A 541 THR A 547 
A 2 ARG A 35 ? VAL A 42 ? ARG A 554 VAL A 561 
A 3 GLN A 45 ? GLY A 51 ? GLN A 564 GLY A 570 
B 1 TYR B 22 ? THR B 28 ? TYR B 541 THR B 547 
B 2 ARG B 35 ? VAL B 42 ? ARG B 554 VAL B 561 
B 3 GLN B 45 ? GLY B 51 ? GLN B 564 GLY B 570 
# 
loop_
_pdbx_struct_sheet_hbond.sheet_id 
_pdbx_struct_sheet_hbond.range_id_1 
_pdbx_struct_sheet_hbond.range_id_2 
_pdbx_struct_sheet_hbond.range_1_label_atom_id 
_pdbx_struct_sheet_hbond.range_1_label_comp_id 
_pdbx_struct_sheet_hbond.range_1_label_asym_id 
_pdbx_struct_sheet_hbond.range_1_label_seq_id 
_pdbx_struct_sheet_hbond.range_1_PDB_ins_code 
_pdbx_struct_sheet_hbond.range_1_auth_atom_id 
_pdbx_struct_sheet_hbond.range_1_auth_comp_id 
_pdbx_struct_sheet_hbond.range_1_auth_asym_id 
_pdbx_struct_sheet_hbond.range_1_auth_seq_id 
_pdbx_struct_sheet_hbond.range_2_label_atom_id 
_pdbx_struct_sheet_hbond.range_2_label_comp_id 
_pdbx_struct_sheet_hbond.range_2_label_asym_id 
_pdbx_struct_sheet_hbond.range_2_label_seq_id 
_pdbx_struct_sheet_hbond.range_2_PDB_ins_code 
_pdbx_struct_sheet_hbond.range_2_auth_atom_id 
_pdbx_struct_sheet_hbond.range_2_auth_comp_id 
_pdbx_struct_sheet_hbond.range_2_auth_asym_id 
_pdbx_struct_sheet_hbond.range_2_auth_seq_id 
A 1 2 N GLU A 23 ? N GLU A 542 O GLU A 39 ? O GLU A 558 
A 2 3 N VAL A 42 ? N VAL A 561 O GLN A 45 ? O GLN A 564 
B 1 2 N GLU B 23 ? N GLU B 542 O GLU B 39 ? O GLU B 558 
B 2 3 N MSE B 38 ? N MSE B 557 O GLY B 49 ? O GLY B 568 
# 
_pdbx_entry_details.entry_id                   3P1X 
_pdbx_entry_details.compound_details           ? 
_pdbx_entry_details.source_details             ? 
_pdbx_entry_details.nonpolymer_details         ? 
_pdbx_entry_details.sequence_details           ? 
_pdbx_entry_details.has_ligand_of_interest     ? 
_pdbx_entry_details.has_protein_modification   Y 
# 
loop_
_pdbx_validate_torsion.id 
_pdbx_validate_torsion.PDB_model_num 
_pdbx_validate_torsion.auth_comp_id 
_pdbx_validate_torsion.auth_asym_id 
_pdbx_validate_torsion.auth_seq_id 
_pdbx_validate_torsion.PDB_ins_code 
_pdbx_validate_torsion.label_alt_id 
_pdbx_validate_torsion.phi 
_pdbx_validate_torsion.psi 
1 1 LYS A 526 ? ? 178.59  -34.06 
2 1 SER A 550 ? ? -63.72  4.75   
3 1 ASP A 552 ? ? -157.88 33.93  
4 1 ASN B 527 ? ? 55.04   89.67  
5 1 ASP B 552 ? ? -165.51 40.29  
# 
_pdbx_SG_project.id                    1 
_pdbx_SG_project.project_name          PSI:Biology 
_pdbx_SG_project.full_name_of_center   'Northeast Structural Genomics Consortium' 
_pdbx_SG_project.initial_of_center     NESG 
# 
loop_
_pdbx_struct_mod_residue.id 
_pdbx_struct_mod_residue.label_asym_id 
_pdbx_struct_mod_residue.label_comp_id 
_pdbx_struct_mod_residue.label_seq_id 
_pdbx_struct_mod_residue.auth_asym_id 
_pdbx_struct_mod_residue.auth_comp_id 
_pdbx_struct_mod_residue.auth_seq_id 
_pdbx_struct_mod_residue.PDB_ins_code 
_pdbx_struct_mod_residue.parent_comp_id 
_pdbx_struct_mod_residue.details 
1 A MSE 11 A MSE 530 ? MET SELENOMETHIONINE 
2 A MSE 38 A MSE 557 ? MET SELENOMETHIONINE 
3 B MSE 11 B MSE 530 ? MET SELENOMETHIONINE 
4 B MSE 38 B MSE 557 ? MET SELENOMETHIONINE 
# 
loop_
_pdbx_unobs_or_zero_occ_residues.id 
_pdbx_unobs_or_zero_occ_residues.PDB_model_num 
_pdbx_unobs_or_zero_occ_residues.polymer_flag 
_pdbx_unobs_or_zero_occ_residues.occupancy_flag 
_pdbx_unobs_or_zero_occ_residues.auth_asym_id 
_pdbx_unobs_or_zero_occ_residues.auth_comp_id 
_pdbx_unobs_or_zero_occ_residues.auth_seq_id 
_pdbx_unobs_or_zero_occ_residues.PDB_ins_code 
_pdbx_unobs_or_zero_occ_residues.label_asym_id 
_pdbx_unobs_or_zero_occ_residues.label_comp_id 
_pdbx_unobs_or_zero_occ_residues.label_seq_id 
1  1 Y 1 A ILE 520 ? A ILE 1  
2  1 Y 1 A LEU 521 ? A LEU 2  
3  1 Y 1 A THR 522 ? A THR 3  
4  1 Y 1 A LYS 523 ? A LYS 4  
5  1 Y 1 A HIS 524 ? A HIS 5  
6  1 Y 1 B ILE 520 ? B ILE 1  
7  1 Y 1 B LEU 521 ? B LEU 2  
8  1 Y 1 B THR 522 ? B THR 3  
9  1 Y 1 B LYS 523 ? B LYS 4  
10 1 Y 1 B HIS 524 ? B HIS 5  
11 1 Y 1 B ASP 591 ? B ASP 72 
12 1 Y 1 B THR 592 ? B THR 73 
13 1 Y 1 B PRO 593 ? B PRO 74 
14 1 Y 1 B LEU 594 ? B LEU 75 
# 
loop_
_chem_comp_atom.comp_id 
_chem_comp_atom.atom_id 
_chem_comp_atom.type_symbol 
_chem_comp_atom.pdbx_aromatic_flag 
_chem_comp_atom.pdbx_stereo_config 
_chem_comp_atom.pdbx_ordinal 
ALA N    N  N N 1   
ALA CA   C  N S 2   
ALA C    C  N N 3   
ALA O    O  N N 4   
ALA CB   C  N N 5   
ALA OXT  O  N N 6   
ALA H    H  N N 7   
ALA H2   H  N N 8   
ALA HA   H  N N 9   
ALA HB1  H  N N 10  
ALA HB2  H  N N 11  
ALA HB3  H  N N 12  
ALA HXT  H  N N 13  
ARG N    N  N N 14  
ARG CA   C  N S 15  
ARG C    C  N N 16  
ARG O    O  N N 17  
ARG CB   C  N N 18  
ARG CG   C  N N 19  
ARG CD   C  N N 20  
ARG NE   N  N N 21  
ARG CZ   C  N N 22  
ARG NH1  N  N N 23  
ARG NH2  N  N N 24  
ARG OXT  O  N N 25  
ARG H    H  N N 26  
ARG H2   H  N N 27  
ARG HA   H  N N 28  
ARG HB2  H  N N 29  
ARG HB3  H  N N 30  
ARG HG2  H  N N 31  
ARG HG3  H  N N 32  
ARG HD2  H  N N 33  
ARG HD3  H  N N 34  
ARG HE   H  N N 35  
ARG HH11 H  N N 36  
ARG HH12 H  N N 37  
ARG HH21 H  N N 38  
ARG HH22 H  N N 39  
ARG HXT  H  N N 40  
ASN N    N  N N 41  
ASN CA   C  N S 42  
ASN C    C  N N 43  
ASN O    O  N N 44  
ASN CB   C  N N 45  
ASN CG   C  N N 46  
ASN OD1  O  N N 47  
ASN ND2  N  N N 48  
ASN OXT  O  N N 49  
ASN H    H  N N 50  
ASN H2   H  N N 51  
ASN HA   H  N N 52  
ASN HB2  H  N N 53  
ASN HB3  H  N N 54  
ASN HD21 H  N N 55  
ASN HD22 H  N N 56  
ASN HXT  H  N N 57  
ASP N    N  N N 58  
ASP CA   C  N S 59  
ASP C    C  N N 60  
ASP O    O  N N 61  
ASP CB   C  N N 62  
ASP CG   C  N N 63  
ASP OD1  O  N N 64  
ASP OD2  O  N N 65  
ASP OXT  O  N N 66  
ASP H    H  N N 67  
ASP H2   H  N N 68  
ASP HA   H  N N 69  
ASP HB2  H  N N 70  
ASP HB3  H  N N 71  
ASP HD2  H  N N 72  
ASP HXT  H  N N 73  
GLN N    N  N N 74  
GLN CA   C  N S 75  
GLN C    C  N N 76  
GLN O    O  N N 77  
GLN CB   C  N N 78  
GLN CG   C  N N 79  
GLN CD   C  N N 80  
GLN OE1  O  N N 81  
GLN NE2  N  N N 82  
GLN OXT  O  N N 83  
GLN H    H  N N 84  
GLN H2   H  N N 85  
GLN HA   H  N N 86  
GLN HB2  H  N N 87  
GLN HB3  H  N N 88  
GLN HG2  H  N N 89  
GLN HG3  H  N N 90  
GLN HE21 H  N N 91  
GLN HE22 H  N N 92  
GLN HXT  H  N N 93  
GLU N    N  N N 94  
GLU CA   C  N S 95  
GLU C    C  N N 96  
GLU O    O  N N 97  
GLU CB   C  N N 98  
GLU CG   C  N N 99  
GLU CD   C  N N 100 
GLU OE1  O  N N 101 
GLU OE2  O  N N 102 
GLU OXT  O  N N 103 
GLU H    H  N N 104 
GLU H2   H  N N 105 
GLU HA   H  N N 106 
GLU HB2  H  N N 107 
GLU HB3  H  N N 108 
GLU HG2  H  N N 109 
GLU HG3  H  N N 110 
GLU HE2  H  N N 111 
GLU HXT  H  N N 112 
GLY N    N  N N 113 
GLY CA   C  N N 114 
GLY C    C  N N 115 
GLY O    O  N N 116 
GLY OXT  O  N N 117 
GLY H    H  N N 118 
GLY H2   H  N N 119 
GLY HA2  H  N N 120 
GLY HA3  H  N N 121 
GLY HXT  H  N N 122 
HIS N    N  N N 123 
HIS CA   C  N S 124 
HIS C    C  N N 125 
HIS O    O  N N 126 
HIS CB   C  N N 127 
HIS CG   C  Y N 128 
HIS ND1  N  Y N 129 
HIS CD2  C  Y N 130 
HIS CE1  C  Y N 131 
HIS NE2  N  Y N 132 
HIS OXT  O  N N 133 
HIS H    H  N N 134 
HIS H2   H  N N 135 
HIS HA   H  N N 136 
HIS HB2  H  N N 137 
HIS HB3  H  N N 138 
HIS HD1  H  N N 139 
HIS HD2  H  N N 140 
HIS HE1  H  N N 141 
HIS HE2  H  N N 142 
HIS HXT  H  N N 143 
HOH O    O  N N 144 
HOH H1   H  N N 145 
HOH H2   H  N N 146 
ILE N    N  N N 147 
ILE CA   C  N S 148 
ILE C    C  N N 149 
ILE O    O  N N 150 
ILE CB   C  N S 151 
ILE CG1  C  N N 152 
ILE CG2  C  N N 153 
ILE CD1  C  N N 154 
ILE OXT  O  N N 155 
ILE H    H  N N 156 
ILE H2   H  N N 157 
ILE HA   H  N N 158 
ILE HB   H  N N 159 
ILE HG12 H  N N 160 
ILE HG13 H  N N 161 
ILE HG21 H  N N 162 
ILE HG22 H  N N 163 
ILE HG23 H  N N 164 
ILE HD11 H  N N 165 
ILE HD12 H  N N 166 
ILE HD13 H  N N 167 
ILE HXT  H  N N 168 
LEU N    N  N N 169 
LEU CA   C  N S 170 
LEU C    C  N N 171 
LEU O    O  N N 172 
LEU CB   C  N N 173 
LEU CG   C  N N 174 
LEU CD1  C  N N 175 
LEU CD2  C  N N 176 
LEU OXT  O  N N 177 
LEU H    H  N N 178 
LEU H2   H  N N 179 
LEU HA   H  N N 180 
LEU HB2  H  N N 181 
LEU HB3  H  N N 182 
LEU HG   H  N N 183 
LEU HD11 H  N N 184 
LEU HD12 H  N N 185 
LEU HD13 H  N N 186 
LEU HD21 H  N N 187 
LEU HD22 H  N N 188 
LEU HD23 H  N N 189 
LEU HXT  H  N N 190 
LYS N    N  N N 191 
LYS CA   C  N S 192 
LYS C    C  N N 193 
LYS O    O  N N 194 
LYS CB   C  N N 195 
LYS CG   C  N N 196 
LYS CD   C  N N 197 
LYS CE   C  N N 198 
LYS NZ   N  N N 199 
LYS OXT  O  N N 200 
LYS H    H  N N 201 
LYS H2   H  N N 202 
LYS HA   H  N N 203 
LYS HB2  H  N N 204 
LYS HB3  H  N N 205 
LYS HG2  H  N N 206 
LYS HG3  H  N N 207 
LYS HD2  H  N N 208 
LYS HD3  H  N N 209 
LYS HE2  H  N N 210 
LYS HE3  H  N N 211 
LYS HZ1  H  N N 212 
LYS HZ2  H  N N 213 
LYS HZ3  H  N N 214 
LYS HXT  H  N N 215 
MSE N    N  N N 216 
MSE CA   C  N S 217 
MSE C    C  N N 218 
MSE O    O  N N 219 
MSE OXT  O  N N 220 
MSE CB   C  N N 221 
MSE CG   C  N N 222 
MSE SE   SE N N 223 
MSE CE   C  N N 224 
MSE H    H  N N 225 
MSE H2   H  N N 226 
MSE HA   H  N N 227 
MSE HXT  H  N N 228 
MSE HB2  H  N N 229 
MSE HB3  H  N N 230 
MSE HG2  H  N N 231 
MSE HG3  H  N N 232 
MSE HE1  H  N N 233 
MSE HE2  H  N N 234 
MSE HE3  H  N N 235 
PHE N    N  N N 236 
PHE CA   C  N S 237 
PHE C    C  N N 238 
PHE O    O  N N 239 
PHE CB   C  N N 240 
PHE CG   C  Y N 241 
PHE CD1  C  Y N 242 
PHE CD2  C  Y N 243 
PHE CE1  C  Y N 244 
PHE CE2  C  Y N 245 
PHE CZ   C  Y N 246 
PHE OXT  O  N N 247 
PHE H    H  N N 248 
PHE H2   H  N N 249 
PHE HA   H  N N 250 
PHE HB2  H  N N 251 
PHE HB3  H  N N 252 
PHE HD1  H  N N 253 
PHE HD2  H  N N 254 
PHE HE1  H  N N 255 
PHE HE2  H  N N 256 
PHE HZ   H  N N 257 
PHE HXT  H  N N 258 
PRO N    N  N N 259 
PRO CA   C  N S 260 
PRO C    C  N N 261 
PRO O    O  N N 262 
PRO CB   C  N N 263 
PRO CG   C  N N 264 
PRO CD   C  N N 265 
PRO OXT  O  N N 266 
PRO H    H  N N 267 
PRO HA   H  N N 268 
PRO HB2  H  N N 269 
PRO HB3  H  N N 270 
PRO HG2  H  N N 271 
PRO HG3  H  N N 272 
PRO HD2  H  N N 273 
PRO HD3  H  N N 274 
PRO HXT  H  N N 275 
SER N    N  N N 276 
SER CA   C  N S 277 
SER C    C  N N 278 
SER O    O  N N 279 
SER CB   C  N N 280 
SER OG   O  N N 281 
SER OXT  O  N N 282 
SER H    H  N N 283 
SER H2   H  N N 284 
SER HA   H  N N 285 
SER HB2  H  N N 286 
SER HB3  H  N N 287 
SER HG   H  N N 288 
SER HXT  H  N N 289 
THR N    N  N N 290 
THR CA   C  N S 291 
THR C    C  N N 292 
THR O    O  N N 293 
THR CB   C  N R 294 
THR OG1  O  N N 295 
THR CG2  C  N N 296 
THR OXT  O  N N 297 
THR H    H  N N 298 
THR H2   H  N N 299 
THR HA   H  N N 300 
THR HB   H  N N 301 
THR HG1  H  N N 302 
THR HG21 H  N N 303 
THR HG22 H  N N 304 
THR HG23 H  N N 305 
THR HXT  H  N N 306 
TYR N    N  N N 307 
TYR CA   C  N S 308 
TYR C    C  N N 309 
TYR O    O  N N 310 
TYR CB   C  N N 311 
TYR CG   C  Y N 312 
TYR CD1  C  Y N 313 
TYR CD2  C  Y N 314 
TYR CE1  C  Y N 315 
TYR CE2  C  Y N 316 
TYR CZ   C  Y N 317 
TYR OH   O  N N 318 
TYR OXT  O  N N 319 
TYR H    H  N N 320 
TYR H2   H  N N 321 
TYR HA   H  N N 322 
TYR HB2  H  N N 323 
TYR HB3  H  N N 324 
TYR HD1  H  N N 325 
TYR HD2  H  N N 326 
TYR HE1  H  N N 327 
TYR HE2  H  N N 328 
TYR HH   H  N N 329 
TYR HXT  H  N N 330 
VAL N    N  N N 331 
VAL CA   C  N S 332 
VAL C    C  N N 333 
VAL O    O  N N 334 
VAL CB   C  N N 335 
VAL CG1  C  N N 336 
VAL CG2  C  N N 337 
VAL OXT  O  N N 338 
VAL H    H  N N 339 
VAL H2   H  N N 340 
VAL HA   H  N N 341 
VAL HB   H  N N 342 
VAL HG11 H  N N 343 
VAL HG12 H  N N 344 
VAL HG13 H  N N 345 
VAL HG21 H  N N 346 
VAL HG22 H  N N 347 
VAL HG23 H  N N 348 
VAL HXT  H  N N 349 
# 
loop_
_chem_comp_bond.comp_id 
_chem_comp_bond.atom_id_1 
_chem_comp_bond.atom_id_2 
_chem_comp_bond.value_order 
_chem_comp_bond.pdbx_aromatic_flag 
_chem_comp_bond.pdbx_stereo_config 
_chem_comp_bond.pdbx_ordinal 
ALA N   CA   sing N N 1   
ALA N   H    sing N N 2   
ALA N   H2   sing N N 3   
ALA CA  C    sing N N 4   
ALA CA  CB   sing N N 5   
ALA CA  HA   sing N N 6   
ALA C   O    doub N N 7   
ALA C   OXT  sing N N 8   
ALA CB  HB1  sing N N 9   
ALA CB  HB2  sing N N 10  
ALA CB  HB3  sing N N 11  
ALA OXT HXT  sing N N 12  
ARG N   CA   sing N N 13  
ARG N   H    sing N N 14  
ARG N   H2   sing N N 15  
ARG CA  C    sing N N 16  
ARG CA  CB   sing N N 17  
ARG CA  HA   sing N N 18  
ARG C   O    doub N N 19  
ARG C   OXT  sing N N 20  
ARG CB  CG   sing N N 21  
ARG CB  HB2  sing N N 22  
ARG CB  HB3  sing N N 23  
ARG CG  CD   sing N N 24  
ARG CG  HG2  sing N N 25  
ARG CG  HG3  sing N N 26  
ARG CD  NE   sing N N 27  
ARG CD  HD2  sing N N 28  
ARG CD  HD3  sing N N 29  
ARG NE  CZ   sing N N 30  
ARG NE  HE   sing N N 31  
ARG CZ  NH1  sing N N 32  
ARG CZ  NH2  doub N N 33  
ARG NH1 HH11 sing N N 34  
ARG NH1 HH12 sing N N 35  
ARG NH2 HH21 sing N N 36  
ARG NH2 HH22 sing N N 37  
ARG OXT HXT  sing N N 38  
ASN N   CA   sing N N 39  
ASN N   H    sing N N 40  
ASN N   H2   sing N N 41  
ASN CA  C    sing N N 42  
ASN CA  CB   sing N N 43  
ASN CA  HA   sing N N 44  
ASN C   O    doub N N 45  
ASN C   OXT  sing N N 46  
ASN CB  CG   sing N N 47  
ASN CB  HB2  sing N N 48  
ASN CB  HB3  sing N N 49  
ASN CG  OD1  doub N N 50  
ASN CG  ND2  sing N N 51  
ASN ND2 HD21 sing N N 52  
ASN ND2 HD22 sing N N 53  
ASN OXT HXT  sing N N 54  
ASP N   CA   sing N N 55  
ASP N   H    sing N N 56  
ASP N   H2   sing N N 57  
ASP CA  C    sing N N 58  
ASP CA  CB   sing N N 59  
ASP CA  HA   sing N N 60  
ASP C   O    doub N N 61  
ASP C   OXT  sing N N 62  
ASP CB  CG   sing N N 63  
ASP CB  HB2  sing N N 64  
ASP CB  HB3  sing N N 65  
ASP CG  OD1  doub N N 66  
ASP CG  OD2  sing N N 67  
ASP OD2 HD2  sing N N 68  
ASP OXT HXT  sing N N 69  
GLN N   CA   sing N N 70  
GLN N   H    sing N N 71  
GLN N   H2   sing N N 72  
GLN CA  C    sing N N 73  
GLN CA  CB   sing N N 74  
GLN CA  HA   sing N N 75  
GLN C   O    doub N N 76  
GLN C   OXT  sing N N 77  
GLN CB  CG   sing N N 78  
GLN CB  HB2  sing N N 79  
GLN CB  HB3  sing N N 80  
GLN CG  CD   sing N N 81  
GLN CG  HG2  sing N N 82  
GLN CG  HG3  sing N N 83  
GLN CD  OE1  doub N N 84  
GLN CD  NE2  sing N N 85  
GLN NE2 HE21 sing N N 86  
GLN NE2 HE22 sing N N 87  
GLN OXT HXT  sing N N 88  
GLU N   CA   sing N N 89  
GLU N   H    sing N N 90  
GLU N   H2   sing N N 91  
GLU CA  C    sing N N 92  
GLU CA  CB   sing N N 93  
GLU CA  HA   sing N N 94  
GLU C   O    doub N N 95  
GLU C   OXT  sing N N 96  
GLU CB  CG   sing N N 97  
GLU CB  HB2  sing N N 98  
GLU CB  HB3  sing N N 99  
GLU CG  CD   sing N N 100 
GLU CG  HG2  sing N N 101 
GLU CG  HG3  sing N N 102 
GLU CD  OE1  doub N N 103 
GLU CD  OE2  sing N N 104 
GLU OE2 HE2  sing N N 105 
GLU OXT HXT  sing N N 106 
GLY N   CA   sing N N 107 
GLY N   H    sing N N 108 
GLY N   H2   sing N N 109 
GLY CA  C    sing N N 110 
GLY CA  HA2  sing N N 111 
GLY CA  HA3  sing N N 112 
GLY C   O    doub N N 113 
GLY C   OXT  sing N N 114 
GLY OXT HXT  sing N N 115 
HIS N   CA   sing N N 116 
HIS N   H    sing N N 117 
HIS N   H2   sing N N 118 
HIS CA  C    sing N N 119 
HIS CA  CB   sing N N 120 
HIS CA  HA   sing N N 121 
HIS C   O    doub N N 122 
HIS C   OXT  sing N N 123 
HIS CB  CG   sing N N 124 
HIS CB  HB2  sing N N 125 
HIS CB  HB3  sing N N 126 
HIS CG  ND1  sing Y N 127 
HIS CG  CD2  doub Y N 128 
HIS ND1 CE1  doub Y N 129 
HIS ND1 HD1  sing N N 130 
HIS CD2 NE2  sing Y N 131 
HIS CD2 HD2  sing N N 132 
HIS CE1 NE2  sing Y N 133 
HIS CE1 HE1  sing N N 134 
HIS NE2 HE2  sing N N 135 
HIS OXT HXT  sing N N 136 
HOH O   H1   sing N N 137 
HOH O   H2   sing N N 138 
ILE N   CA   sing N N 139 
ILE N   H    sing N N 140 
ILE N   H2   sing N N 141 
ILE CA  C    sing N N 142 
ILE CA  CB   sing N N 143 
ILE CA  HA   sing N N 144 
ILE C   O    doub N N 145 
ILE C   OXT  sing N N 146 
ILE CB  CG1  sing N N 147 
ILE CB  CG2  sing N N 148 
ILE CB  HB   sing N N 149 
ILE CG1 CD1  sing N N 150 
ILE CG1 HG12 sing N N 151 
ILE CG1 HG13 sing N N 152 
ILE CG2 HG21 sing N N 153 
ILE CG2 HG22 sing N N 154 
ILE CG2 HG23 sing N N 155 
ILE CD1 HD11 sing N N 156 
ILE CD1 HD12 sing N N 157 
ILE CD1 HD13 sing N N 158 
ILE OXT HXT  sing N N 159 
LEU N   CA   sing N N 160 
LEU N   H    sing N N 161 
LEU N   H2   sing N N 162 
LEU CA  C    sing N N 163 
LEU CA  CB   sing N N 164 
LEU CA  HA   sing N N 165 
LEU C   O    doub N N 166 
LEU C   OXT  sing N N 167 
LEU CB  CG   sing N N 168 
LEU CB  HB2  sing N N 169 
LEU CB  HB3  sing N N 170 
LEU CG  CD1  sing N N 171 
LEU CG  CD2  sing N N 172 
LEU CG  HG   sing N N 173 
LEU CD1 HD11 sing N N 174 
LEU CD1 HD12 sing N N 175 
LEU CD1 HD13 sing N N 176 
LEU CD2 HD21 sing N N 177 
LEU CD2 HD22 sing N N 178 
LEU CD2 HD23 sing N N 179 
LEU OXT HXT  sing N N 180 
LYS N   CA   sing N N 181 
LYS N   H    sing N N 182 
LYS N   H2   sing N N 183 
LYS CA  C    sing N N 184 
LYS CA  CB   sing N N 185 
LYS CA  HA   sing N N 186 
LYS C   O    doub N N 187 
LYS C   OXT  sing N N 188 
LYS CB  CG   sing N N 189 
LYS CB  HB2  sing N N 190 
LYS CB  HB3  sing N N 191 
LYS CG  CD   sing N N 192 
LYS CG  HG2  sing N N 193 
LYS CG  HG3  sing N N 194 
LYS CD  CE   sing N N 195 
LYS CD  HD2  sing N N 196 
LYS CD  HD3  sing N N 197 
LYS CE  NZ   sing N N 198 
LYS CE  HE2  sing N N 199 
LYS CE  HE3  sing N N 200 
LYS NZ  HZ1  sing N N 201 
LYS NZ  HZ2  sing N N 202 
LYS NZ  HZ3  sing N N 203 
LYS OXT HXT  sing N N 204 
MSE N   CA   sing N N 205 
MSE N   H    sing N N 206 
MSE N   H2   sing N N 207 
MSE CA  C    sing N N 208 
MSE CA  CB   sing N N 209 
MSE CA  HA   sing N N 210 
MSE C   O    doub N N 211 
MSE C   OXT  sing N N 212 
MSE OXT HXT  sing N N 213 
MSE CB  CG   sing N N 214 
MSE CB  HB2  sing N N 215 
MSE CB  HB3  sing N N 216 
MSE CG  SE   sing N N 217 
MSE CG  HG2  sing N N 218 
MSE CG  HG3  sing N N 219 
MSE SE  CE   sing N N 220 
MSE CE  HE1  sing N N 221 
MSE CE  HE2  sing N N 222 
MSE CE  HE3  sing N N 223 
PHE N   CA   sing N N 224 
PHE N   H    sing N N 225 
PHE N   H2   sing N N 226 
PHE CA  C    sing N N 227 
PHE CA  CB   sing N N 228 
PHE CA  HA   sing N N 229 
PHE C   O    doub N N 230 
PHE C   OXT  sing N N 231 
PHE CB  CG   sing N N 232 
PHE CB  HB2  sing N N 233 
PHE CB  HB3  sing N N 234 
PHE CG  CD1  doub Y N 235 
PHE CG  CD2  sing Y N 236 
PHE CD1 CE1  sing Y N 237 
PHE CD1 HD1  sing N N 238 
PHE CD2 CE2  doub Y N 239 
PHE CD2 HD2  sing N N 240 
PHE CE1 CZ   doub Y N 241 
PHE CE1 HE1  sing N N 242 
PHE CE2 CZ   sing Y N 243 
PHE CE2 HE2  sing N N 244 
PHE CZ  HZ   sing N N 245 
PHE OXT HXT  sing N N 246 
PRO N   CA   sing N N 247 
PRO N   CD   sing N N 248 
PRO N   H    sing N N 249 
PRO CA  C    sing N N 250 
PRO CA  CB   sing N N 251 
PRO CA  HA   sing N N 252 
PRO C   O    doub N N 253 
PRO C   OXT  sing N N 254 
PRO CB  CG   sing N N 255 
PRO CB  HB2  sing N N 256 
PRO CB  HB3  sing N N 257 
PRO CG  CD   sing N N 258 
PRO CG  HG2  sing N N 259 
PRO CG  HG3  sing N N 260 
PRO CD  HD2  sing N N 261 
PRO CD  HD3  sing N N 262 
PRO OXT HXT  sing N N 263 
SER N   CA   sing N N 264 
SER N   H    sing N N 265 
SER N   H2   sing N N 266 
SER CA  C    sing N N 267 
SER CA  CB   sing N N 268 
SER CA  HA   sing N N 269 
SER C   O    doub N N 270 
SER C   OXT  sing N N 271 
SER CB  OG   sing N N 272 
SER CB  HB2  sing N N 273 
SER CB  HB3  sing N N 274 
SER OG  HG   sing N N 275 
SER OXT HXT  sing N N 276 
THR N   CA   sing N N 277 
THR N   H    sing N N 278 
THR N   H2   sing N N 279 
THR CA  C    sing N N 280 
THR CA  CB   sing N N 281 
THR CA  HA   sing N N 282 
THR C   O    doub N N 283 
THR C   OXT  sing N N 284 
THR CB  OG1  sing N N 285 
THR CB  CG2  sing N N 286 
THR CB  HB   sing N N 287 
THR OG1 HG1  sing N N 288 
THR CG2 HG21 sing N N 289 
THR CG2 HG22 sing N N 290 
THR CG2 HG23 sing N N 291 
THR OXT HXT  sing N N 292 
TYR N   CA   sing N N 293 
TYR N   H    sing N N 294 
TYR N   H2   sing N N 295 
TYR CA  C    sing N N 296 
TYR CA  CB   sing N N 297 
TYR CA  HA   sing N N 298 
TYR C   O    doub N N 299 
TYR C   OXT  sing N N 300 
TYR CB  CG   sing N N 301 
TYR CB  HB2  sing N N 302 
TYR CB  HB3  sing N N 303 
TYR CG  CD1  doub Y N 304 
TYR CG  CD2  sing Y N 305 
TYR CD1 CE1  sing Y N 306 
TYR CD1 HD1  sing N N 307 
TYR CD2 CE2  doub Y N 308 
TYR CD2 HD2  sing N N 309 
TYR CE1 CZ   doub Y N 310 
TYR CE1 HE1  sing N N 311 
TYR CE2 CZ   sing Y N 312 
TYR CE2 HE2  sing N N 313 
TYR CZ  OH   sing N N 314 
TYR OH  HH   sing N N 315 
TYR OXT HXT  sing N N 316 
VAL N   CA   sing N N 317 
VAL N   H    sing N N 318 
VAL N   H2   sing N N 319 
VAL CA  C    sing N N 320 
VAL CA  CB   sing N N 321 
VAL CA  HA   sing N N 322 
VAL C   O    doub N N 323 
VAL C   OXT  sing N N 324 
VAL CB  CG1  sing N N 325 
VAL CB  CG2  sing N N 326 
VAL CB  HB   sing N N 327 
VAL CG1 HG11 sing N N 328 
VAL CG1 HG12 sing N N 329 
VAL CG1 HG13 sing N N 330 
VAL CG2 HG21 sing N N 331 
VAL CG2 HG22 sing N N 332 
VAL CG2 HG23 sing N N 333 
VAL OXT HXT  sing N N 334 
# 
_atom_sites.entry_id                    3P1X 
_atom_sites.fract_transf_matrix[1][1]   -0.00330278 
_atom_sites.fract_transf_matrix[1][2]   -0.00940661 
_atom_sites.fract_transf_matrix[1][3]   0.00537558 
_atom_sites.fract_transf_matrix[2][1]   0.03511431 
_atom_sites.fract_transf_matrix[2][2]   -0.00022319 
_atom_sites.fract_transf_matrix[2][3]   0.02118386 
_atom_sites.fract_transf_matrix[3][1]   -0.00878727 
_atom_sites.fract_transf_matrix[3][2]   -0.00029480 
_atom_sites.fract_transf_matrix[3][3]   0.01456266 
_atom_sites.fract_transf_vector[1]      -0.003395 
_atom_sites.fract_transf_vector[2]      0.812599 
_atom_sites.fract_transf_vector[3]      0.214627 
# 
loop_
_atom_type.symbol 
C  
N  
O  
SE 
# 
loop_
_atom_site.group_PDB 
_atom_site.id 
_atom_site.type_symbol 
_atom_site.label_atom_id 
_atom_site.label_alt_id 
_atom_site.label_comp_id 
_atom_site.label_asym_id 
_atom_site.label_entity_id 
_atom_site.label_seq_id 
_atom_site.pdbx_PDB_ins_code 
_atom_site.Cartn_x 
_atom_site.Cartn_y 
_atom_site.Cartn_z 
_atom_site.occupancy 
_atom_site.B_iso_or_equiv 
_atom_site.pdbx_formal_charge 
_atom_site.auth_seq_id 
_atom_site.auth_comp_id 
_atom_site.auth_asym_id 
_atom_site.auth_atom_id 
_atom_site.pdbx_PDB_model_num 
ATOM   1    N  N   . GLY A 1 6  ? 8.151   20.639  -19.546 1.00 60.90 ? 525 GLY A N   1 
ATOM   2    C  CA  . GLY A 1 6  ? 8.143   19.723  -18.367 1.00 55.08 ? 525 GLY A CA  1 
ATOM   3    C  C   . GLY A 1 6  ? 8.255   20.477  -17.058 1.00 48.96 ? 525 GLY A C   1 
ATOM   4    O  O   . GLY A 1 6  ? 8.966   21.476  -16.976 1.00 59.04 ? 525 GLY A O   1 
ATOM   5    N  N   . LYS A 1 7  ? 7.548   20.004  -16.035 1.00 41.22 ? 526 LYS A N   1 
ATOM   6    C  CA  . LYS A 1 7  ? 7.569   20.641  -14.722 1.00 35.93 ? 526 LYS A CA  1 
ATOM   7    C  C   . LYS A 1 7  ? 6.648   19.918  -13.747 1.00 31.27 ? 526 LYS A C   1 
ATOM   8    O  O   . LYS A 1 7  ? 6.940   19.846  -12.555 1.00 35.27 ? 526 LYS A O   1 
ATOM   9    C  CB  . LYS A 1 7  ? 7.163   22.113  -14.837 1.00 44.42 ? 526 LYS A CB  1 
ATOM   10   N  N   . ASN A 1 8  ? 5.534   19.384  -14.244 1.00 20.97 ? 527 ASN A N   1 
ATOM   11   C  CA  . ASN A 1 8  ? 4.606   18.671  -13.374 1.00 16.75 ? 527 ASN A CA  1 
ATOM   12   C  C   . ASN A 1 8  ? 4.768   17.163  -13.578 1.00 14.81 ? 527 ASN A C   1 
ATOM   13   O  O   . ASN A 1 8  ? 4.435   16.632  -14.640 1.00 17.05 ? 527 ASN A O   1 
ATOM   14   C  CB  . ASN A 1 8  ? 3.163   19.107  -13.672 1.00 19.00 ? 527 ASN A CB  1 
ATOM   15   C  CG  . ASN A 1 8  ? 2.158   18.476  -12.734 1.00 25.13 ? 527 ASN A CG  1 
ATOM   16   O  OD1 . ASN A 1 8  ? 1.898   17.279  -12.805 1.00 22.72 ? 527 ASN A OD1 1 
ATOM   17   N  ND2 . ASN A 1 8  ? 1.591   19.280  -11.839 1.00 26.56 ? 527 ASN A ND2 1 
ATOM   18   N  N   . PRO A 1 9  ? 5.275   16.453  -12.552 1.00 10.64 ? 528 PRO A N   1 
ATOM   19   C  CA  . PRO A 1 9  ? 5.502   15.003  -12.587 1.00 14.19 ? 528 PRO A CA  1 
ATOM   20   C  C   . PRO A 1 9  ? 4.316   14.174  -13.057 1.00 14.27 ? 528 PRO A C   1 
ATOM   21   O  O   . PRO A 1 9  ? 4.468   13.284  -13.892 1.00 13.34 ? 528 PRO A O   1 
ATOM   22   C  CB  . PRO A 1 9  ? 5.904   14.680  -11.145 1.00 22.44 ? 528 PRO A CB  1 
ATOM   23   C  CG  . PRO A 1 9  ? 6.567   15.930  -10.698 1.00 21.77 ? 528 PRO A CG  1 
ATOM   24   C  CD  . PRO A 1 9  ? 5.639   17.001  -11.235 1.00 17.09 ? 528 PRO A CD  1 
ATOM   25   N  N   . VAL A 1 10 ? 3.133   14.453  -12.521 1.00 16.47 ? 529 VAL A N   1 
ATOM   26   C  CA  . VAL A 1 10 ? 1.955   13.698  -12.933 1.00 17.29 ? 529 VAL A CA  1 
ATOM   27   C  C   . VAL A 1 10 ? 1.706   13.927  -14.427 1.00 15.34 ? 529 VAL A C   1 
ATOM   28   O  O   . VAL A 1 10 ? 1.423   12.988  -15.171 1.00 18.08 ? 529 VAL A O   1 
ATOM   29   C  CB  . VAL A 1 10 ? 0.710   14.114  -12.111 1.00 19.61 ? 529 VAL A CB  1 
ATOM   30   C  CG1 . VAL A 1 10 ? -0.525  13.409  -12.638 1.00 21.67 ? 529 VAL A CG1 1 
ATOM   31   C  CG2 . VAL A 1 10 ? 0.924   13.757  -10.640 1.00 27.07 ? 529 VAL A CG2 1 
HETATM 32   N  N   . MSE A 1 11 ? 1.838   15.179  -14.859 1.00 15.73 ? 530 MSE A N   1 
HETATM 33   C  CA  . MSE A 1 11 ? 1.642   15.542  -16.267 1.00 21.51 ? 530 MSE A CA  1 
HETATM 34   C  C   . MSE A 1 11 ? 2.643   14.831  -17.186 1.00 17.73 ? 530 MSE A C   1 
HETATM 35   O  O   . MSE A 1 11 ? 2.272   14.277  -18.226 1.00 18.89 ? 530 MSE A O   1 
HETATM 36   C  CB  . MSE A 1 11 ? 1.812   17.052  -16.435 1.00 19.55 ? 530 MSE A CB  1 
HETATM 37   C  CG  . MSE A 1 11 ? 0.776   17.885  -15.719 1.00 50.36 ? 530 MSE A CG  1 
HETATM 38   SE SE  . MSE A 1 11 ? -0.772  18.112  -16.825 1.00 55.33 ? 530 MSE A SE  1 
HETATM 39   C  CE  . MSE A 1 11 ? -0.056  19.445  -18.037 1.00 40.31 ? 530 MSE A CE  1 
ATOM   40   N  N   . GLU A 1 12 ? 3.915   14.863  -16.805 1.00 17.32 ? 531 GLU A N   1 
ATOM   41   C  CA  . GLU A 1 12 ? 4.972   14.240  -17.604 1.00 15.77 ? 531 GLU A CA  1 
ATOM   42   C  C   . GLU A 1 12 ? 4.854   12.720  -17.689 1.00 17.23 ? 531 GLU A C   1 
ATOM   43   O  O   . GLU A 1 12 ? 5.075   12.126  -18.752 1.00 20.19 ? 531 GLU A O   1 
ATOM   44   C  CB  . GLU A 1 12 ? 6.348   14.622  -17.042 1.00 14.95 ? 531 GLU A CB  1 
ATOM   45   C  CG  . GLU A 1 12 ? 6.692   16.103  -17.196 1.00 14.11 ? 531 GLU A CG  1 
ATOM   46   C  CD  . GLU A 1 12 ? 6.596   16.570  -18.634 1.00 26.42 ? 531 GLU A CD  1 
ATOM   47   O  OE1 . GLU A 1 12 ? 7.156   15.887  -19.517 1.00 24.14 ? 531 GLU A OE1 1 
ATOM   48   O  OE2 . GLU A 1 12 ? 5.961   17.618  -18.877 1.00 22.05 ? 531 GLU A OE2 1 
ATOM   49   N  N   . LEU A 1 13 ? 4.505   12.082  -16.578 1.00 15.21 ? 532 LEU A N   1 
ATOM   50   C  CA  . LEU A 1 13 ? 4.365   10.637  -16.586 1.00 14.20 ? 532 LEU A CA  1 
ATOM   51   C  C   . LEU A 1 13 ? 3.183   10.259  -17.473 1.00 20.43 ? 532 LEU A C   1 
ATOM   52   O  O   . LEU A 1 13 ? 3.227   9.262   -18.193 1.00 20.32 ? 532 LEU A O   1 
ATOM   53   C  CB  . LEU A 1 13 ? 4.148   10.108  -15.168 1.00 11.15 ? 532 LEU A CB  1 
ATOM   54   C  CG  . LEU A 1 13 ? 4.011   8.589   -15.029 1.00 17.63 ? 532 LEU A CG  1 
ATOM   55   C  CD1 . LEU A 1 13 ? 5.271   7.890   -15.561 1.00 15.33 ? 532 LEU A CD1 1 
ATOM   56   C  CD2 . LEU A 1 13 ? 3.777   8.234   -13.563 1.00 13.05 ? 532 LEU A CD2 1 
ATOM   57   N  N   . ASN A 1 14 ? 2.137   11.078  -17.420 1.00 19.56 ? 533 ASN A N   1 
ATOM   58   C  CA  . ASN A 1 14 ? 0.921   10.875  -18.202 1.00 22.06 ? 533 ASN A CA  1 
ATOM   59   C  C   . ASN A 1 14 ? 1.241   10.888  -19.700 1.00 26.60 ? 533 ASN A C   1 
ATOM   60   O  O   . ASN A 1 14 ? 0.563   10.233  -20.491 1.00 25.95 ? 533 ASN A O   1 
ATOM   61   C  CB  . ASN A 1 14 ? -0.093  11.975  -17.861 1.00 19.71 ? 533 ASN A CB  1 
ATOM   62   C  CG  . ASN A 1 14 ? -1.407  11.820  -18.607 1.00 28.56 ? 533 ASN A CG  1 
ATOM   63   O  OD1 . ASN A 1 14 ? -1.774  12.660  -19.435 1.00 28.39 ? 533 ASN A OD1 1 
ATOM   64   N  ND2 . ASN A 1 14 ? -2.125  10.751  -18.313 1.00 19.50 ? 533 ASN A ND2 1 
ATOM   65   N  N   . GLU A 1 15 ? 2.265   11.644  -20.085 1.00 19.06 ? 534 GLU A N   1 
ATOM   66   C  CA  . GLU A 1 15 ? 2.679   11.707  -21.483 1.00 20.54 ? 534 GLU A CA  1 
ATOM   67   C  C   . GLU A 1 15 ? 3.271   10.356  -21.896 1.00 27.09 ? 534 GLU A C   1 
ATOM   68   O  O   . GLU A 1 15 ? 3.271   10.002  -23.073 1.00 26.74 ? 534 GLU A O   1 
ATOM   69   C  CB  . GLU A 1 15 ? 3.719   12.817  -21.680 1.00 20.80 ? 534 GLU A CB  1 
ATOM   70   C  CG  . GLU A 1 15 ? 3.147   14.225  -21.611 1.00 17.05 ? 534 GLU A CG  1 
ATOM   71   C  CD  . GLU A 1 15 ? 2.234   14.528  -22.786 1.00 25.25 ? 534 GLU A CD  1 
ATOM   72   O  OE1 . GLU A 1 15 ? 2.736   14.595  -23.930 1.00 26.80 ? 534 GLU A OE1 1 
ATOM   73   O  OE2 . GLU A 1 15 ? 1.014   14.694  -22.565 1.00 22.85 ? 534 GLU A OE2 1 
ATOM   74   N  N   . LYS A 1 16 ? 3.768   9.600   -20.923 1.00 25.31 ? 535 LYS A N   1 
ATOM   75   C  CA  . LYS A 1 16 ? 4.356   8.298   -21.214 1.00 25.04 ? 535 LYS A CA  1 
ATOM   76   C  C   . LYS A 1 16 ? 3.364   7.158   -21.002 1.00 29.58 ? 535 LYS A C   1 
ATOM   77   O  O   . LYS A 1 16 ? 3.427   6.137   -21.685 1.00 27.02 ? 535 LYS A O   1 
ATOM   78   C  CB  . LYS A 1 16 ? 5.589   8.058   -20.337 1.00 25.52 ? 535 LYS A CB  1 
ATOM   79   C  CG  . LYS A 1 16 ? 6.732   9.039   -20.564 1.00 27.60 ? 535 LYS A CG  1 
ATOM   80   C  CD  . LYS A 1 16 ? 7.146   9.096   -22.028 1.00 35.93 ? 535 LYS A CD  1 
ATOM   81   C  CE  . LYS A 1 16 ? 8.463   9.850   -22.207 1.00 42.75 ? 535 LYS A CE  1 
ATOM   82   N  NZ  . LYS A 1 16 ? 8.402   11.224  -21.645 1.00 54.59 ? 535 LYS A NZ  1 
ATOM   83   N  N   . ARG A 1 17 ? 2.454   7.337   -20.050 1.00 22.22 ? 536 ARG A N   1 
ATOM   84   C  CA  . ARG A 1 17 ? 1.452   6.325   -19.736 1.00 20.94 ? 536 ARG A CA  1 
ATOM   85   C  C   . ARG A 1 17 ? 0.144   7.009   -19.363 1.00 27.24 ? 536 ARG A C   1 
ATOM   86   O  O   . ARG A 1 17 ? 0.059   7.689   -18.342 1.00 28.59 ? 536 ARG A O   1 
ATOM   87   C  CB  . ARG A 1 17 ? 1.926   5.471   -18.562 1.00 22.50 ? 536 ARG A CB  1 
ATOM   88   C  CG  . ARG A 1 17 ? 3.215   4.704   -18.802 1.00 29.93 ? 536 ARG A CG  1 
ATOM   89   C  CD  . ARG A 1 17 ? 2.985   3.471   -19.660 1.00 29.84 ? 536 ARG A CD  1 
ATOM   90   N  NE  . ARG A 1 17 ? 4.137   2.574   -19.604 1.00 37.20 ? 536 ARG A NE  1 
ATOM   91   C  CZ  . ARG A 1 17 ? 5.264   2.750   -20.287 1.00 32.82 ? 536 ARG A CZ  1 
ATOM   92   N  NH1 . ARG A 1 17 ? 5.403   3.790   -21.096 1.00 28.02 ? 536 ARG A NH1 1 
ATOM   93   N  NH2 . ARG A 1 17 ? 6.263   1.893   -20.141 1.00 42.47 ? 536 ARG A NH2 1 
ATOM   94   N  N   . ARG A 1 18 ? -0.880  6.825   -20.188 1.00 28.62 ? 537 ARG A N   1 
ATOM   95   C  CA  . ARG A 1 18 ? -2.171  7.447   -19.929 1.00 32.09 ? 537 ARG A CA  1 
ATOM   96   C  C   . ARG A 1 18 ? -3.027  6.620   -18.974 1.00 27.84 ? 537 ARG A C   1 
ATOM   97   O  O   . ARG A 1 18 ? -2.778  5.433   -18.767 1.00 32.62 ? 537 ARG A O   1 
ATOM   98   C  CB  . ARG A 1 18 ? -2.921  7.662   -21.249 1.00 31.63 ? 537 ARG A CB  1 
ATOM   99   N  N   . GLY A 1 19 ? -4.026  7.271   -18.386 1.00 32.83 ? 538 GLY A N   1 
ATOM   100  C  CA  . GLY A 1 19 ? -4.948  6.604   -17.483 1.00 36.82 ? 538 GLY A CA  1 
ATOM   101  C  C   . GLY A 1 19 ? -4.407  5.939   -16.230 1.00 33.03 ? 538 GLY A C   1 
ATOM   102  O  O   . GLY A 1 19 ? -5.015  4.994   -15.724 1.00 30.80 ? 538 GLY A O   1 
ATOM   103  N  N   . LEU A 1 20 ? -3.283  6.420   -15.713 1.00 34.76 ? 539 LEU A N   1 
ATOM   104  C  CA  . LEU A 1 20 ? -2.715  5.838   -14.502 1.00 30.26 ? 539 LEU A CA  1 
ATOM   105  C  C   . LEU A 1 20 ? -3.594  6.167   -13.296 1.00 34.61 ? 539 LEU A C   1 
ATOM   106  O  O   . LEU A 1 20 ? -4.184  7.248   -13.222 1.00 26.67 ? 539 LEU A O   1 
ATOM   107  C  CB  . LEU A 1 20 ? -1.301  6.377   -14.256 1.00 30.75 ? 539 LEU A CB  1 
ATOM   108  C  CG  . LEU A 1 20 ? -0.234  6.042   -15.299 1.00 31.17 ? 539 LEU A CG  1 
ATOM   109  C  CD1 . LEU A 1 20 ? 1.090   6.663   -14.881 1.00 31.20 ? 539 LEU A CD1 1 
ATOM   110  C  CD2 . LEU A 1 20 ? -0.097  4.536   -15.431 1.00 24.25 ? 539 LEU A CD2 1 
ATOM   111  N  N   . LYS A 1 21 ? -3.667  5.238   -12.350 1.00 32.95 ? 540 LYS A N   1 
ATOM   112  C  CA  . LYS A 1 21 ? -4.470  5.463   -11.163 1.00 30.66 ? 540 LYS A CA  1 
ATOM   113  C  C   . LYS A 1 21 ? -3.611  5.682   -9.932  1.00 24.56 ? 540 LYS A C   1 
ATOM   114  O  O   . LYS A 1 21 ? -2.720  4.886   -9.642  1.00 27.68 ? 540 LYS A O   1 
ATOM   115  N  N   . TYR A 1 22 ? -3.867  6.772   -9.219  1.00 25.59 ? 541 TYR A N   1 
ATOM   116  C  CA  . TYR A 1 22 ? -3.122  7.078   -8.007  1.00 23.14 ? 541 TYR A CA  1 
ATOM   117  C  C   . TYR A 1 22 ? -3.965  6.715   -6.796  1.00 30.44 ? 541 TYR A C   1 
ATOM   118  O  O   . TYR A 1 22 ? -5.089  7.205   -6.633  1.00 27.85 ? 541 TYR A O   1 
ATOM   119  C  CB  . TYR A 1 22 ? -2.754  8.560   -7.954  1.00 23.24 ? 541 TYR A CB  1 
ATOM   120  C  CG  . TYR A 1 22 ? -1.741  8.952   -9.000  1.00 20.22 ? 541 TYR A CG  1 
ATOM   121  C  CD1 . TYR A 1 22 ? -2.100  9.049   -10.345 1.00 21.42 ? 541 TYR A CD1 1 
ATOM   122  C  CD2 . TYR A 1 22 ? -0.412  9.189   -8.651  1.00 21.31 ? 541 TYR A CD2 1 
ATOM   123  C  CE1 . TYR A 1 22 ? -1.155  9.372   -11.323 1.00 26.21 ? 541 TYR A CE1 1 
ATOM   124  C  CE2 . TYR A 1 22 ? 0.543   9.513   -9.618  1.00 22.48 ? 541 TYR A CE2 1 
ATOM   125  C  CZ  . TYR A 1 22 ? 0.165   9.601   -10.950 1.00 19.30 ? 541 TYR A CZ  1 
ATOM   126  O  OH  . TYR A 1 22 ? 1.104   9.903   -11.911 1.00 23.08 ? 541 TYR A OH  1 
ATOM   127  N  N   . GLU A 1 23 ? -3.409  5.864   -5.944  1.00 22.88 ? 542 GLU A N   1 
ATOM   128  C  CA  . GLU A 1 23 ? -4.106  5.409   -4.750  1.00 21.03 ? 542 GLU A CA  1 
ATOM   129  C  C   . GLU A 1 23 ? -3.505  5.949   -3.460  1.00 24.46 ? 542 GLU A C   1 
ATOM   130  O  O   . GLU A 1 23 ? -2.290  5.903   -3.254  1.00 24.97 ? 542 GLU A O   1 
ATOM   131  C  CB  . GLU A 1 23 ? -4.113  3.884   -4.714  1.00 23.83 ? 542 GLU A CB  1 
ATOM   132  N  N   . LEU A 1 24 ? -4.367  6.473   -2.596  1.00 22.86 ? 543 LEU A N   1 
ATOM   133  C  CA  . LEU A 1 24 ? -3.928  6.978   -1.308  1.00 24.46 ? 543 LEU A CA  1 
ATOM   134  C  C   . LEU A 1 24 ? -3.781  5.740   -0.441  1.00 29.03 ? 543 LEU A C   1 
ATOM   135  O  O   . LEU A 1 24 ? -4.759  5.032   -0.186  1.00 29.92 ? 543 LEU A O   1 
ATOM   136  C  CB  . LEU A 1 24 ? -4.977  7.913   -0.696  1.00 21.07 ? 543 LEU A CB  1 
ATOM   137  C  CG  . LEU A 1 24 ? -4.705  8.369   0.738   1.00 24.31 ? 543 LEU A CG  1 
ATOM   138  C  CD1 . LEU A 1 24 ? -3.347  9.070   0.819   1.00 27.06 ? 543 LEU A CD1 1 
ATOM   139  C  CD2 . LEU A 1 24 ? -5.813  9.312   1.183   1.00 30.03 ? 543 LEU A CD2 1 
ATOM   140  N  N   . ILE A 1 25 ? -2.563  5.462   0.001   1.00 22.95 ? 544 ILE A N   1 
ATOM   141  C  CA  . ILE A 1 25 ? -2.343  4.291   0.827   1.00 30.03 ? 544 ILE A CA  1 
ATOM   142  C  C   . ILE A 1 25 ? -2.093  4.624   2.288   1.00 25.81 ? 544 ILE A C   1 
ATOM   143  O  O   . ILE A 1 25 ? -2.129  3.740   3.136   1.00 22.54 ? 544 ILE A O   1 
ATOM   144  C  CB  . ILE A 1 25 ? -1.178  3.441   0.292   1.00 29.64 ? 544 ILE A CB  1 
ATOM   145  C  CG1 . ILE A 1 25 ? 0.095   4.274   0.231   1.00 30.20 ? 544 ILE A CG1 1 
ATOM   146  C  CG2 . ILE A 1 25 ? -1.528  2.898   -1.087  1.00 31.25 ? 544 ILE A CG2 1 
ATOM   147  C  CD1 . ILE A 1 25 ? 1.294   3.499   -0.255  1.00 33.01 ? 544 ILE A CD1 1 
ATOM   148  N  N   . SER A 1 26 ? -1.851  5.895   2.589   1.00 24.15 ? 545 SER A N   1 
ATOM   149  C  CA  . SER A 1 26 ? -1.614  6.281   3.973   1.00 22.92 ? 545 SER A CA  1 
ATOM   150  C  C   . SER A 1 26 ? -1.985  7.725   4.275   1.00 28.70 ? 545 SER A C   1 
ATOM   151  O  O   . SER A 1 26 ? -1.669  8.641   3.520   1.00 18.58 ? 545 SER A O   1 
ATOM   152  C  CB  . SER A 1 26 ? -0.151  6.052   4.351   1.00 23.39 ? 545 SER A CB  1 
ATOM   153  O  OG  . SER A 1 26 ? 0.060   6.324   5.728   1.00 31.33 ? 545 SER A OG  1 
ATOM   154  N  N   . GLU A 1 27 ? -2.665  7.909   5.397   1.00 20.97 ? 546 GLU A N   1 
ATOM   155  C  CA  . GLU A 1 27 ? -3.087  9.222   5.857   1.00 22.77 ? 546 GLU A CA  1 
ATOM   156  C  C   . GLU A 1 27 ? -2.984  9.150   7.374   1.00 33.80 ? 546 GLU A C   1 
ATOM   157  O  O   . GLU A 1 27 ? -3.801  8.498   8.031   1.00 33.94 ? 546 GLU A O   1 
ATOM   158  C  CB  . GLU A 1 27 ? -4.525  9.490   5.404   1.00 22.58 ? 546 GLU A CB  1 
ATOM   159  C  CG  . GLU A 1 27 ? -5.153  10.758  5.950   1.00 44.50 ? 546 GLU A CG  1 
ATOM   160  C  CD  . GLU A 1 27 ? -6.487  11.064  5.288   1.00 44.21 ? 546 GLU A CD  1 
ATOM   161  O  OE1 . GLU A 1 27 ? -7.297  10.126  5.120   1.00 60.57 ? 546 GLU A OE1 1 
ATOM   162  O  OE2 . GLU A 1 27 ? -6.728  12.238  4.943   1.00 57.06 ? 546 GLU A OE2 1 
ATOM   163  N  N   . THR A 1 28 ? -1.963  9.799   7.926   1.00 29.66 ? 547 THR A N   1 
ATOM   164  C  CA  . THR A 1 28 ? -1.741  9.786   9.370   1.00 32.26 ? 547 THR A CA  1 
ATOM   165  C  C   . THR A 1 28 ? -1.371  11.162  9.920   1.00 38.33 ? 547 THR A C   1 
ATOM   166  O  O   . THR A 1 28 ? -1.238  12.130  9.171   1.00 33.38 ? 547 THR A O   1 
ATOM   167  C  CB  . THR A 1 28 ? -0.611  8.806   9.740   1.00 32.31 ? 547 THR A CB  1 
ATOM   168  O  OG1 . THR A 1 28 ? 0.622   9.264   9.172   1.00 37.67 ? 547 THR A OG1 1 
ATOM   169  C  CG2 . THR A 1 28 ? -0.917  7.410   9.205   1.00 36.17 ? 547 THR A CG2 1 
ATOM   170  N  N   . GLY A 1 29 ? -1.204  11.238  11.236  1.00 41.52 ? 548 GLY A N   1 
ATOM   171  C  CA  . GLY A 1 29 ? -0.841  12.494  11.867  1.00 38.98 ? 548 GLY A CA  1 
ATOM   172  C  C   . GLY A 1 29 ? -2.005  13.436  12.106  1.00 43.42 ? 548 GLY A C   1 
ATOM   173  O  O   . GLY A 1 29 ? -3.041  13.348  11.445  1.00 37.93 ? 548 GLY A O   1 
ATOM   174  N  N   . GLY A 1 30 ? -1.829  14.348  13.058  1.00 52.73 ? 549 GLY A N   1 
ATOM   175  C  CA  . GLY A 1 30 ? -2.877  15.302  13.375  1.00 55.71 ? 549 GLY A CA  1 
ATOM   176  C  C   . GLY A 1 30 ? -2.983  16.416  12.350  1.00 59.18 ? 549 GLY A C   1 
ATOM   177  O  O   . GLY A 1 30 ? -2.178  16.494  11.420  1.00 61.44 ? 549 GLY A O   1 
ATOM   178  N  N   . SER A 1 31 ? -3.978  17.281  12.524  1.00 59.63 ? 550 SER A N   1 
ATOM   179  C  CA  . SER A 1 31 ? -4.173  18.388  11.604  1.00 58.73 ? 550 SER A CA  1 
ATOM   180  C  C   . SER A 1 31 ? -3.014  19.367  11.610  1.00 57.31 ? 550 SER A C   1 
ATOM   181  O  O   . SER A 1 31 ? -3.064  20.405  10.948  1.00 58.57 ? 550 SER A O   1 
ATOM   182  N  N   . HIS A 1 32 ? -1.967  19.034  12.359  1.00 53.97 ? 551 HIS A N   1 
ATOM   183  C  CA  . HIS A 1 32 ? -0.799  19.891  12.436  1.00 51.30 ? 551 HIS A CA  1 
ATOM   184  C  C   . HIS A 1 32 ? 0.475   19.150  12.075  1.00 53.16 ? 551 HIS A C   1 
ATOM   185  O  O   . HIS A 1 32 ? 1.575   19.690  12.195  1.00 51.13 ? 551 HIS A O   1 
ATOM   186  N  N   . ASP A 1 33 ? 0.325   17.906  11.635  1.00 50.69 ? 552 ASP A N   1 
ATOM   187  C  CA  . ASP A 1 33 ? 1.471   17.101  11.252  1.00 46.21 ? 552 ASP A CA  1 
ATOM   188  C  C   . ASP A 1 33 ? 1.028   15.997  10.311  1.00 42.81 ? 552 ASP A C   1 
ATOM   189  O  O   . ASP A 1 33 ? 1.566   14.889  10.326  1.00 44.23 ? 552 ASP A O   1 
ATOM   190  N  N   . LYS A 1 34 ? 0.030   16.310  9.490   1.00 39.52 ? 553 LYS A N   1 
ATOM   191  C  CA  . LYS A 1 34 ? -0.524  15.362  8.533   1.00 33.75 ? 553 LYS A CA  1 
ATOM   192  C  C   . LYS A 1 34 ? 0.521   14.860  7.549   1.00 31.38 ? 553 LYS A C   1 
ATOM   193  O  O   . LYS A 1 34 ? 1.396   15.608  7.117   1.00 31.12 ? 553 LYS A O   1 
ATOM   194  C  CB  . LYS A 1 34 ? -1.681  16.005  7.775   1.00 33.22 ? 553 LYS A CB  1 
ATOM   195  N  N   . ARG A 1 35 ? 0.426   13.581  7.207   1.00 26.97 ? 554 ARG A N   1 
ATOM   196  C  CA  . ARG A 1 35 ? 1.338   12.969  6.255   1.00 25.93 ? 554 ARG A CA  1 
ATOM   197  C  C   . ARG A 1 35 ? 0.537   12.062  5.342   1.00 28.74 ? 554 ARG A C   1 
ATOM   198  O  O   . ARG A 1 35 ? -0.222  11.213  5.807   1.00 30.05 ? 554 ARG A O   1 
ATOM   199  C  CB  . ARG A 1 35 ? 2.410   12.155  6.972   1.00 31.68 ? 554 ARG A CB  1 
ATOM   200  C  CG  . ARG A 1 35 ? 3.350   11.433  6.023   1.00 36.03 ? 554 ARG A CG  1 
ATOM   201  C  CD  . ARG A 1 35 ? 4.573   10.916  6.749   1.00 40.77 ? 554 ARG A CD  1 
ATOM   202  N  NE  . ARG A 1 35 ? 5.454   10.165  5.862   1.00 46.83 ? 554 ARG A NE  1 
ATOM   203  C  CZ  . ARG A 1 35 ? 5.204   8.934   5.428   1.00 50.87 ? 554 ARG A CZ  1 
ATOM   204  N  NH1 . ARG A 1 35 ? 4.095   8.309   5.800   1.00 49.84 ? 554 ARG A NH1 1 
ATOM   205  N  NH2 . ARG A 1 35 ? 6.067   8.328   4.624   1.00 61.47 ? 554 ARG A NH2 1 
ATOM   206  N  N   . PHE A 1 36 ? 0.697   12.259  4.040   1.00 23.02 ? 555 PHE A N   1 
ATOM   207  C  CA  . PHE A 1 36 ? -0.010  11.464  3.050   1.00 18.34 ? 555 PHE A CA  1 
ATOM   208  C  C   . PHE A 1 36 ? 0.984   10.660  2.239   1.00 21.51 ? 555 PHE A C   1 
ATOM   209  O  O   . PHE A 1 36 ? 2.089   11.128  1.967   1.00 22.00 ? 555 PHE A O   1 
ATOM   210  C  CB  . PHE A 1 36 ? -0.775  12.368  2.077   1.00 21.24 ? 555 PHE A CB  1 
ATOM   211  C  CG  . PHE A 1 36 ? -1.954  13.057  2.680   1.00 22.86 ? 555 PHE A CG  1 
ATOM   212  C  CD1 . PHE A 1 36 ? -3.171  12.396  2.797   1.00 29.14 ? 555 PHE A CD1 1 
ATOM   213  C  CD2 . PHE A 1 36 ? -1.851  14.369  3.129   1.00 30.73 ? 555 PHE A CD2 1 
ATOM   214  C  CE1 . PHE A 1 36 ? -4.276  13.034  3.353   1.00 25.64 ? 555 PHE A CE1 1 
ATOM   215  C  CE2 . PHE A 1 36 ? -2.952  15.021  3.689   1.00 30.45 ? 555 PHE A CE2 1 
ATOM   216  C  CZ  . PHE A 1 36 ? -4.168  14.349  3.801   1.00 33.73 ? 555 PHE A CZ  1 
ATOM   217  N  N   . VAL A 1 37 ? 0.589   9.454   1.857   1.00 18.86 ? 556 VAL A N   1 
ATOM   218  C  CA  . VAL A 1 37 ? 1.438   8.622   1.022   1.00 19.86 ? 556 VAL A CA  1 
ATOM   219  C  C   . VAL A 1 37 ? 0.573   8.149   -0.130  1.00 21.98 ? 556 VAL A C   1 
ATOM   220  O  O   . VAL A 1 37 ? -0.495  7.572   0.080   1.00 22.42 ? 556 VAL A O   1 
ATOM   221  C  CB  . VAL A 1 37 ? 1.995   7.395   1.773   1.00 24.78 ? 556 VAL A CB  1 
ATOM   222  C  CG1 . VAL A 1 37 ? 2.815   6.530   0.810   1.00 22.28 ? 556 VAL A CG1 1 
ATOM   223  C  CG2 . VAL A 1 37 ? 2.868   7.848   2.934   1.00 23.89 ? 556 VAL A CG2 1 
HETATM 224  N  N   . MSE A 1 38 ? 1.035   8.424   -1.345  1.00 16.15 ? 557 MSE A N   1 
HETATM 225  C  CA  . MSE A 1 38 ? 0.333   8.039   -2.553  1.00 18.16 ? 557 MSE A CA  1 
HETATM 226  C  C   . MSE A 1 38 ? 1.158   6.999   -3.271  1.00 17.52 ? 557 MSE A C   1 
HETATM 227  O  O   . MSE A 1 38 ? 2.385   6.990   -3.176  1.00 21.87 ? 557 MSE A O   1 
HETATM 228  C  CB  . MSE A 1 38 ? 0.129   9.243   -3.473  1.00 14.37 ? 557 MSE A CB  1 
HETATM 229  C  CG  . MSE A 1 38 ? -0.880  10.246  -2.968  1.00 30.86 ? 557 MSE A CG  1 
HETATM 230  SE SE  . MSE A 1 38 ? -2.673  9.659   -3.392  1.00 40.40 ? 557 MSE A SE  1 
HETATM 231  C  CE  . MSE A 1 38 ? -3.190  11.064  -4.602  1.00 51.61 ? 557 MSE A CE  1 
ATOM   232  N  N   . GLU A 1 39 ? 0.469   6.131   -4.000  1.00 18.63 ? 558 GLU A N   1 
ATOM   233  C  CA  . GLU A 1 39 ? 1.113   5.069   -4.752  1.00 15.91 ? 558 GLU A CA  1 
ATOM   234  C  C   . GLU A 1 39 ? 0.558   5.018   -6.168  1.00 20.13 ? 558 GLU A C   1 
ATOM   235  O  O   . GLU A 1 39 ? -0.639  5.212   -6.389  1.00 27.53 ? 558 GLU A O   1 
ATOM   236  C  CB  . GLU A 1 39 ? 0.863   3.735   -4.062  1.00 24.02 ? 558 GLU A CB  1 
ATOM   237  C  CG  . GLU A 1 39 ? 1.571   2.554   -4.684  1.00 25.44 ? 558 GLU A CG  1 
ATOM   238  C  CD  . GLU A 1 39 ? 1.281   1.283   -3.923  1.00 31.21 ? 558 GLU A CD  1 
ATOM   239  O  OE1 . GLU A 1 39 ? 0.127   0.810   -3.977  1.00 38.00 ? 558 GLU A OE1 1 
ATOM   240  O  OE2 . GLU A 1 39 ? 2.202   0.768   -3.257  1.00 35.00 ? 558 GLU A OE2 1 
ATOM   241  N  N   . VAL A 1 40 ? 1.438   4.781   -7.129  1.00 19.49 ? 559 VAL A N   1 
ATOM   242  C  CA  . VAL A 1 40 ? 1.016   4.673   -8.510  1.00 19.58 ? 559 VAL A CA  1 
ATOM   243  C  C   . VAL A 1 40 ? 1.665   3.420   -9.081  1.00 23.29 ? 559 VAL A C   1 
ATOM   244  O  O   . VAL A 1 40 ? 2.824   3.127   -8.800  1.00 25.09 ? 559 VAL A O   1 
ATOM   245  C  CB  . VAL A 1 40 ? 1.424   5.923   -9.339  1.00 21.70 ? 559 VAL A CB  1 
ATOM   246  C  CG1 . VAL A 1 40 ? 2.941   6.017   -9.455  1.00 18.60 ? 559 VAL A CG1 1 
ATOM   247  C  CG2 . VAL A 1 40 ? 0.771   5.872   -10.715 1.00 22.66 ? 559 VAL A CG2 1 
ATOM   248  N  N   . GLU A 1 41 ? 0.902   2.659   -9.853  1.00 25.74 ? 560 GLU A N   1 
ATOM   249  C  CA  . GLU A 1 41 ? 1.440   1.447   -10.449 1.00 29.48 ? 560 GLU A CA  1 
ATOM   250  C  C   . GLU A 1 41 ? 1.716   1.668   -11.933 1.00 30.44 ? 560 GLU A C   1 
ATOM   251  O  O   . GLU A 1 41 ? 0.843   2.097   -12.686 1.00 24.76 ? 560 GLU A O   1 
ATOM   252  C  CB  . GLU A 1 41 ? 0.463   0.281   -10.259 1.00 36.91 ? 560 GLU A CB  1 
ATOM   253  C  CG  . GLU A 1 41 ? 0.971   -1.039  -10.813 1.00 44.65 ? 560 GLU A CG  1 
ATOM   254  C  CD  . GLU A 1 41 ? 0.003   -2.178  -10.576 1.00 54.36 ? 560 GLU A CD  1 
ATOM   255  O  OE1 . GLU A 1 41 ? -0.227  -2.527  -9.400  1.00 58.29 ? 560 GLU A OE1 1 
ATOM   256  O  OE2 . GLU A 1 41 ? -0.531  -2.718  -11.567 1.00 57.25 ? 560 GLU A OE2 1 
ATOM   257  N  N   . VAL A 1 42 ? 2.946   1.385   -12.341 1.00 25.96 ? 561 VAL A N   1 
ATOM   258  C  CA  . VAL A 1 42 ? 3.348   1.539   -13.733 1.00 29.51 ? 561 VAL A CA  1 
ATOM   259  C  C   . VAL A 1 42 ? 4.074   0.262   -14.138 1.00 29.32 ? 561 VAL A C   1 
ATOM   260  O  O   . VAL A 1 42 ? 5.088   -0.097  -13.539 1.00 27.43 ? 561 VAL A O   1 
ATOM   261  C  CB  . VAL A 1 42 ? 4.305   2.738   -13.917 1.00 25.17 ? 561 VAL A CB  1 
ATOM   262  C  CG1 . VAL A 1 42 ? 4.643   2.907   -15.385 1.00 29.36 ? 561 VAL A CG1 1 
ATOM   263  C  CG2 . VAL A 1 42 ? 3.666   4.010   -13.369 1.00 34.37 ? 561 VAL A CG2 1 
ATOM   264  N  N   . ASP A 1 43 ? 3.550   -0.423  -15.148 1.00 32.99 ? 562 ASP A N   1 
ATOM   265  C  CA  . ASP A 1 43 ? 4.149   -1.671  -15.613 1.00 40.37 ? 562 ASP A CA  1 
ATOM   266  C  C   . ASP A 1 43 ? 4.297   -2.665  -14.462 1.00 38.14 ? 562 ASP A C   1 
ATOM   267  O  O   . ASP A 1 43 ? 5.378   -3.208  -14.233 1.00 43.93 ? 562 ASP A O   1 
ATOM   268  C  CB  . ASP A 1 43 ? 5.525   -1.408  -16.229 1.00 37.72 ? 562 ASP A CB  1 
ATOM   269  C  CG  . ASP A 1 43 ? 5.486   -0.367  -17.328 1.00 40.42 ? 562 ASP A CG  1 
ATOM   270  O  OD1 . ASP A 1 43 ? 4.380   -0.034  -17.801 1.00 42.70 ? 562 ASP A OD1 1 
ATOM   271  O  OD2 . ASP A 1 43 ? 6.572   0.109   -17.723 1.00 39.78 ? 562 ASP A OD2 1 
ATOM   272  N  N   . GLY A 1 44 ? 3.207   -2.888  -13.734 1.00 42.08 ? 563 GLY A N   1 
ATOM   273  C  CA  . GLY A 1 44 ? 3.234   -3.816  -12.617 1.00 45.73 ? 563 GLY A CA  1 
ATOM   274  C  C   . GLY A 1 44 ? 4.097   -3.363  -11.453 1.00 49.95 ? 563 GLY A C   1 
ATOM   275  O  O   . GLY A 1 44 ? 4.104   -3.996  -10.397 1.00 52.83 ? 563 GLY A O   1 
ATOM   276  N  N   . GLN A 1 45 ? 4.818   -2.262  -11.638 1.00 42.89 ? 564 GLN A N   1 
ATOM   277  C  CA  . GLN A 1 45 ? 5.694   -1.734  -10.598 1.00 38.91 ? 564 GLN A CA  1 
ATOM   278  C  C   . GLN A 1 45 ? 5.027   -0.620  -9.788  1.00 34.12 ? 564 GLN A C   1 
ATOM   279  O  O   . GLN A 1 45 ? 4.374   0.263   -10.345 1.00 31.69 ? 564 GLN A O   1 
ATOM   280  C  CB  . GLN A 1 45 ? 6.984   -1.217  -11.234 1.00 37.76 ? 564 GLN A CB  1 
ATOM   281  C  CG  . GLN A 1 45 ? 7.738   -2.287  -12.008 1.00 45.13 ? 564 GLN A CG  1 
ATOM   282  C  CD  . GLN A 1 45 ? 8.927   -1.736  -12.760 1.00 43.79 ? 564 GLN A CD  1 
ATOM   283  O  OE1 . GLN A 1 45 ? 9.821   -1.129  -12.173 1.00 42.93 ? 564 GLN A OE1 1 
ATOM   284  N  NE2 . GLN A 1 45 ? 8.945   -1.947  -14.071 1.00 43.10 ? 564 GLN A NE2 1 
ATOM   285  N  N   . LYS A 1 46 ? 5.200   -0.667  -8.471  1.00 34.93 ? 565 LYS A N   1 
ATOM   286  C  CA  . LYS A 1 46 ? 4.610   0.327   -7.586  1.00 30.47 ? 565 LYS A CA  1 
ATOM   287  C  C   . LYS A 1 46 ? 5.601   1.412   -7.175  1.00 33.05 ? 565 LYS A C   1 
ATOM   288  O  O   . LYS A 1 46 ? 6.744   1.123   -6.817  1.00 26.54 ? 565 LYS A O   1 
ATOM   289  C  CB  . LYS A 1 46 ? 4.040   -0.359  -6.342  1.00 35.61 ? 565 LYS A CB  1 
ATOM   290  C  CG  . LYS A 1 46 ? 2.833   -1.239  -6.635  1.00 38.12 ? 565 LYS A CG  1 
ATOM   291  C  CD  . LYS A 1 46 ? 2.226   -1.792  -5.359  1.00 51.49 ? 565 LYS A CD  1 
ATOM   292  C  CE  . LYS A 1 46 ? 0.973   -2.602  -5.646  1.00 49.29 ? 565 LYS A CE  1 
ATOM   293  N  NZ  . LYS A 1 46 ? -0.077  -1.783  -6.320  1.00 55.38 ? 565 LYS A NZ  1 
ATOM   294  N  N   . PHE A 1 47 ? 5.148   2.662   -7.233  1.00 25.25 ? 566 PHE A N   1 
ATOM   295  C  CA  . PHE A 1 47 ? 5.967   3.814   -6.870  1.00 19.02 ? 566 PHE A CA  1 
ATOM   296  C  C   . PHE A 1 47 ? 5.177   4.670   -5.883  1.00 15.06 ? 566 PHE A C   1 
ATOM   297  O  O   . PHE A 1 47 ? 3.998   4.943   -6.104  1.00 23.92 ? 566 PHE A O   1 
ATOM   298  C  CB  . PHE A 1 47 ? 6.295   4.628   -8.128  1.00 20.33 ? 566 PHE A CB  1 
ATOM   299  C  CG  . PHE A 1 47 ? 7.115   3.875   -9.129  1.00 16.42 ? 566 PHE A CG  1 
ATOM   300  C  CD1 . PHE A 1 47 ? 8.492   3.775   -8.976  1.00 19.61 ? 566 PHE A CD1 1 
ATOM   301  C  CD2 . PHE A 1 47 ? 6.503   3.209   -10.189 1.00 24.30 ? 566 PHE A CD2 1 
ATOM   302  C  CE1 . PHE A 1 47 ? 9.256   3.013   -9.866  1.00 27.26 ? 566 PHE A CE1 1 
ATOM   303  C  CE2 . PHE A 1 47 ? 7.254   2.446   -11.084 1.00 25.12 ? 566 PHE A CE2 1 
ATOM   304  C  CZ  . PHE A 1 47 ? 8.632   2.346   -10.922 1.00 22.87 ? 566 PHE A CZ  1 
ATOM   305  N  N   . GLN A 1 48 ? 5.819   5.092   -4.801  1.00 20.59 ? 567 GLN A N   1 
ATOM   306  C  CA  . GLN A 1 48 ? 5.127   5.907   -3.808  1.00 17.70 ? 567 GLN A CA  1 
ATOM   307  C  C   . GLN A 1 48 ? 5.751   7.276   -3.617  1.00 21.52 ? 567 GLN A C   1 
ATOM   308  O  O   . GLN A 1 48 ? 6.912   7.510   -3.971  1.00 21.88 ? 567 GLN A O   1 
ATOM   309  C  CB  . GLN A 1 48 ? 5.097   5.193   -2.458  1.00 22.50 ? 567 GLN A CB  1 
ATOM   310  C  CG  . GLN A 1 48 ? 4.700   3.735   -2.529  1.00 33.62 ? 567 GLN A CG  1 
ATOM   311  C  CD  . GLN A 1 48 ? 4.661   3.100   -1.158  1.00 33.29 ? 567 GLN A CD  1 
ATOM   312  O  OE1 . GLN A 1 48 ? 5.388   3.510   -0.258  1.00 36.55 ? 567 GLN A OE1 1 
ATOM   313  N  NE2 . GLN A 1 48 ? 3.823   2.085   -0.996  1.00 44.13 ? 567 GLN A NE2 1 
ATOM   314  N  N   . GLY A 1 49 ? 4.962   8.177   -3.041  1.00 18.82 ? 568 GLY A N   1 
ATOM   315  C  CA  . GLY A 1 49 ? 5.414   9.528   -2.778  1.00 14.22 ? 568 GLY A CA  1 
ATOM   316  C  C   . GLY A 1 49 ? 4.714   10.005  -1.527  1.00 16.39 ? 568 GLY A C   1 
ATOM   317  O  O   . GLY A 1 49 ? 3.532   9.707   -1.328  1.00 20.36 ? 568 GLY A O   1 
ATOM   318  N  N   . ALA A 1 50 ? 5.433   10.733  -0.680  1.00 17.81 ? 569 ALA A N   1 
ATOM   319  C  CA  . ALA A 1 50 ? 4.866   11.238  0.569   1.00 17.65 ? 569 ALA A CA  1 
ATOM   320  C  C   . ALA A 1 50 ? 4.925   12.759  0.636   1.00 21.39 ? 569 ALA A C   1 
ATOM   321  O  O   . ALA A 1 50 ? 5.692   13.390  -0.087  1.00 22.90 ? 569 ALA A O   1 
ATOM   322  C  CB  . ALA A 1 50 ? 5.615   10.633  1.766   1.00 17.66 ? 569 ALA A CB  1 
ATOM   323  N  N   . GLY A 1 51 ? 4.109   13.343  1.507   1.00 20.43 ? 570 GLY A N   1 
ATOM   324  C  CA  . GLY A 1 51 ? 4.090   14.788  1.649   1.00 20.08 ? 570 GLY A CA  1 
ATOM   325  C  C   . GLY A 1 51 ? 3.066   15.255  2.665   1.00 21.15 ? 570 GLY A C   1 
ATOM   326  O  O   . GLY A 1 51 ? 2.316   14.450  3.219   1.00 19.45 ? 570 GLY A O   1 
ATOM   327  N  N   . SER A 1 52 ? 3.033   16.561  2.904   1.00 18.69 ? 571 SER A N   1 
ATOM   328  C  CA  . SER A 1 52 ? 2.101   17.152  3.864   1.00 26.67 ? 571 SER A CA  1 
ATOM   329  C  C   . SER A 1 52 ? 0.694   17.320  3.301   1.00 26.93 ? 571 SER A C   1 
ATOM   330  O  O   . SER A 1 52 ? -0.256  17.594  4.037   1.00 25.36 ? 571 SER A O   1 
ATOM   331  C  CB  . SER A 1 52 ? 2.628   18.509  4.338   1.00 27.86 ? 571 SER A CB  1 
ATOM   332  O  OG  . SER A 1 52 ? 3.787   18.345  5.135   1.00 47.94 ? 571 SER A OG  1 
ATOM   333  N  N   . ASN A 1 53 ? 0.568   17.175  1.988   1.00 21.38 ? 572 ASN A N   1 
ATOM   334  C  CA  . ASN A 1 53 ? -0.726  17.280  1.337   1.00 19.11 ? 572 ASN A CA  1 
ATOM   335  C  C   . ASN A 1 53 ? -0.778  16.244  0.219   1.00 20.84 ? 572 ASN A C   1 
ATOM   336  O  O   . ASN A 1 53 ? 0.256   15.755  -0.233  1.00 19.16 ? 572 ASN A O   1 
ATOM   337  C  CB  . ASN A 1 53 ? -0.955  18.693  0.784   1.00 22.29 ? 572 ASN A CB  1 
ATOM   338  C  CG  . ASN A 1 53 ? 0.119   19.122  -0.186  1.00 20.82 ? 572 ASN A CG  1 
ATOM   339  O  OD1 . ASN A 1 53 ? 1.110   19.748  0.196   1.00 29.54 ? 572 ASN A OD1 1 
ATOM   340  N  ND2 . ASN A 1 53 ? -0.063  18.772  -1.449  1.00 15.92 ? 572 ASN A ND2 1 
ATOM   341  N  N   . LYS A 1 54 ? -1.987  15.911  -0.217  1.00 15.21 ? 573 LYS A N   1 
ATOM   342  C  CA  . LYS A 1 54 ? -2.186  14.910  -1.260  1.00 20.71 ? 573 LYS A CA  1 
ATOM   343  C  C   . LYS A 1 54 ? -1.568  15.248  -2.612  1.00 16.31 ? 573 LYS A C   1 
ATOM   344  O  O   . LYS A 1 54 ? -1.019  14.374  -3.285  1.00 19.41 ? 573 LYS A O   1 
ATOM   345  C  CB  . LYS A 1 54 ? -3.681  14.645  -1.443  1.00 22.14 ? 573 LYS A CB  1 
ATOM   346  C  CG  . LYS A 1 54 ? -4.328  13.928  -0.273  1.00 23.02 ? 573 LYS A CG  1 
ATOM   347  C  CD  . LYS A 1 54 ? -5.835  13.821  -0.480  1.00 40.52 ? 573 LYS A CD  1 
ATOM   348  C  CE  . LYS A 1 54 ? -6.503  13.089  0.676   1.00 42.37 ? 573 LYS A CE  1 
ATOM   349  N  NZ  . LYS A 1 54 ? -7.986  13.068  0.534   1.00 48.43 ? 573 LYS A NZ  1 
ATOM   350  N  N   . LYS A 1 55 ? -1.665  16.511  -3.007  1.00 19.04 ? 574 LYS A N   1 
ATOM   351  C  CA  . LYS A 1 55 ? -1.122  16.956  -4.284  1.00 22.37 ? 574 LYS A CA  1 
ATOM   352  C  C   . LYS A 1 55 ? 0.378   16.680  -4.405  1.00 17.00 ? 574 LYS A C   1 
ATOM   353  O  O   . LYS A 1 55 ? 0.832   16.129  -5.409  1.00 16.15 ? 574 LYS A O   1 
ATOM   354  C  CB  . LYS A 1 55 ? -1.389  18.452  -4.475  1.00 23.45 ? 574 LYS A CB  1 
ATOM   355  C  CG  . LYS A 1 55 ? -0.988  18.984  -5.837  1.00 25.95 ? 574 LYS A CG  1 
ATOM   356  C  CD  . LYS A 1 55 ? -1.247  20.490  -5.963  1.00 37.63 ? 574 LYS A CD  1 
ATOM   357  C  CE  . LYS A 1 55 ? -2.722  20.825  -5.803  1.00 37.67 ? 574 LYS A CE  1 
ATOM   358  N  NZ  . LYS A 1 55 ? -3.558  20.100  -6.799  1.00 52.23 ? 574 LYS A NZ  1 
ATOM   359  N  N   . VAL A 1 56 ? 1.153   17.060  -3.391  1.00 16.10 ? 575 VAL A N   1 
ATOM   360  C  CA  . VAL A 1 56 ? 2.599   16.832  -3.448  1.00 17.73 ? 575 VAL A CA  1 
ATOM   361  C  C   . VAL A 1 56 ? 2.950   15.351  -3.276  1.00 17.84 ? 575 VAL A C   1 
ATOM   362  O  O   . VAL A 1 56 ? 3.950   14.866  -3.825  1.00 12.43 ? 575 VAL A O   1 
ATOM   363  C  CB  . VAL A 1 56 ? 3.346   17.689  -2.388  1.00 18.65 ? 575 VAL A CB  1 
ATOM   364  C  CG1 . VAL A 1 56 ? 3.172   17.100  -1.002  1.00 20.49 ? 575 VAL A CG1 1 
ATOM   365  C  CG2 . VAL A 1 56 ? 4.806   17.806  -2.759  1.00 23.98 ? 575 VAL A CG2 1 
ATOM   366  N  N   . ALA A 1 57 ? 2.132   14.624  -2.518  1.00 16.18 ? 576 ALA A N   1 
ATOM   367  C  CA  . ALA A 1 57 ? 2.374   13.195  -2.319  1.00 15.19 ? 576 ALA A CA  1 
ATOM   368  C  C   . ALA A 1 57 ? 2.196   12.513  -3.671  1.00 17.32 ? 576 ALA A C   1 
ATOM   369  O  O   . ALA A 1 57 ? 2.991   11.659  -4.064  1.00 18.75 ? 576 ALA A O   1 
ATOM   370  C  CB  . ALA A 1 57 ? 1.385   12.618  -1.306  1.00 21.02 ? 576 ALA A CB  1 
ATOM   371  N  N   . LYS A 1 58 ? 1.152   12.904  -4.391  1.00 15.44 ? 577 LYS A N   1 
ATOM   372  C  CA  . LYS A 1 58 ? 0.909   12.327  -5.706  1.00 17.63 ? 577 LYS A CA  1 
ATOM   373  C  C   . LYS A 1 58 ? 2.056   12.686  -6.652  1.00 12.23 ? 577 LYS A C   1 
ATOM   374  O  O   . LYS A 1 58 ? 2.540   11.842  -7.405  1.00 15.38 ? 577 LYS A O   1 
ATOM   375  C  CB  . LYS A 1 58 ? -0.418  12.832  -6.286  1.00 21.28 ? 577 LYS A CB  1 
ATOM   376  C  CG  . LYS A 1 58 ? -0.681  12.303  -7.690  1.00 34.85 ? 577 LYS A CG  1 
ATOM   377  C  CD  . LYS A 1 58 ? -1.963  12.847  -8.312  1.00 40.44 ? 577 LYS A CD  1 
ATOM   378  C  CE  . LYS A 1 58 ? -3.197  12.363  -7.577  1.00 47.26 ? 577 LYS A CE  1 
ATOM   379  N  NZ  . LYS A 1 58 ? -4.450  12.801  -8.261  1.00 58.29 ? 577 LYS A NZ  1 
ATOM   380  N  N   . ALA A 1 59 ? 2.493   13.942  -6.608  1.00 17.67 ? 578 ALA A N   1 
ATOM   381  C  CA  . ALA A 1 59 ? 3.578   14.394  -7.468  1.00 16.52 ? 578 ALA A CA  1 
ATOM   382  C  C   . ALA A 1 59 ? 4.862   13.608  -7.192  1.00 20.48 ? 578 ALA A C   1 
ATOM   383  O  O   . ALA A 1 59 ? 5.594   13.258  -8.119  1.00 16.18 ? 578 ALA A O   1 
ATOM   384  C  CB  . ALA A 1 59 ? 3.812   15.892  -7.273  1.00 16.71 ? 578 ALA A CB  1 
ATOM   385  N  N   . TYR A 1 60 ? 5.148   13.325  -5.922  1.00 13.92 ? 579 TYR A N   1 
ATOM   386  C  CA  . TYR A 1 60 ? 6.358   12.566  -5.614  1.00 16.74 ? 579 TYR A CA  1 
ATOM   387  C  C   . TYR A 1 60 ? 6.244   11.125  -6.096  1.00 16.09 ? 579 TYR A C   1 
ATOM   388  O  O   . TYR A 1 60 ? 7.243   10.511  -6.480  1.00 17.89 ? 579 TYR A O   1 
ATOM   389  C  CB  . TYR A 1 60 ? 6.657   12.600  -4.121  1.00 14.21 ? 579 TYR A CB  1 
ATOM   390  C  CG  . TYR A 1 60 ? 7.551   13.751  -3.736  1.00 13.86 ? 579 TYR A CG  1 
ATOM   391  C  CD1 . TYR A 1 60 ? 7.086   14.790  -2.934  1.00 13.52 ? 579 TYR A CD1 1 
ATOM   392  C  CD2 . TYR A 1 60 ? 8.875   13.792  -4.171  1.00 18.29 ? 579 TYR A CD2 1 
ATOM   393  C  CE1 . TYR A 1 60 ? 7.932   15.855  -2.561  1.00 15.34 ? 579 TYR A CE1 1 
ATOM   394  C  CE2 . TYR A 1 60 ? 9.726   14.838  -3.817  1.00 17.21 ? 579 TYR A CE2 1 
ATOM   395  C  CZ  . TYR A 1 60 ? 9.253   15.862  -3.013  1.00 14.50 ? 579 TYR A CZ  1 
ATOM   396  O  OH  . TYR A 1 60 ? 10.115  16.866  -2.644  1.00 16.89 ? 579 TYR A OH  1 
ATOM   397  N  N   . ALA A 1 61 ? 5.028   10.589  -6.080  1.00 13.75 ? 580 ALA A N   1 
ATOM   398  C  CA  . ALA A 1 61 ? 4.796   9.224   -6.547  1.00 16.23 ? 580 ALA A CA  1 
ATOM   399  C  C   . ALA A 1 61 ? 5.114   9.157   -8.034  1.00 12.99 ? 580 ALA A C   1 
ATOM   400  O  O   . ALA A 1 61 ? 5.741   8.207   -8.503  1.00 17.75 ? 580 ALA A O   1 
ATOM   401  C  CB  . ALA A 1 61 ? 3.343   8.812   -6.303  1.00 16.99 ? 580 ALA A CB  1 
ATOM   402  N  N   . ALA A 1 62 ? 4.683   10.170  -8.780  1.00 14.64 ? 581 ALA A N   1 
ATOM   403  C  CA  . ALA A 1 62 ? 4.956   10.193  -10.215 1.00 15.66 ? 581 ALA A CA  1 
ATOM   404  C  C   . ALA A 1 62 ? 6.457   10.406  -10.433 1.00 15.43 ? 581 ALA A C   1 
ATOM   405  O  O   . ALA A 1 62 ? 7.071   9.761   -11.282 1.00 20.69 ? 581 ALA A O   1 
ATOM   406  C  CB  . ALA A 1 62 ? 4.147   11.311  -10.896 1.00 13.60 ? 581 ALA A CB  1 
ATOM   407  N  N   . LEU A 1 63 ? 7.051   11.304  -9.651  1.00 14.63 ? 582 LEU A N   1 
ATOM   408  C  CA  . LEU A 1 63 ? 8.484   11.576  -9.772  1.00 17.61 ? 582 LEU A CA  1 
ATOM   409  C  C   . LEU A 1 63 ? 9.308   10.296  -9.601  1.00 20.62 ? 582 LEU A C   1 
ATOM   410  O  O   . LEU A 1 63 ? 10.297  10.081  -10.310 1.00 17.50 ? 582 LEU A O   1 
ATOM   411  C  CB  . LEU A 1 63 ? 8.922   12.603  -8.723  1.00 19.50 ? 582 LEU A CB  1 
ATOM   412  C  CG  . LEU A 1 63 ? 10.395  13.013  -8.788  1.00 21.61 ? 582 LEU A CG  1 
ATOM   413  C  CD1 . LEU A 1 63 ? 10.670  13.669  -10.135 1.00 21.93 ? 582 LEU A CD1 1 
ATOM   414  C  CD2 . LEU A 1 63 ? 10.717  13.979  -7.665  1.00 29.20 ? 582 LEU A CD2 1 
ATOM   415  N  N   . ALA A 1 64 ? 8.907   9.457   -8.650  1.00 16.21 ? 583 ALA A N   1 
ATOM   416  C  CA  . ALA A 1 64 ? 9.603   8.204   -8.392  1.00 17.16 ? 583 ALA A CA  1 
ATOM   417  C  C   . ALA A 1 64 ? 9.509   7.294   -9.615  1.00 20.55 ? 583 ALA A C   1 
ATOM   418  O  O   . ALA A 1 64 ? 10.479  6.633   -9.991  1.00 18.95 ? 583 ALA A O   1 
ATOM   419  C  CB  . ALA A 1 64 ? 9.001   7.516   -7.171  1.00 22.86 ? 583 ALA A CB  1 
ATOM   420  N  N   . ALA A 1 65 ? 8.338   7.260   -10.240 1.00 16.84 ? 584 ALA A N   1 
ATOM   421  C  CA  . ALA A 1 65 ? 8.151   6.443   -11.431 1.00 16.98 ? 584 ALA A CA  1 
ATOM   422  C  C   . ALA A 1 65 ? 9.039   6.990   -12.549 1.00 21.73 ? 584 ALA A C   1 
ATOM   423  O  O   . ALA A 1 65 ? 9.720   6.238   -13.245 1.00 19.16 ? 584 ALA A O   1 
ATOM   424  C  CB  . ALA A 1 65 ? 6.678   6.466   -11.865 1.00 16.15 ? 584 ALA A CB  1 
ATOM   425  N  N   . LEU A 1 66 ? 9.038   8.308   -12.705 1.00 13.45 ? 585 LEU A N   1 
ATOM   426  C  CA  . LEU A 1 66 ? 9.843   8.941   -13.747 1.00 16.49 ? 585 LEU A CA  1 
ATOM   427  C  C   . LEU A 1 66 ? 11.348  8.752   -13.534 1.00 19.42 ? 585 LEU A C   1 
ATOM   428  O  O   . LEU A 1 66 ? 12.093  8.570   -14.499 1.00 18.62 ? 585 LEU A O   1 
ATOM   429  C  CB  . LEU A 1 66 ? 9.524   10.438  -13.828 1.00 15.04 ? 585 LEU A CB  1 
ATOM   430  C  CG  . LEU A 1 66 ? 8.155   10.830  -14.392 1.00 18.40 ? 585 LEU A CG  1 
ATOM   431  C  CD1 . LEU A 1 66 ? 7.969   12.345  -14.266 1.00 16.49 ? 585 LEU A CD1 1 
ATOM   432  C  CD2 . LEU A 1 66 ? 8.048   10.386  -15.864 1.00 17.42 ? 585 LEU A CD2 1 
ATOM   433  N  N   . GLU A 1 67 ? 11.798  8.799   -12.283 1.00 19.86 ? 586 GLU A N   1 
ATOM   434  C  CA  . GLU A 1 67 ? 13.226  8.641   -11.995 1.00 21.75 ? 586 GLU A CA  1 
ATOM   435  C  C   . GLU A 1 67 ? 13.722  7.254   -12.348 1.00 22.72 ? 586 GLU A C   1 
ATOM   436  O  O   . GLU A 1 67 ? 14.882  7.075   -12.699 1.00 26.46 ? 586 GLU A O   1 
ATOM   437  C  CB  . GLU A 1 67 ? 13.517  8.916   -10.517 1.00 21.36 ? 586 GLU A CB  1 
ATOM   438  C  CG  . GLU A 1 67 ? 13.472  10.384  -10.139 1.00 40.00 ? 586 GLU A CG  1 
ATOM   439  C  CD  . GLU A 1 67 ? 13.769  10.619  -8.666  1.00 53.18 ? 586 GLU A CD  1 
ATOM   440  O  OE1 . GLU A 1 67 ? 14.871  10.253  -8.209  1.00 55.80 ? 586 GLU A OE1 1 
ATOM   441  O  OE2 . GLU A 1 67 ? 12.898  11.174  -7.964  1.00 64.28 ? 586 GLU A OE2 1 
ATOM   442  N  N   . LYS A 1 68 ? 12.834  6.275   -12.263 1.00 22.41 ? 587 LYS A N   1 
ATOM   443  C  CA  . LYS A 1 68 ? 13.188  4.898   -12.570 1.00 24.85 ? 587 LYS A CA  1 
ATOM   444  C  C   . LYS A 1 68 ? 13.032  4.565   -14.052 1.00 24.60 ? 587 LYS A C   1 
ATOM   445  O  O   . LYS A 1 68 ? 13.972  4.094   -14.692 1.00 25.22 ? 587 LYS A O   1 
ATOM   446  C  CB  . LYS A 1 68 ? 12.313  3.948   -11.743 1.00 22.39 ? 587 LYS A CB  1 
ATOM   447  C  CG  . LYS A 1 68 ? 12.561  2.464   -12.003 1.00 35.06 ? 587 LYS A CG  1 
ATOM   448  C  CD  . LYS A 1 68 ? 13.962  2.055   -11.575 1.00 43.86 ? 587 LYS A CD  1 
ATOM   449  C  CE  . LYS A 1 68 ? 14.190  0.560   -11.769 1.00 45.75 ? 587 LYS A CE  1 
ATOM   450  N  NZ  . LYS A 1 68 ? 13.226  -0.251  -10.978 1.00 46.00 ? 587 LYS A NZ  1 
ATOM   451  N  N   . LEU A 1 69 ? 11.847  4.827   -14.591 1.00 19.11 ? 588 LEU A N   1 
ATOM   452  C  CA  . LEU A 1 69 ? 11.527  4.500   -15.982 1.00 16.63 ? 588 LEU A CA  1 
ATOM   453  C  C   . LEU A 1 69 ? 11.844  5.553   -17.049 1.00 19.73 ? 588 LEU A C   1 
ATOM   454  O  O   . LEU A 1 69 ? 11.985  5.216   -18.226 1.00 21.05 ? 588 LEU A O   1 
ATOM   455  C  CB  . LEU A 1 69 ? 10.043  4.146   -16.072 1.00 20.24 ? 588 LEU A CB  1 
ATOM   456  C  CG  . LEU A 1 69 ? 9.529   3.162   -15.015 1.00 18.85 ? 588 LEU A CG  1 
ATOM   457  C  CD1 . LEU A 1 69 ? 8.015   3.077   -15.084 1.00 22.08 ? 588 LEU A CD1 1 
ATOM   458  C  CD2 . LEU A 1 69 ? 10.170  1.800   -15.222 1.00 17.95 ? 588 LEU A CD2 1 
ATOM   459  N  N   . PHE A 1 70 ? 11.944  6.819   -16.656 1.00 18.40 ? 589 PHE A N   1 
ATOM   460  C  CA  . PHE A 1 70 ? 12.215  7.885   -17.618 1.00 19.28 ? 589 PHE A CA  1 
ATOM   461  C  C   . PHE A 1 70 ? 13.210  8.888   -17.061 1.00 18.21 ? 589 PHE A C   1 
ATOM   462  O  O   . PHE A 1 70 ? 12.898  10.073  -16.885 1.00 17.46 ? 589 PHE A O   1 
ATOM   463  C  CB  . PHE A 1 70 ? 10.894  8.560   -17.993 1.00 17.76 ? 589 PHE A CB  1 
ATOM   464  C  CG  . PHE A 1 70 ? 9.881   7.597   -18.553 1.00 19.83 ? 589 PHE A CG  1 
ATOM   465  C  CD1 . PHE A 1 70 ? 9.991   7.134   -19.861 1.00 19.16 ? 589 PHE A CD1 1 
ATOM   466  C  CD2 . PHE A 1 70 ? 8.884   7.067   -17.738 1.00 21.23 ? 589 PHE A CD2 1 
ATOM   467  C  CE1 . PHE A 1 70 ? 9.126   6.155   -20.345 1.00 23.07 ? 589 PHE A CE1 1 
ATOM   468  C  CE2 . PHE A 1 70 ? 8.015   6.091   -18.211 1.00 17.62 ? 589 PHE A CE2 1 
ATOM   469  C  CZ  . PHE A 1 70 ? 8.140   5.629   -19.518 1.00 21.64 ? 589 PHE A CZ  1 
ATOM   470  N  N   . PRO A 1 71 ? 14.435  8.422   -16.788 1.00 21.65 ? 590 PRO A N   1 
ATOM   471  C  CA  . PRO A 1 71 ? 15.535  9.217   -16.237 1.00 24.16 ? 590 PRO A CA  1 
ATOM   472  C  C   . PRO A 1 71 ? 15.830  10.522  -16.965 1.00 22.14 ? 590 PRO A C   1 
ATOM   473  O  O   . PRO A 1 71 ? 16.158  11.525  -16.333 1.00 26.44 ? 590 PRO A O   1 
ATOM   474  C  CB  . PRO A 1 71 ? 16.726  8.258   -16.306 1.00 26.94 ? 590 PRO A CB  1 
ATOM   475  C  CG  . PRO A 1 71 ? 16.094  6.915   -16.239 1.00 35.88 ? 590 PRO A CG  1 
ATOM   476  C  CD  . PRO A 1 71 ? 14.902  7.067   -17.129 1.00 19.74 ? 590 PRO A CD  1 
ATOM   477  N  N   . ASP A 1 72 ? 15.716  10.513  -18.289 1.00 24.32 ? 591 ASP A N   1 
ATOM   478  C  CA  . ASP A 1 72 ? 16.021  11.708  -19.069 1.00 27.67 ? 591 ASP A CA  1 
ATOM   479  C  C   . ASP A 1 72 ? 14.929  12.763  -19.125 1.00 29.59 ? 591 ASP A C   1 
ATOM   480  O  O   . ASP A 1 72 ? 15.165  13.865  -19.616 1.00 32.75 ? 591 ASP A O   1 
ATOM   481  C  CB  . ASP A 1 72 ? 16.413  11.336  -20.500 1.00 28.34 ? 591 ASP A CB  1 
ATOM   482  C  CG  . ASP A 1 72 ? 17.601  10.405  -20.556 1.00 40.31 ? 591 ASP A CG  1 
ATOM   483  O  OD1 . ASP A 1 72 ? 18.626  10.706  -19.916 1.00 46.18 ? 591 ASP A OD1 1 
ATOM   484  O  OD2 . ASP A 1 72 ? 17.510  9.370   -21.248 1.00 49.59 ? 591 ASP A OD2 1 
ATOM   485  N  N   . THR A 1 73 ? 13.741  12.446  -18.626 1.00 26.00 ? 592 THR A N   1 
ATOM   486  C  CA  . THR A 1 73 ? 12.649  13.416  -18.654 1.00 30.99 ? 592 THR A CA  1 
ATOM   487  C  C   . THR A 1 73 ? 13.011  14.672  -17.879 1.00 33.86 ? 592 THR A C   1 
ATOM   488  O  O   . THR A 1 73 ? 13.271  14.620  -16.679 1.00 28.87 ? 592 THR A O   1 
ATOM   489  C  CB  . THR A 1 73 ? 11.354  12.842  -18.057 1.00 34.58 ? 592 THR A CB  1 
ATOM   490  O  OG1 . THR A 1 73 ? 10.971  11.674  -18.786 1.00 37.82 ? 592 THR A OG1 1 
ATOM   491  C  CG2 . THR A 1 73 ? 10.229  13.865  -18.144 1.00 37.44 ? 592 THR A CG2 1 
ATOM   492  N  N   . PRO A 1 74 ? 13.043  15.823  -18.562 1.00 36.47 ? 593 PRO A N   1 
ATOM   493  C  CA  . PRO A 1 74 ? 13.379  17.083  -17.899 1.00 44.26 ? 593 PRO A CA  1 
ATOM   494  C  C   . PRO A 1 74 ? 12.313  17.493  -16.894 1.00 47.59 ? 593 PRO A C   1 
ATOM   495  O  O   . PRO A 1 74 ? 11.126  17.513  -17.215 1.00 58.34 ? 593 PRO A O   1 
ATOM   496  C  CB  . PRO A 1 74 ? 13.479  18.066  -19.062 1.00 43.37 ? 593 PRO A CB  1 
ATOM   497  C  CG  . PRO A 1 74 ? 13.934  17.200  -20.196 1.00 45.61 ? 593 PRO A CG  1 
ATOM   498  C  CD  . PRO A 1 74 ? 13.056  15.986  -20.026 1.00 37.56 ? 593 PRO A CD  1 
ATOM   499  N  N   . LEU A 1 75 ? 12.737  17.810  -15.676 1.00 48.50 ? 594 LEU A N   1 
ATOM   500  C  CA  . LEU A 1 75 ? 11.809  18.239  -14.636 1.00 51.02 ? 594 LEU A CA  1 
ATOM   501  C  C   . LEU A 1 75 ? 11.668  19.759  -14.688 1.00 53.79 ? 594 LEU A C   1 
ATOM   502  O  O   . LEU A 1 75 ? 12.092  20.438  -13.730 1.00 52.94 ? 594 LEU A O   1 
ATOM   503  C  CB  . LEU A 1 75 ? 12.308  17.809  -13.253 1.00 52.48 ? 594 LEU A CB  1 
ATOM   504  C  CG  . LEU A 1 75 ? 11.437  18.216  -12.056 1.00 52.59 ? 594 LEU A CG  1 
ATOM   505  C  CD1 . LEU A 1 75 ? 10.046  17.606  -12.192 1.00 47.29 ? 594 LEU A CD1 1 
ATOM   506  C  CD2 . LEU A 1 75 ? 12.097  17.764  -10.766 1.00 50.64 ? 594 LEU A CD2 1 
ATOM   507  O  OXT . LEU A 1 75 ? 11.141  20.252  -15.704 1.00 67.77 ? 594 LEU A OXT 1 
ATOM   508  N  N   . GLY B 1 6  ? -8.220  -24.695 16.712  1.00 47.63 ? 525 GLY B N   1 
ATOM   509  C  CA  . GLY B 1 6  ? -8.434  -23.517 17.601  1.00 48.23 ? 525 GLY B CA  1 
ATOM   510  C  C   . GLY B 1 6  ? -8.651  -22.234 16.823  1.00 47.81 ? 525 GLY B C   1 
ATOM   511  O  O   . GLY B 1 6  ? -8.565  -22.227 15.598  1.00 51.97 ? 525 GLY B O   1 
ATOM   512  N  N   . LYS B 1 7  ? -8.932  -21.146 17.537  1.00 46.55 ? 526 LYS B N   1 
ATOM   513  C  CA  . LYS B 1 7  ? -9.163  -19.849 16.911  1.00 47.82 ? 526 LYS B CA  1 
ATOM   514  C  C   . LYS B 1 7  ? -7.858  -19.132 16.563  1.00 37.41 ? 526 LYS B C   1 
ATOM   515  O  O   . LYS B 1 7  ? -6.798  -19.738 16.519  1.00 55.97 ? 526 LYS B O   1 
ATOM   516  C  CB  . LYS B 1 7  ? -10.016 -18.964 17.827  1.00 48.50 ? 526 LYS B CB  1 
ATOM   517  C  CG  . LYS B 1 7  ? -10.359 -19.587 19.172  1.00 55.05 ? 526 LYS B CG  1 
ATOM   518  C  CD  . LYS B 1 7  ? -9.117  -19.794 20.022  1.00 54.60 ? 526 LYS B CD  1 
ATOM   519  C  CE  . LYS B 1 7  ? -9.453  -20.463 21.342  1.00 65.05 ? 526 LYS B CE  1 
ATOM   520  N  NZ  . LYS B 1 7  ? -8.240  -20.629 22.189  1.00 64.34 ? 526 LYS B NZ  1 
ATOM   521  N  N   . ASN B 1 8  ? -7.949  -17.836 16.314  1.00 43.29 ? 527 ASN B N   1 
ATOM   522  C  CA  . ASN B 1 8  ? -6.796  -17.020 15.955  1.00 34.34 ? 527 ASN B CA  1 
ATOM   523  C  C   . ASN B 1 8  ? -6.027  -17.552 14.747  1.00 30.76 ? 527 ASN B C   1 
ATOM   524  O  O   . ASN B 1 8  ? -5.075  -18.332 14.874  1.00 24.00 ? 527 ASN B O   1 
ATOM   525  C  CB  . ASN B 1 8  ? -5.850  -16.847 17.139  1.00 30.68 ? 527 ASN B CB  1 
ATOM   526  C  CG  . ASN B 1 8  ? -4.928  -15.660 16.960  1.00 28.33 ? 527 ASN B CG  1 
ATOM   527  O  OD1 . ASN B 1 8  ? -4.111  -15.633 16.042  1.00 26.85 ? 527 ASN B OD1 1 
ATOM   528  N  ND2 . ASN B 1 8  ? -5.064  -14.663 17.827  1.00 32.82 ? 527 ASN B ND2 1 
ATOM   529  N  N   . PRO B 1 9  ? -6.428  -17.106 13.550  1.00 19.97 ? 528 PRO B N   1 
ATOM   530  C  CA  . PRO B 1 9  ? -5.850  -17.476 12.255  1.00 19.53 ? 528 PRO B CA  1 
ATOM   531  C  C   . PRO B 1 9  ? -4.350  -17.238 12.184  1.00 20.06 ? 528 PRO B C   1 
ATOM   532  O  O   . PRO B 1 9  ? -3.619  -18.013 11.561  1.00 21.29 ? 528 PRO B O   1 
ATOM   533  C  CB  . PRO B 1 9  ? -6.618  -16.593 11.266  1.00 19.79 ? 528 PRO B CB  1 
ATOM   534  C  CG  . PRO B 1 9  ? -7.946  -16.411 11.934  1.00 29.63 ? 528 PRO B CG  1 
ATOM   535  C  CD  . PRO B 1 9  ? -7.548  -16.164 13.372  1.00 25.03 ? 528 PRO B CD  1 
ATOM   536  N  N   . VAL B 1 10 ? -3.895  -16.162 12.819  1.00 18.81 ? 529 VAL B N   1 
ATOM   537  C  CA  . VAL B 1 10 ? -2.478  -15.828 12.813  1.00 16.36 ? 529 VAL B CA  1 
ATOM   538  C  C   . VAL B 1 10 ? -1.698  -16.925 13.543  1.00 21.32 ? 529 VAL B C   1 
ATOM   539  O  O   . VAL B 1 10 ? -0.651  -17.376 13.071  1.00 20.28 ? 529 VAL B O   1 
ATOM   540  C  CB  . VAL B 1 10 ? -2.236  -14.456 13.486  1.00 16.25 ? 529 VAL B CB  1 
ATOM   541  C  CG1 . VAL B 1 10 ? -0.739  -14.197 13.652  1.00 20.40 ? 529 VAL B CG1 1 
ATOM   542  C  CG2 . VAL B 1 10 ? -2.867  -13.353 12.635  1.00 23.06 ? 529 VAL B CG2 1 
HETATM 543  N  N   . MSE B 1 11 ? -2.228  -17.355 14.684  1.00 16.93 ? 530 MSE B N   1 
HETATM 544  C  CA  . MSE B 1 11 ? -1.610  -18.410 15.485  1.00 21.47 ? 530 MSE B CA  1 
HETATM 545  C  C   . MSE B 1 11 ? -1.601  -19.742 14.731  1.00 20.24 ? 530 MSE B C   1 
HETATM 546  O  O   . MSE B 1 11 ? -0.598  -20.469 14.723  1.00 20.50 ? 530 MSE B O   1 
HETATM 547  C  CB  . MSE B 1 11 ? -2.395  -18.598 16.780  1.00 25.56 ? 530 MSE B CB  1 
HETATM 548  C  CG  . MSE B 1 11 ? -1.655  -19.356 17.855  1.00 52.95 ? 530 MSE B CG  1 
HETATM 549  SE SE  . MSE B 1 11 ? -0.681  -18.122 18.967  1.00 70.13 ? 530 MSE B SE  1 
HETATM 550  C  CE  . MSE B 1 11 ? -2.175  -17.467 19.984  1.00 47.26 ? 530 MSE B CE  1 
ATOM   551  N  N   . GLU B 1 12 ? -2.728  -20.071 14.111  1.00 25.40 ? 531 GLU B N   1 
ATOM   552  C  CA  . GLU B 1 12 ? -2.839  -21.324 13.367  1.00 22.94 ? 531 GLU B CA  1 
ATOM   553  C  C   . GLU B 1 12 ? -1.949  -21.358 12.131  1.00 23.92 ? 531 GLU B C   1 
ATOM   554  O  O   . GLU B 1 12 ? -1.346  -22.385 11.828  1.00 22.25 ? 531 GLU B O   1 
ATOM   555  C  CB  . GLU B 1 12 ? -4.291  -21.579 12.971  1.00 20.45 ? 531 GLU B CB  1 
ATOM   556  C  CG  . GLU B 1 12 ? -5.189  -21.907 14.153  1.00 23.79 ? 531 GLU B CG  1 
ATOM   557  C  CD  . GLU B 1 12 ? -4.697  -23.105 14.940  1.00 30.07 ? 531 GLU B CD  1 
ATOM   558  O  OE1 . GLU B 1 12 ? -4.394  -24.144 14.313  1.00 24.86 ? 531 GLU B OE1 1 
ATOM   559  O  OE2 . GLU B 1 12 ? -4.617  -23.012 16.183  1.00 25.97 ? 531 GLU B OE2 1 
ATOM   560  N  N   . LEU B 1 13 ? -1.866  -20.242 11.415  1.00 18.07 ? 532 LEU B N   1 
ATOM   561  C  CA  . LEU B 1 13 ? -1.017  -20.182 10.228  1.00 16.07 ? 532 LEU B CA  1 
ATOM   562  C  C   . LEU B 1 13 ? 0.445   -20.331 10.661  1.00 20.92 ? 532 LEU B C   1 
ATOM   563  O  O   . LEU B 1 13 ? 1.263   -20.945 9.972   1.00 21.70 ? 532 LEU B O   1 
ATOM   564  C  CB  . LEU B 1 13 ? -1.207  -18.844 9.508   1.00 12.48 ? 532 LEU B CB  1 
ATOM   565  C  CG  . LEU B 1 13 ? -0.332  -18.590 8.273   1.00 14.55 ? 532 LEU B CG  1 
ATOM   566  C  CD1 . LEU B 1 13 ? -0.548  -19.700 7.245   1.00 16.11 ? 532 LEU B CD1 1 
ATOM   567  C  CD2 . LEU B 1 13 ? -0.670  -17.226 7.676   1.00 17.16 ? 532 LEU B CD2 1 
ATOM   568  N  N   . ASN B 1 14 ? 0.761   -19.757 11.814  1.00 18.19 ? 533 ASN B N   1 
ATOM   569  C  CA  . ASN B 1 14 ? 2.107   -19.817 12.374  1.00 20.50 ? 533 ASN B CA  1 
ATOM   570  C  C   . ASN B 1 14 ? 2.547   -21.264 12.638  1.00 23.29 ? 533 ASN B C   1 
ATOM   571  O  O   . ASN B 1 14 ? 3.740   -21.566 12.637  1.00 26.54 ? 533 ASN B O   1 
ATOM   572  C  CB  . ASN B 1 14 ? 2.148   -19.006 13.674  1.00 28.12 ? 533 ASN B CB  1 
ATOM   573  C  CG  . ASN B 1 14 ? 3.527   -18.960 14.294  1.00 27.03 ? 533 ASN B CG  1 
ATOM   574  O  OD1 . ASN B 1 14 ? 3.743   -19.467 15.395  1.00 29.03 ? 533 ASN B OD1 1 
ATOM   575  N  ND2 . ASN B 1 14 ? 4.465   -18.347 13.592  1.00 20.31 ? 533 ASN B ND2 1 
ATOM   576  N  N   . GLU B 1 15 ? 1.584   -22.151 12.871  1.00 25.73 ? 534 GLU B N   1 
ATOM   577  C  CA  . GLU B 1 15 ? 1.885   -23.562 13.118  1.00 28.70 ? 534 GLU B CA  1 
ATOM   578  C  C   . GLU B 1 15 ? 2.298   -24.247 11.807  1.00 32.28 ? 534 GLU B C   1 
ATOM   579  O  O   . GLU B 1 15 ? 2.935   -25.305 11.813  1.00 24.41 ? 534 GLU B O   1 
ATOM   580  C  CB  . GLU B 1 15 ? 0.662   -24.265 13.715  1.00 23.75 ? 534 GLU B CB  1 
ATOM   581  C  CG  . GLU B 1 15 ? 0.326   -23.828 15.136  1.00 21.53 ? 534 GLU B CG  1 
ATOM   582  C  CD  . GLU B 1 15 ? 1.355   -24.303 16.136  1.00 22.18 ? 534 GLU B CD  1 
ATOM   583  O  OE1 . GLU B 1 15 ? 1.483   -25.533 16.313  1.00 27.50 ? 534 GLU B OE1 1 
ATOM   584  O  OE2 . GLU B 1 15 ? 2.040   -23.453 16.741  1.00 29.89 ? 534 GLU B OE2 1 
ATOM   585  N  N   . LYS B 1 16 ? 1.935   -23.632 10.685  1.00 25.44 ? 535 LYS B N   1 
ATOM   586  C  CA  . LYS B 1 16 ? 2.270   -24.169 9.370   1.00 24.09 ? 535 LYS B CA  1 
ATOM   587  C  C   . LYS B 1 16 ? 3.551   -23.535 8.846   1.00 27.00 ? 535 LYS B C   1 
ATOM   588  O  O   . LYS B 1 16 ? 4.397   -24.207 8.252   1.00 23.35 ? 535 LYS B O   1 
ATOM   589  C  CB  . LYS B 1 16 ? 1.131   -23.894 8.383   1.00 22.96 ? 535 LYS B CB  1 
ATOM   590  C  CG  . LYS B 1 16 ? -0.153  -24.660 8.669   1.00 35.31 ? 535 LYS B CG  1 
ATOM   591  C  CD  . LYS B 1 16 ? 0.029   -26.140 8.387   1.00 43.28 ? 535 LYS B CD  1 
ATOM   592  C  CE  . LYS B 1 16 ? -1.240  -26.917 8.676   1.00 43.38 ? 535 LYS B CE  1 
ATOM   593  N  NZ  . LYS B 1 16 ? -1.608  -26.855 10.115  1.00 50.34 ? 535 LYS B NZ  1 
ATOM   594  N  N   . ARG B 1 17 ? 3.685   -22.233 9.068   1.00 25.54 ? 536 ARG B N   1 
ATOM   595  C  CA  . ARG B 1 17 ? 4.852   -21.487 8.611   1.00 27.55 ? 536 ARG B CA  1 
ATOM   596  C  C   . ARG B 1 17 ? 5.274   -20.483 9.685   1.00 32.53 ? 536 ARG B C   1 
ATOM   597  O  O   . ARG B 1 17 ? 4.552   -19.532 9.977   1.00 29.47 ? 536 ARG B O   1 
ATOM   598  C  CB  . ARG B 1 17 ? 4.512   -20.748 7.312   1.00 30.10 ? 536 ARG B CB  1 
ATOM   599  C  CG  . ARG B 1 17 ? 4.011   -21.642 6.177   1.00 29.63 ? 536 ARG B CG  1 
ATOM   600  C  CD  . ARG B 1 17 ? 5.153   -22.388 5.481   1.00 28.06 ? 536 ARG B CD  1 
ATOM   601  N  NE  . ARG B 1 17 ? 4.672   -23.172 4.344   1.00 22.76 ? 536 ARG B NE  1 
ATOM   602  C  CZ  . ARG B 1 17 ? 4.079   -24.359 4.438   1.00 26.76 ? 536 ARG B CZ  1 
ATOM   603  N  NH1 . ARG B 1 17 ? 3.890   -24.927 5.623   1.00 26.58 ? 536 ARG B NH1 1 
ATOM   604  N  NH2 . ARG B 1 17 ? 3.655   -24.973 3.338   1.00 27.79 ? 536 ARG B NH2 1 
ATOM   605  N  N   . ARG B 1 18 ? 6.447   -20.696 10.271  1.00 30.60 ? 537 ARG B N   1 
ATOM   606  C  CA  . ARG B 1 18 ? 6.951   -19.813 11.315  1.00 33.97 ? 537 ARG B CA  1 
ATOM   607  C  C   . ARG B 1 18 ? 7.634   -18.576 10.746  1.00 31.77 ? 537 ARG B C   1 
ATOM   608  O  O   . ARG B 1 18 ? 8.130   -18.590 9.622   1.00 40.07 ? 537 ARG B O   1 
ATOM   609  C  CB  . ARG B 1 18 ? 7.930   -20.576 12.214  1.00 31.68 ? 537 ARG B CB  1 
ATOM   610  N  N   . GLY B 1 19 ? 7.642   -17.504 11.532  1.00 30.66 ? 538 GLY B N   1 
ATOM   611  C  CA  . GLY B 1 19 ? 8.296   -16.272 11.121  1.00 33.40 ? 538 GLY B CA  1 
ATOM   612  C  C   . GLY B 1 19 ? 7.738   -15.495 9.942   1.00 34.99 ? 538 GLY B C   1 
ATOM   613  O  O   . GLY B 1 19 ? 8.486   -14.796 9.260   1.00 37.67 ? 538 GLY B O   1 
ATOM   614  N  N   . LEU B 1 20 ? 6.435   -15.595 9.698   1.00 27.07 ? 539 LEU B N   1 
ATOM   615  C  CA  . LEU B 1 20 ? 5.832   -14.860 8.593   1.00 31.29 ? 539 LEU B CA  1 
ATOM   616  C  C   . LEU B 1 20 ? 5.803   -13.367 8.903   1.00 31.57 ? 539 LEU B C   1 
ATOM   617  O  O   . LEU B 1 20 ? 5.682   -12.957 10.062  1.00 29.70 ? 539 LEU B O   1 
ATOM   618  C  CB  . LEU B 1 20 ? 4.409   -15.354 8.329   1.00 25.28 ? 539 LEU B CB  1 
ATOM   619  C  CG  . LEU B 1 20 ? 4.234   -16.790 7.832   1.00 25.44 ? 539 LEU B CG  1 
ATOM   620  C  CD1 . LEU B 1 20 ? 2.750   -17.074 7.671   1.00 25.50 ? 539 LEU B CD1 1 
ATOM   621  C  CD2 . LEU B 1 20 ? 4.954   -16.980 6.505   1.00 23.88 ? 539 LEU B CD2 1 
ATOM   622  N  N   . LYS B 1 21 ? 5.910   -12.558 7.859   1.00 27.66 ? 540 LYS B N   1 
ATOM   623  C  CA  . LYS B 1 21 ? 5.905   -11.113 8.013   1.00 33.36 ? 540 LYS B CA  1 
ATOM   624  C  C   . LYS B 1 21 ? 4.600   -10.511 7.523   1.00 22.69 ? 540 LYS B C   1 
ATOM   625  O  O   . LYS B 1 21 ? 4.138   -10.799 6.421   1.00 30.28 ? 540 LYS B O   1 
ATOM   626  C  CB  . LYS B 1 21 ? 7.078   -10.501 7.245   1.00 38.28 ? 540 LYS B CB  1 
ATOM   627  C  CG  . LYS B 1 21 ? 8.432   -11.024 7.690   1.00 50.40 ? 540 LYS B CG  1 
ATOM   628  C  CD  . LYS B 1 21 ? 9.570   -10.375 6.919   1.00 55.43 ? 540 LYS B CD  1 
ATOM   629  C  CE  . LYS B 1 21 ? 10.922  -10.870 7.417   1.00 62.08 ? 540 LYS B CE  1 
ATOM   630  N  NZ  . LYS B 1 21 ? 12.066  -10.218 6.713   1.00 66.38 ? 540 LYS B NZ  1 
ATOM   631  N  N   . TYR B 1 22 ? 4.005   -9.675  8.362   1.00 24.40 ? 541 TYR B N   1 
ATOM   632  C  CA  . TYR B 1 22 ? 2.757   -9.012  8.025   1.00 23.22 ? 541 TYR B CA  1 
ATOM   633  C  C   . TYR B 1 22 ? 3.053   -7.543  7.743   1.00 29.78 ? 541 TYR B C   1 
ATOM   634  O  O   . TYR B 1 22 ? 3.502   -6.809  8.626   1.00 34.32 ? 541 TYR B O   1 
ATOM   635  C  CB  . TYR B 1 22 ? 1.785   -9.154  9.189   1.00 28.32 ? 541 TYR B CB  1 
ATOM   636  C  CG  . TYR B 1 22 ? 1.222   -10.547 9.328   1.00 23.50 ? 541 TYR B CG  1 
ATOM   637  C  CD1 . TYR B 1 22 ? -0.015  -10.880 8.775   1.00 20.79 ? 541 TYR B CD1 1 
ATOM   638  C  CD2 . TYR B 1 22 ? 1.931   -11.539 10.001  1.00 29.51 ? 541 TYR B CD2 1 
ATOM   639  C  CE1 . TYR B 1 22 ? -0.537  -12.170 8.893   1.00 21.46 ? 541 TYR B CE1 1 
ATOM   640  C  CE2 . TYR B 1 22 ? 1.423   -12.830 10.124  1.00 23.15 ? 541 TYR B CE2 1 
ATOM   641  C  CZ  . TYR B 1 22 ? 0.192   -13.137 9.570   1.00 18.38 ? 541 TYR B CZ  1 
ATOM   642  O  OH  . TYR B 1 22 ? -0.310  -14.410 9.707   1.00 26.00 ? 541 TYR B OH  1 
ATOM   643  N  N   . GLU B 1 23 ? 2.803   -7.123  6.506   1.00 23.73 ? 542 GLU B N   1 
ATOM   644  C  CA  . GLU B 1 23 ? 3.060   -5.749  6.085   1.00 26.85 ? 542 GLU B CA  1 
ATOM   645  C  C   . GLU B 1 23 ? 1.802   -4.892  6.010   1.00 24.48 ? 542 GLU B C   1 
ATOM   646  O  O   . GLU B 1 23 ? 0.798   -5.291  5.429   1.00 26.88 ? 542 GLU B O   1 
ATOM   647  C  CB  . GLU B 1 23 ? 3.736   -5.739  4.710   1.00 28.28 ? 542 GLU B CB  1 
ATOM   648  C  CG  . GLU B 1 23 ? 5.119   -6.372  4.671   1.00 52.40 ? 542 GLU B CG  1 
ATOM   649  C  CD  . GLU B 1 23 ? 6.153   -5.572  5.445   1.00 63.04 ? 542 GLU B CD  1 
ATOM   650  O  OE1 . GLU B 1 23 ? 6.329   -4.373  5.135   1.00 69.33 ? 542 GLU B OE1 1 
ATOM   651  O  OE2 . GLU B 1 23 ? 6.794   -6.138  6.356   1.00 61.98 ? 542 GLU B OE2 1 
ATOM   652  N  N   . LEU B 1 24 ? 1.863   -3.706  6.602   1.00 25.53 ? 543 LEU B N   1 
ATOM   653  C  CA  . LEU B 1 24 ? 0.729   -2.797  6.556   1.00 24.06 ? 543 LEU B CA  1 
ATOM   654  C  C   . LEU B 1 24 ? 0.762   -2.193  5.159   1.00 28.66 ? 543 LEU B C   1 
ATOM   655  O  O   . LEU B 1 24 ? 1.692   -1.465  4.812   1.00 28.55 ? 543 LEU B O   1 
ATOM   656  C  CB  . LEU B 1 24 ? 0.875   -1.703  7.610   1.00 26.41 ? 543 LEU B CB  1 
ATOM   657  C  CG  . LEU B 1 24 ? -0.196  -0.613  7.594   1.00 26.64 ? 543 LEU B CG  1 
ATOM   658  C  CD1 . LEU B 1 24 ? -1.587  -1.232  7.660   1.00 26.06 ? 543 LEU B CD1 1 
ATOM   659  C  CD2 . LEU B 1 24 ? 0.035   0.311   8.783   1.00 34.07 ? 543 LEU B CD2 1 
ATOM   660  N  N   . ILE B 1 25 ? -0.249  -2.508  4.360   1.00 20.61 ? 544 ILE B N   1 
ATOM   661  C  CA  . ILE B 1 25 ? -0.327  -2.031  2.987   1.00 29.80 ? 544 ILE B CA  1 
ATOM   662  C  C   . ILE B 1 25 ? -1.162  -0.771  2.794   1.00 33.64 ? 544 ILE B C   1 
ATOM   663  O  O   . ILE B 1 25 ? -0.990  -0.054  1.810   1.00 27.36 ? 544 ILE B O   1 
ATOM   664  C  CB  . ILE B 1 25 ? -0.891  -3.137  2.067   1.00 31.80 ? 544 ILE B CB  1 
ATOM   665  C  CG1 . ILE B 1 25 ? -0.015  -4.385  2.172   1.00 37.63 ? 544 ILE B CG1 1 
ATOM   666  C  CG2 . ILE B 1 25 ? -0.947  -2.654  0.627   1.00 47.60 ? 544 ILE B CG2 1 
ATOM   667  C  CD1 . ILE B 1 25 ? 1.450   -4.136  1.878   1.00 41.69 ? 544 ILE B CD1 1 
ATOM   668  N  N   . SER B 1 26 ? -2.058  -0.494  3.734   1.00 24.26 ? 545 SER B N   1 
ATOM   669  C  CA  . SER B 1 26 ? -2.910  0.679   3.612   1.00 25.65 ? 545 SER B CA  1 
ATOM   670  C  C   . SER B 1 26 ? -3.488  1.089   4.963   1.00 25.81 ? 545 SER B C   1 
ATOM   671  O  O   . SER B 1 26 ? -3.795  0.244   5.804   1.00 22.96 ? 545 SER B O   1 
ATOM   672  C  CB  . SER B 1 26 ? -4.047  0.374   2.628   1.00 23.24 ? 545 SER B CB  1 
ATOM   673  O  OG  . SER B 1 26 ? -4.890  1.497   2.440   1.00 40.17 ? 545 SER B OG  1 
ATOM   674  N  N   . GLU B 1 27 ? -3.611  2.395   5.167   1.00 23.37 ? 546 GLU B N   1 
ATOM   675  C  CA  . GLU B 1 27 ? -4.179  2.946   6.392   1.00 20.50 ? 546 GLU B CA  1 
ATOM   676  C  C   . GLU B 1 27 ? -4.802  4.276   6.005   1.00 24.51 ? 546 GLU B C   1 
ATOM   677  O  O   . GLU B 1 27 ? -4.097  5.236   5.694   1.00 26.23 ? 546 GLU B O   1 
ATOM   678  C  CB  . GLU B 1 27 ? -3.106  3.166   7.460   1.00 18.98 ? 546 GLU B CB  1 
ATOM   679  C  CG  . GLU B 1 27 ? -3.621  3.971   8.650   1.00 23.84 ? 546 GLU B CG  1 
ATOM   680  C  CD  . GLU B 1 27 ? -2.598  4.149   9.756   1.00 28.26 ? 546 GLU B CD  1 
ATOM   681  O  OE1 . GLU B 1 27 ? -1.450  3.682   9.597   1.00 32.45 ? 546 GLU B OE1 1 
ATOM   682  O  OE2 . GLU B 1 27 ? -2.953  4.758   10.789  1.00 29.41 ? 546 GLU B OE2 1 
ATOM   683  N  N   . THR B 1 28 ? -6.129  4.322   6.001   1.00 22.44 ? 547 THR B N   1 
ATOM   684  C  CA  . THR B 1 28 ? -6.838  5.528   5.617   1.00 29.14 ? 547 THR B CA  1 
ATOM   685  C  C   . THR B 1 28 ? -8.019  5.777   6.537   1.00 30.50 ? 547 THR B C   1 
ATOM   686  O  O   . THR B 1 28 ? -8.284  4.989   7.446   1.00 25.84 ? 547 THR B O   1 
ATOM   687  C  CB  . THR B 1 28 ? -7.360  5.415   4.177   1.00 34.86 ? 547 THR B CB  1 
ATOM   688  O  OG1 . THR B 1 28 ? -8.276  4.314   4.088   1.00 29.36 ? 547 THR B OG1 1 
ATOM   689  C  CG2 . THR B 1 28 ? -6.202  5.190   3.208   1.00 33.52 ? 547 THR B CG2 1 
ATOM   690  N  N   . GLY B 1 29 ? -8.720  6.882   6.296   1.00 22.80 ? 548 GLY B N   1 
ATOM   691  C  CA  . GLY B 1 29 ? -9.880  7.219   7.103   1.00 28.80 ? 548 GLY B CA  1 
ATOM   692  C  C   . GLY B 1 29 ? -9.575  8.065   8.322   1.00 33.98 ? 548 GLY B C   1 
ATOM   693  O  O   . GLY B 1 29 ? -8.418  8.203   8.727   1.00 34.13 ? 548 GLY B O   1 
ATOM   694  N  N   . GLY B 1 30 ? -10.627 8.632   8.910   1.00 36.86 ? 549 GLY B N   1 
ATOM   695  C  CA  . GLY B 1 30 ? -10.470 9.467   10.085  1.00 33.80 ? 549 GLY B CA  1 
ATOM   696  C  C   . GLY B 1 30 ? -10.332 8.667   11.366  1.00 40.41 ? 549 GLY B C   1 
ATOM   697  O  O   . GLY B 1 30 ? -10.452 7.442   11.360  1.00 41.36 ? 549 GLY B O   1 
ATOM   698  N  N   . SER B 1 31 ? -10.089 9.372   12.466  1.00 36.12 ? 550 SER B N   1 
ATOM   699  C  CA  . SER B 1 31 ? -9.918  8.769   13.784  1.00 43.90 ? 550 SER B CA  1 
ATOM   700  C  C   . SER B 1 31 ? -10.988 7.745   14.163  1.00 42.61 ? 550 SER B C   1 
ATOM   701  O  O   . SER B 1 31 ? -10.697 6.753   14.831  1.00 51.88 ? 550 SER B O   1 
ATOM   702  C  CB  . SER B 1 31 ? -9.868  9.868   14.848  1.00 55.01 ? 550 SER B CB  1 
ATOM   703  O  OG  . SER B 1 31 ? -9.676  9.324   16.139  1.00 65.59 ? 550 SER B OG  1 
ATOM   704  N  N   . HIS B 1 32 ? -12.225 7.983   13.745  1.00 39.06 ? 551 HIS B N   1 
ATOM   705  C  CA  . HIS B 1 32 ? -13.289 7.054   14.071  1.00 42.91 ? 551 HIS B CA  1 
ATOM   706  C  C   . HIS B 1 32 ? -13.869 6.415   12.830  1.00 43.67 ? 551 HIS B C   1 
ATOM   707  O  O   . HIS B 1 32 ? -15.076 6.206   12.729  1.00 50.48 ? 551 HIS B O   1 
ATOM   708  N  N   . ASP B 1 33 ? -13.002 6.102   11.878  1.00 42.57 ? 552 ASP B N   1 
ATOM   709  C  CA  . ASP B 1 33 ? -13.432 5.494   10.627  1.00 42.31 ? 552 ASP B CA  1 
ATOM   710  C  C   . ASP B 1 33 ? -12.204 4.932   9.915   1.00 37.46 ? 552 ASP B C   1 
ATOM   711  O  O   . ASP B 1 33 ? -12.067 5.034   8.696   1.00 35.12 ? 552 ASP B O   1 
ATOM   712  C  CB  . ASP B 1 33 ? -14.118 6.551   9.760   1.00 53.38 ? 552 ASP B CB  1 
ATOM   713  C  CG  . ASP B 1 33 ? -14.731 5.972   8.508   1.00 63.73 ? 552 ASP B CG  1 
ATOM   714  O  OD1 . ASP B 1 33 ? -15.611 5.094   8.628   1.00 67.41 ? 552 ASP B OD1 1 
ATOM   715  O  OD2 . ASP B 1 33 ? -14.333 6.396   7.401   1.00 69.52 ? 552 ASP B OD2 1 
ATOM   716  N  N   . LYS B 1 34 ? -11.315 4.336   10.700  1.00 29.71 ? 553 LYS B N   1 
ATOM   717  C  CA  . LYS B 1 34 ? -10.075 3.768   10.190  1.00 23.85 ? 553 LYS B CA  1 
ATOM   718  C  C   . LYS B 1 34 ? -10.292 2.550   9.309   1.00 32.50 ? 553 LYS B C   1 
ATOM   719  O  O   . LYS B 1 34 ? -11.226 1.774   9.512   1.00 26.45 ? 553 LYS B O   1 
ATOM   720  C  CB  . LYS B 1 34 ? -9.170  3.373   11.354  1.00 27.49 ? 553 LYS B CB  1 
ATOM   721  C  CG  . LYS B 1 34 ? -8.831  4.517   12.282  1.00 32.63 ? 553 LYS B CG  1 
ATOM   722  C  CD  . LYS B 1 34 ? -7.889  5.505   11.625  1.00 29.64 ? 553 LYS B CD  1 
ATOM   723  C  CE  . LYS B 1 34 ? -6.506  4.900   11.449  1.00 37.56 ? 553 LYS B CE  1 
ATOM   724  N  NZ  . LYS B 1 34 ? -5.537  5.884   10.894  1.00 36.37 ? 553 LYS B NZ  1 
ATOM   725  N  N   . ARG B 1 35 ? -9.409  2.401   8.327   1.00 21.50 ? 554 ARG B N   1 
ATOM   726  C  CA  . ARG B 1 35 ? -9.433  1.272   7.415   1.00 22.18 ? 554 ARG B CA  1 
ATOM   727  C  C   . ARG B 1 35 ? -7.979  0.858   7.256   1.00 22.92 ? 554 ARG B C   1 
ATOM   728  O  O   . ARG B 1 35 ? -7.166  1.621   6.730   1.00 27.42 ? 554 ARG B O   1 
ATOM   729  C  CB  . ARG B 1 35 ? -10.016 1.677   6.066   1.00 26.42 ? 554 ARG B CB  1 
ATOM   730  N  N   . PHE B 1 36 ? -7.659  -0.338  7.735   1.00 19.90 ? 555 PHE B N   1 
ATOM   731  C  CA  . PHE B 1 36 ? -6.315  -0.892  7.655   1.00 13.63 ? 555 PHE B CA  1 
ATOM   732  C  C   . PHE B 1 36 ? -6.317  -2.095  6.721   1.00 24.25 ? 555 PHE B C   1 
ATOM   733  O  O   . PHE B 1 36 ? -7.280  -2.857  6.693   1.00 19.69 ? 555 PHE B O   1 
ATOM   734  C  CB  . PHE B 1 36 ? -5.853  -1.403  9.023   1.00 17.39 ? 555 PHE B CB  1 
ATOM   735  C  CG  . PHE B 1 36 ? -5.668  -0.336  10.052  1.00 20.66 ? 555 PHE B CG  1 
ATOM   736  C  CD1 . PHE B 1 36 ? -4.537  0.476   10.036  1.00 24.11 ? 555 PHE B CD1 1 
ATOM   737  C  CD2 . PHE B 1 36 ? -6.609  -0.159  11.057  1.00 25.39 ? 555 PHE B CD2 1 
ATOM   738  C  CE1 . PHE B 1 36 ? -4.347  1.450   11.014  1.00 25.16 ? 555 PHE B CE1 1 
ATOM   739  C  CE2 . PHE B 1 36 ? -6.429  0.814   12.041  1.00 23.12 ? 555 PHE B CE2 1 
ATOM   740  C  CZ  . PHE B 1 36 ? -5.298  1.616   12.018  1.00 24.10 ? 555 PHE B CZ  1 
ATOM   741  N  N   . VAL B 1 37 ? -5.235  -2.272  5.972   1.00 18.31 ? 556 VAL B N   1 
ATOM   742  C  CA  . VAL B 1 37 ? -5.114  -3.425  5.088   1.00 20.46 ? 556 VAL B CA  1 
ATOM   743  C  C   . VAL B 1 37 ? -3.754  -4.049  5.353   1.00 21.23 ? 556 VAL B C   1 
ATOM   744  O  O   . VAL B 1 37 ? -2.729  -3.365  5.301   1.00 21.04 ? 556 VAL B O   1 
ATOM   745  C  CB  . VAL B 1 37 ? -5.215  -3.041  3.605   1.00 22.06 ? 556 VAL B CB  1 
ATOM   746  C  CG1 . VAL B 1 37 ? -4.982  -4.277  2.740   1.00 19.33 ? 556 VAL B CG1 1 
ATOM   747  C  CG2 . VAL B 1 37 ? -6.592  -2.443  3.316   1.00 27.89 ? 556 VAL B CG2 1 
HETATM 748  N  N   . MSE B 1 38 ? -3.756  -5.343  5.662   1.00 17.53 ? 557 MSE B N   1 
HETATM 749  C  CA  . MSE B 1 38 ? -2.529  -6.074  5.952   1.00 18.70 ? 557 MSE B CA  1 
HETATM 750  C  C   . MSE B 1 38 ? -2.279  -7.097  4.861   1.00 22.41 ? 557 MSE B C   1 
HETATM 751  O  O   . MSE B 1 38 ? -3.219  -7.596  4.239   1.00 21.54 ? 557 MSE B O   1 
HETATM 752  C  CB  . MSE B 1 38 ? -2.628  -6.821  7.295   1.00 20.12 ? 557 MSE B CB  1 
HETATM 753  C  CG  . MSE B 1 38 ? -2.522  -5.967  8.554   1.00 29.41 ? 557 MSE B CG  1 
HETATM 754  SE SE  . MSE B 1 38 ? -0.751  -5.216  8.853   1.00 39.17 ? 557 MSE B SE  1 
HETATM 755  C  CE  . MSE B 1 38 ? 0.156   -6.639  9.730   1.00 45.51 ? 557 MSE B CE  1 
ATOM   756  N  N   . GLU B 1 39 ? -1.003  -7.413  4.647   1.00 19.31 ? 558 GLU B N   1 
ATOM   757  C  CA  . GLU B 1 39 ? -0.611  -8.391  3.642   1.00 20.53 ? 558 GLU B CA  1 
ATOM   758  C  C   . GLU B 1 39 ? 0.462   -9.321  4.187   1.00 23.24 ? 558 GLU B C   1 
ATOM   759  O  O   . GLU B 1 39 ? 1.392   -8.882  4.867   1.00 27.27 ? 558 GLU B O   1 
ATOM   760  C  CB  . GLU B 1 39 ? -0.070  -7.687  2.403   1.00 21.36 ? 558 GLU B CB  1 
ATOM   761  C  CG  . GLU B 1 39 ? 0.331   -8.626  1.276   1.00 21.79 ? 558 GLU B CG  1 
ATOM   762  C  CD  . GLU B 1 39 ? 0.796   -7.872  0.048   1.00 26.71 ? 558 GLU B CD  1 
ATOM   763  O  OE1 . GLU B 1 39 ? 1.959   -7.417  0.029   1.00 41.73 ? 558 GLU B OE1 1 
ATOM   764  O  OE2 . GLU B 1 39 ? -0.007  -7.718  -0.895  1.00 28.38 ? 558 GLU B OE2 1 
ATOM   765  N  N   . VAL B 1 40 ? 0.324   -10.609 3.889   1.00 18.02 ? 559 VAL B N   1 
ATOM   766  C  CA  . VAL B 1 40 ? 1.309   -11.590 4.316   1.00 22.51 ? 559 VAL B CA  1 
ATOM   767  C  C   . VAL B 1 40 ? 1.622   -12.470 3.115   1.00 22.65 ? 559 VAL B C   1 
ATOM   768  O  O   . VAL B 1 40 ? 0.728   -12.815 2.337   1.00 17.87 ? 559 VAL B O   1 
ATOM   769  C  CB  . VAL B 1 40 ? 0.791   -12.469 5.502   1.00 24.55 ? 559 VAL B CB  1 
ATOM   770  C  CG1 . VAL B 1 40 ? -0.390  -13.308 5.071   1.00 22.12 ? 559 VAL B CG1 1 
ATOM   771  C  CG2 . VAL B 1 40 ? 1.917   -13.364 6.031   1.00 19.97 ? 559 VAL B CG2 1 
ATOM   772  N  N   . GLU B 1 41 ? 2.899   -12.796 2.945   1.00 21.20 ? 560 GLU B N   1 
ATOM   773  C  CA  . GLU B 1 41 ? 3.312   -13.652 1.841   1.00 21.03 ? 560 GLU B CA  1 
ATOM   774  C  C   . GLU B 1 41 ? 3.563   -15.051 2.385   1.00 20.07 ? 560 GLU B C   1 
ATOM   775  O  O   . GLU B 1 41 ? 4.337   -15.241 3.326   1.00 22.00 ? 560 GLU B O   1 
ATOM   776  C  CB  . GLU B 1 41 ? 4.591   -13.130 1.174   1.00 22.04 ? 560 GLU B CB  1 
ATOM   777  C  CG  . GLU B 1 41 ? 5.020   -13.982 -0.019  1.00 26.62 ? 560 GLU B CG  1 
ATOM   778  C  CD  . GLU B 1 41 ? 6.350   -13.560 -0.611  1.00 37.86 ? 560 GLU B CD  1 
ATOM   779  O  OE1 . GLU B 1 41 ? 6.508   -12.365 -0.927  1.00 35.37 ? 560 GLU B OE1 1 
ATOM   780  O  OE2 . GLU B 1 41 ? 7.235   -14.431 -0.763  1.00 47.00 ? 560 GLU B OE2 1 
ATOM   781  N  N   . VAL B 1 42 ? 2.894   -16.030 1.793   1.00 21.10 ? 561 VAL B N   1 
ATOM   782  C  CA  . VAL B 1 42 ? 3.041   -17.418 2.208   1.00 20.04 ? 561 VAL B CA  1 
ATOM   783  C  C   . VAL B 1 42 ? 3.238   -18.255 0.950   1.00 22.62 ? 561 VAL B C   1 
ATOM   784  O  O   . VAL B 1 42 ? 2.501   -18.096 -0.025  1.00 22.87 ? 561 VAL B O   1 
ATOM   785  C  CB  . VAL B 1 42 ? 1.783   -17.914 2.951   1.00 22.25 ? 561 VAL B CB  1 
ATOM   786  C  CG1 . VAL B 1 42 ? 2.011   -19.324 3.488   1.00 17.14 ? 561 VAL B CG1 1 
ATOM   787  C  CG2 . VAL B 1 42 ? 1.423   -16.943 4.078   1.00 24.34 ? 561 VAL B CG2 1 
ATOM   788  N  N   . ASP B 1 43 ? 4.239   -19.128 0.973   1.00 23.87 ? 562 ASP B N   1 
ATOM   789  C  CA  . ASP B 1 43 ? 4.539   -19.984 -0.170  1.00 24.43 ? 562 ASP B CA  1 
ATOM   790  C  C   . ASP B 1 43 ? 4.544   -19.175 -1.465  1.00 25.77 ? 562 ASP B C   1 
ATOM   791  O  O   . ASP B 1 43 ? 3.891   -19.537 -2.443  1.00 21.21 ? 562 ASP B O   1 
ATOM   792  C  CB  . ASP B 1 43 ? 3.518   -21.125 -0.267  1.00 21.41 ? 562 ASP B CB  1 
ATOM   793  C  CG  . ASP B 1 43 ? 3.557   -22.051 0.944   1.00 28.02 ? 562 ASP B CG  1 
ATOM   794  O  OD1 . ASP B 1 43 ? 4.523   -21.966 1.735   1.00 28.57 ? 562 ASP B OD1 1 
ATOM   795  O  OD2 . ASP B 1 43 ? 2.629   -22.880 1.100   1.00 28.54 ? 562 ASP B OD2 1 
ATOM   796  N  N   . GLY B 1 44 ? 5.275   -18.066 -1.452  1.00 22.80 ? 563 GLY B N   1 
ATOM   797  C  CA  . GLY B 1 44 ? 5.370   -17.215 -2.626  1.00 24.12 ? 563 GLY B CA  1 
ATOM   798  C  C   . GLY B 1 44 ? 4.069   -16.620 -3.134  1.00 23.72 ? 563 GLY B C   1 
ATOM   799  O  O   . GLY B 1 44 ? 3.993   -16.217 -4.291  1.00 23.73 ? 563 GLY B O   1 
ATOM   800  N  N   . GLN B 1 45 ? 3.051   -16.544 -2.279  1.00 17.95 ? 564 GLN B N   1 
ATOM   801  C  CA  . GLN B 1 45 ? 1.757   -15.991 -2.671  1.00 16.77 ? 564 GLN B CA  1 
ATOM   802  C  C   . GLN B 1 45 ? 1.316   -14.939 -1.658  1.00 19.92 ? 564 GLN B C   1 
ATOM   803  O  O   . GLN B 1 45 ? 1.528   -15.106 -0.464  1.00 25.97 ? 564 GLN B O   1 
ATOM   804  C  CB  . GLN B 1 45 ? 0.720   -17.107 -2.753  1.00 22.78 ? 564 GLN B CB  1 
ATOM   805  C  CG  . GLN B 1 45 ? 1.014   -18.130 -3.849  1.00 27.46 ? 564 GLN B CG  1 
ATOM   806  C  CD  . GLN B 1 45 ? 0.376   -19.478 -3.585  1.00 25.77 ? 564 GLN B CD  1 
ATOM   807  O  OE1 . GLN B 1 45 ? 1.061   -20.446 -3.229  1.00 23.54 ? 564 GLN B OE1 1 
ATOM   808  N  NE2 . GLN B 1 45 ? -0.938  -19.552 -3.742  1.00 15.55 ? 564 GLN B NE2 1 
ATOM   809  N  N   . LYS B 1 46 ? 0.690   -13.869 -2.137  1.00 25.59 ? 565 LYS B N   1 
ATOM   810  C  CA  . LYS B 1 46 ? 0.253   -12.784 -1.259  1.00 22.78 ? 565 LYS B CA  1 
ATOM   811  C  C   . LYS B 1 46 ? -1.209  -12.888 -0.827  1.00 24.07 ? 565 LYS B C   1 
ATOM   812  O  O   . LYS B 1 46 ? -2.089  -13.202 -1.630  1.00 20.03 ? 565 LYS B O   1 
ATOM   813  C  CB  . LYS B 1 46 ? 0.481   -11.438 -1.951  1.00 27.09 ? 565 LYS B CB  1 
ATOM   814  C  CG  . LYS B 1 46 ? 1.912   -11.196 -2.398  1.00 38.42 ? 565 LYS B CG  1 
ATOM   815  C  CD  . LYS B 1 46 ? 2.852   -11.049 -1.214  1.00 44.19 ? 565 LYS B CD  1 
ATOM   816  C  CE  . LYS B 1 46 ? 4.250   -10.669 -1.677  1.00 54.26 ? 565 LYS B CE  1 
ATOM   817  N  NZ  . LYS B 1 46 ? 4.248   -9.415  -2.483  1.00 53.26 ? 565 LYS B NZ  1 
ATOM   818  N  N   . PHE B 1 47 ? -1.456  -12.603 0.449   1.00 19.02 ? 566 PHE B N   1 
ATOM   819  C  CA  . PHE B 1 47 ? -2.798  -12.653 1.018   1.00 19.73 ? 566 PHE B CA  1 
ATOM   820  C  C   . PHE B 1 47 ? -3.039  -11.405 1.854   1.00 19.48 ? 566 PHE B C   1 
ATOM   821  O  O   . PHE B 1 47 ? -2.183  -11.008 2.645   1.00 18.71 ? 566 PHE B O   1 
ATOM   822  C  CB  . PHE B 1 47 ? -2.949  -13.901 1.887   1.00 18.60 ? 566 PHE B CB  1 
ATOM   823  C  CG  . PHE B 1 47 ? -2.712  -15.172 1.140   1.00 18.84 ? 566 PHE B CG  1 
ATOM   824  C  CD1 . PHE B 1 47 ? -3.728  -15.740 0.378   1.00 18.55 ? 566 PHE B CD1 1 
ATOM   825  C  CD2 . PHE B 1 47 ? -1.450  -15.760 1.133   1.00 15.89 ? 566 PHE B CD2 1 
ATOM   826  C  CE1 . PHE B 1 47 ? -3.488  -16.885 -0.394  1.00 21.16 ? 566 PHE B CE1 1 
ATOM   827  C  CE2 . PHE B 1 47 ? -1.199  -16.904 0.362   1.00 16.08 ? 566 PHE B CE2 1 
ATOM   828  C  CZ  . PHE B 1 47 ? -2.222  -17.462 -0.402  1.00 18.13 ? 566 PHE B CZ  1 
ATOM   829  N  N   . GLN B 1 48 ? -4.206  -10.790 1.674   1.00 18.91 ? 567 GLN B N   1 
ATOM   830  C  CA  . GLN B 1 48 ? -4.541  -9.580  2.416   1.00 17.18 ? 567 GLN B CA  1 
ATOM   831  C  C   . GLN B 1 48 ? -5.771  -9.686  3.305   1.00 18.56 ? 567 GLN B C   1 
ATOM   832  O  O   . GLN B 1 48 ? -6.657  -10.515 3.088   1.00 20.11 ? 567 GLN B O   1 
ATOM   833  C  CB  . GLN B 1 48 ? -4.748  -8.413  1.453   1.00 17.94 ? 567 GLN B CB  1 
ATOM   834  C  CG  . GLN B 1 48 ? -3.565  -8.121  0.555   1.00 22.58 ? 567 GLN B CG  1 
ATOM   835  C  CD  . GLN B 1 48 ? -3.745  -6.819  -0.188  1.00 44.34 ? 567 GLN B CD  1 
ATOM   836  O  OE1 . GLN B 1 48 ? -4.811  -6.554  -0.746  1.00 52.07 ? 567 GLN B OE1 1 
ATOM   837  N  NE2 . GLN B 1 48 ? -2.703  -5.995  -0.202  1.00 54.59 ? 567 GLN B NE2 1 
ATOM   838  N  N   . GLY B 1 49 ? -5.821  -8.809  4.303   1.00 20.04 ? 568 GLY B N   1 
ATOM   839  C  CA  . GLY B 1 49 ? -6.943  -8.766  5.219   1.00 19.72 ? 568 GLY B CA  1 
ATOM   840  C  C   . GLY B 1 49 ? -7.187  -7.311  5.572   1.00 20.40 ? 568 GLY B C   1 
ATOM   841  O  O   . GLY B 1 49 ? -6.235  -6.540  5.668   1.00 20.43 ? 568 GLY B O   1 
ATOM   842  N  N   . ALA B 1 50 ? -8.444  -6.928  5.765   1.00 19.30 ? 569 ALA B N   1 
ATOM   843  C  CA  . ALA B 1 50 ? -8.762  -5.540  6.096   1.00 21.85 ? 569 ALA B CA  1 
ATOM   844  C  C   . ALA B 1 50 ? -9.678  -5.442  7.309   1.00 16.90 ? 569 ALA B C   1 
ATOM   845  O  O   . ALA B 1 50 ? -10.399 -6.383  7.631   1.00 23.25 ? 569 ALA B O   1 
ATOM   846  C  CB  . ALA B 1 50 ? -9.417  -4.849  4.895   1.00 24.54 ? 569 ALA B CB  1 
ATOM   847  N  N   . GLY B 1 51 ? -9.645  -4.291  7.973   1.00 22.03 ? 570 GLY B N   1 
ATOM   848  C  CA  . GLY B 1 51 ? -10.481 -4.084  9.143   1.00 20.89 ? 570 GLY B CA  1 
ATOM   849  C  C   . GLY B 1 51 ? -10.321 -2.693  9.724   1.00 20.19 ? 570 GLY B C   1 
ATOM   850  O  O   . GLY B 1 51 ? -9.485  -1.917  9.268   1.00 22.75 ? 570 GLY B O   1 
ATOM   851  N  N   . SER B 1 52 ? -11.120 -2.380  10.738  1.00 23.59 ? 571 SER B N   1 
ATOM   852  C  CA  . SER B 1 52 ? -11.061 -1.072  11.378  1.00 20.79 ? 571 SER B CA  1 
ATOM   853  C  C   . SER B 1 52 ? -9.915  -0.994  12.379  1.00 21.13 ? 571 SER B C   1 
ATOM   854  O  O   . SER B 1 52 ? -9.679  0.051   12.978  1.00 24.72 ? 571 SER B O   1 
ATOM   855  C  CB  . SER B 1 52 ? -12.394 -0.749  12.061  1.00 26.01 ? 571 SER B CB  1 
ATOM   856  O  OG  . SER B 1 52 ? -12.736 -1.748  12.995  1.00 32.02 ? 571 SER B OG  1 
ATOM   857  N  N   . ASN B 1 53 ? -9.224  -2.114  12.579  1.00 18.14 ? 572 ASN B N   1 
ATOM   858  C  CA  . ASN B 1 53 ? -8.064  -2.149  13.465  1.00 20.07 ? 572 ASN B CA  1 
ATOM   859  C  C   . ASN B 1 53 ? -7.030  -3.113  12.898  1.00 20.79 ? 572 ASN B C   1 
ATOM   860  O  O   . ASN B 1 53 ? -7.358  -4.020  12.136  1.00 19.48 ? 572 ASN B O   1 
ATOM   861  C  CB  . ASN B 1 53 ? -8.437  -2.520  14.912  1.00 25.36 ? 572 ASN B CB  1 
ATOM   862  C  CG  . ASN B 1 53 ? -9.118  -3.861  15.029  1.00 29.27 ? 572 ASN B CG  1 
ATOM   863  O  OD1 . ASN B 1 53 ? -10.346 -3.950  15.118  1.00 26.37 ? 572 ASN B OD1 1 
ATOM   864  N  ND2 . ASN B 1 53 ? -8.326  -4.916  15.034  1.00 17.59 ? 572 ASN B ND2 1 
ATOM   865  N  N   . LYS B 1 54 ? -5.772  -2.899  13.259  1.00 18.00 ? 573 LYS B N   1 
ATOM   866  C  CA  . LYS B 1 54 ? -4.678  -3.716  12.748  1.00 21.66 ? 573 LYS B CA  1 
ATOM   867  C  C   . LYS B 1 54 ? -4.770  -5.191  13.091  1.00 25.73 ? 573 LYS B C   1 
ATOM   868  O  O   . LYS B 1 54 ? -4.407  -6.047  12.284  1.00 19.19 ? 573 LYS B O   1 
ATOM   869  C  CB  . LYS B 1 54 ? -3.346  -3.171  13.257  1.00 23.04 ? 573 LYS B CB  1 
ATOM   870  C  CG  . LYS B 1 54 ? -2.985  -1.801  12.697  1.00 29.60 ? 573 LYS B CG  1 
ATOM   871  C  CD  . LYS B 1 54 ? -1.649  -1.323  13.230  1.00 33.63 ? 573 LYS B CD  1 
ATOM   872  C  CE  . LYS B 1 54 ? -1.269  0.002   12.595  1.00 45.48 ? 573 LYS B CE  1 
ATOM   873  N  NZ  . LYS B 1 54 ? 0.076   0.473   13.023  1.00 40.09 ? 573 LYS B NZ  1 
ATOM   874  N  N   . LYS B 1 55 ? -5.251  -5.488  14.292  1.00 18.64 ? 574 LYS B N   1 
ATOM   875  C  CA  . LYS B 1 55 ? -5.353  -6.864  14.738  1.00 22.40 ? 574 LYS B CA  1 
ATOM   876  C  C   . LYS B 1 55 ? -6.274  -7.681  13.843  1.00 18.54 ? 574 LYS B C   1 
ATOM   877  O  O   . LYS B 1 55 ? -5.905  -8.763  13.382  1.00 17.59 ? 574 LYS B O   1 
ATOM   878  C  CB  . LYS B 1 55 ? -5.851  -6.902  16.186  1.00 24.80 ? 574 LYS B CB  1 
ATOM   879  C  CG  . LYS B 1 55 ? -5.839  -8.284  16.820  1.00 36.77 ? 574 LYS B CG  1 
ATOM   880  C  CD  . LYS B 1 55 ? -6.238  -8.229  18.293  1.00 36.22 ? 574 LYS B CD  1 
ATOM   881  C  CE  . LYS B 1 55 ? -5.391  -7.219  19.056  1.00 41.39 ? 574 LYS B CE  1 
ATOM   882  N  NZ  . LYS B 1 55 ? -3.934  -7.477  18.882  1.00 54.40 ? 574 LYS B NZ  1 
ATOM   883  N  N   . VAL B 1 56 ? -7.475  -7.172  13.593  1.00 14.85 ? 575 VAL B N   1 
ATOM   884  C  CA  . VAL B 1 56 ? -8.409  -7.918  12.763  1.00 20.29 ? 575 VAL B CA  1 
ATOM   885  C  C   . VAL B 1 56 ? -7.961  -7.960  11.301  1.00 19.53 ? 575 VAL B C   1 
ATOM   886  O  O   . VAL B 1 56 ? -8.233  -8.934  10.603  1.00 16.57 ? 575 VAL B O   1 
ATOM   887  C  CB  . VAL B 1 56 ? -9.840  -7.356  12.875  1.00 23.80 ? 575 VAL B CB  1 
ATOM   888  C  CG1 . VAL B 1 56 ? -9.980  -6.085  12.053  1.00 26.50 ? 575 VAL B CG1 1 
ATOM   889  C  CG2 . VAL B 1 56 ? -10.844 -8.422  12.443  1.00 29.58 ? 575 VAL B CG2 1 
ATOM   890  N  N   . ALA B 1 57 ? -7.268  -6.920  10.837  1.00 17.57 ? 576 ALA B N   1 
ATOM   891  C  CA  . ALA B 1 57 ? -6.783  -6.900  9.451   1.00 17.45 ? 576 ALA B CA  1 
ATOM   892  C  C   . ALA B 1 57 ? -5.799  -8.055  9.273   1.00 18.21 ? 576 ALA B C   1 
ATOM   893  O  O   . ALA B 1 57 ? -5.867  -8.802  8.291   1.00 19.40 ? 576 ALA B O   1 
ATOM   894  C  CB  . ALA B 1 57 ? -6.086  -5.567  9.146   1.00 14.96 ? 576 ALA B CB  1 
ATOM   895  N  N   . LYS B 1 58 ? -4.884  -8.195  10.229  1.00 20.15 ? 577 LYS B N   1 
ATOM   896  C  CA  . LYS B 1 58 ? -3.890  -9.268  10.194  1.00 24.53 ? 577 LYS B CA  1 
ATOM   897  C  C   . LYS B 1 58 ? -4.576  -10.625 10.246  1.00 16.72 ? 577 LYS B C   1 
ATOM   898  O  O   . LYS B 1 58 ? -4.203  -11.548 9.516   1.00 16.15 ? 577 LYS B O   1 
ATOM   899  C  CB  . LYS B 1 58 ? -2.935  -9.167  11.381  1.00 24.43 ? 577 LYS B CB  1 
ATOM   900  C  CG  . LYS B 1 58 ? -2.004  -7.989  11.344  1.00 32.92 ? 577 LYS B CG  1 
ATOM   901  C  CD  . LYS B 1 58 ? -1.139  -7.940  12.601  1.00 37.64 ? 577 LYS B CD  1 
ATOM   902  C  CE  . LYS B 1 58 ? -0.343  -9.224  12.789  1.00 45.04 ? 577 LYS B CE  1 
ATOM   903  N  NZ  . LYS B 1 58 ? 0.511   -9.169  14.010  1.00 54.95 ? 577 LYS B NZ  1 
ATOM   904  N  N   . ALA B 1 59 ? -5.569  -10.745 11.126  1.00 14.47 ? 578 ALA B N   1 
ATOM   905  C  CA  . ALA B 1 59 ? -6.312  -11.988 11.272  1.00 18.27 ? 578 ALA B CA  1 
ATOM   906  C  C   . ALA B 1 59 ? -6.947  -12.383 9.949   1.00 16.92 ? 578 ALA B C   1 
ATOM   907  O  O   . ALA B 1 59 ? -6.923  -13.551 9.559   1.00 20.14 ? 578 ALA B O   1 
ATOM   908  C  CB  . ALA B 1 59 ? -7.383  -11.833 12.338  1.00 24.62 ? 578 ALA B CB  1 
ATOM   909  N  N   . TYR B 1 60 ? -7.514  -11.411 9.248   1.00 15.55 ? 579 TYR B N   1 
ATOM   910  C  CA  . TYR B 1 60 ? -8.143  -11.712 7.971   1.00 13.36 ? 579 TYR B CA  1 
ATOM   911  C  C   . TYR B 1 60 ? -7.114  -12.114 6.920   1.00 13.93 ? 579 TYR B C   1 
ATOM   912  O  O   . TYR B 1 60 ? -7.390  -12.968 6.074   1.00 15.86 ? 579 TYR B O   1 
ATOM   913  C  CB  . TYR B 1 60 ? -8.970  -10.526 7.496   1.00 13.16 ? 579 TYR B CB  1 
ATOM   914  C  CG  . TYR B 1 60 ? -10.400 -10.592 7.982   1.00 13.77 ? 579 TYR B CG  1 
ATOM   915  C  CD1 . TYR B 1 60 ? -11.238 -11.628 7.577   1.00 24.38 ? 579 TYR B CD1 1 
ATOM   916  C  CD2 . TYR B 1 60 ? -10.913 -9.628  8.852   1.00 16.73 ? 579 TYR B CD2 1 
ATOM   917  C  CE1 . TYR B 1 60 ? -12.553 -11.707 8.020   1.00 23.51 ? 579 TYR B CE1 1 
ATOM   918  C  CE2 . TYR B 1 60 ? -12.235 -9.695  9.300   1.00 19.79 ? 579 TYR B CE2 1 
ATOM   919  C  CZ  . TYR B 1 60 ? -13.044 -10.743 8.875   1.00 18.00 ? 579 TYR B CZ  1 
ATOM   920  O  OH  . TYR B 1 60 ? -14.349 -10.821 9.286   1.00 17.30 ? 579 TYR B OH  1 
ATOM   921  N  N   . ALA B 1 61 ? -5.926  -11.520 6.989   1.00 18.64 ? 580 ALA B N   1 
ATOM   922  C  CA  . ALA B 1 61 ? -4.849  -11.848 6.055   1.00 16.66 ? 580 ALA B CA  1 
ATOM   923  C  C   . ALA B 1 61 ? -4.428  -13.307 6.258   1.00 19.09 ? 580 ALA B C   1 
ATOM   924  O  O   . ALA B 1 61 ? -4.264  -14.060 5.294   1.00 17.86 ? 580 ALA B O   1 
ATOM   925  C  CB  . ALA B 1 61 ? -3.663  -10.919 6.286   1.00 16.14 ? 580 ALA B CB  1 
ATOM   926  N  N   . ALA B 1 62 ? -4.243  -13.705 7.513   1.00 17.79 ? 581 ALA B N   1 
ATOM   927  C  CA  . ALA B 1 62 ? -3.860  -15.086 7.800   1.00 14.09 ? 581 ALA B CA  1 
ATOM   928  C  C   . ALA B 1 62 ? -5.003  -16.031 7.427   1.00 15.35 ? 581 ALA B C   1 
ATOM   929  O  O   . ALA B 1 62 ? -4.766  -17.102 6.880   1.00 23.03 ? 581 ALA B O   1 
ATOM   930  C  CB  . ALA B 1 62 ? -3.502  -15.245 9.269   1.00 14.47 ? 581 ALA B CB  1 
ATOM   931  N  N   . LEU B 1 63 ? -6.241  -15.630 7.710   1.00 17.72 ? 582 LEU B N   1 
ATOM   932  C  CA  . LEU B 1 63 ? -7.392  -16.472 7.382   1.00 21.05 ? 582 LEU B CA  1 
ATOM   933  C  C   . LEU B 1 63 ? -7.470  -16.738 5.880   1.00 20.48 ? 582 LEU B C   1 
ATOM   934  O  O   . LEU B 1 63 ? -7.800  -17.845 5.447   1.00 20.21 ? 582 LEU B O   1 
ATOM   935  C  CB  . LEU B 1 63 ? -8.697  -15.812 7.844   1.00 19.89 ? 582 LEU B CB  1 
ATOM   936  C  CG  . LEU B 1 63 ? -9.956  -16.642 7.567   1.00 28.40 ? 582 LEU B CG  1 
ATOM   937  C  CD1 . LEU B 1 63 ? -9.901  -17.908 8.401   1.00 27.08 ? 582 LEU B CD1 1 
ATOM   938  C  CD2 . LEU B 1 63 ? -11.214 -15.839 7.899   1.00 27.90 ? 582 LEU B CD2 1 
ATOM   939  N  N   . ALA B 1 64 ? -7.182  -15.713 5.086   1.00 16.14 ? 583 ALA B N   1 
ATOM   940  C  CA  . ALA B 1 64 ? -7.220  -15.850 3.641   1.00 16.16 ? 583 ALA B CA  1 
ATOM   941  C  C   . ALA B 1 64 ? -6.175  -16.871 3.194   1.00 17.52 ? 583 ALA B C   1 
ATOM   942  O  O   . ALA B 1 64 ? -6.450  -17.723 2.354   1.00 20.21 ? 583 ALA B O   1 
ATOM   943  C  CB  . ALA B 1 64 ? -6.967  -14.507 2.979   1.00 19.91 ? 583 ALA B CB  1 
ATOM   944  N  N   . ALA B 1 65 ? -4.980  -16.794 3.771   1.00 17.15 ? 584 ALA B N   1 
ATOM   945  C  CA  . ALA B 1 65 ? -3.907  -17.732 3.423   1.00 18.59 ? 584 ALA B CA  1 
ATOM   946  C  C   . ALA B 1 65 ? -4.275  -19.167 3.817   1.00 19.75 ? 584 ALA B C   1 
ATOM   947  O  O   . ALA B 1 65 ? -4.043  -20.111 3.054   1.00 20.13 ? 584 ALA B O   1 
ATOM   948  C  CB  . ALA B 1 65 ? -2.618  -17.326 4.113   1.00 15.65 ? 584 ALA B CB  1 
ATOM   949  N  N   . LEU B 1 66 ? -4.838  -19.326 5.014   1.00 17.52 ? 585 LEU B N   1 
ATOM   950  C  CA  . LEU B 1 66 ? -5.241  -20.650 5.495   1.00 21.59 ? 585 LEU B CA  1 
ATOM   951  C  C   . LEU B 1 66 ? -6.320  -21.281 4.627   1.00 20.43 ? 585 LEU B C   1 
ATOM   952  O  O   . LEU B 1 66 ? -6.239  -22.458 4.277   1.00 23.67 ? 585 LEU B O   1 
ATOM   953  C  CB  . LEU B 1 66 ? -5.751  -20.568 6.932   1.00 20.51 ? 585 LEU B CB  1 
ATOM   954  C  CG  . LEU B 1 66 ? -4.761  -20.271 8.054   1.00 16.31 ? 585 LEU B CG  1 
ATOM   955  C  CD1 . LEU B 1 66 ? -5.538  -19.905 9.293   1.00 19.62 ? 585 LEU B CD1 1 
ATOM   956  C  CD2 . LEU B 1 66 ? -3.875  -21.487 8.317   1.00 15.84 ? 585 LEU B CD2 1 
ATOM   957  N  N   . GLU B 1 67 ? -7.337  -20.497 4.284   1.00 22.38 ? 586 GLU B N   1 
ATOM   958  C  CA  . GLU B 1 67 ? -8.440  -20.989 3.465   1.00 23.69 ? 586 GLU B CA  1 
ATOM   959  C  C   . GLU B 1 67 ? -7.966  -21.422 2.090   1.00 25.10 ? 586 GLU B C   1 
ATOM   960  O  O   . GLU B 1 67 ? -8.421  -22.427 1.547   1.00 30.45 ? 586 GLU B O   1 
ATOM   961  C  CB  . GLU B 1 67 ? -9.496  -19.892 3.297   1.00 29.63 ? 586 GLU B CB  1 
ATOM   962  C  CG  . GLU B 1 67 ? -10.177 -19.475 4.582   1.00 48.52 ? 586 GLU B CG  1 
ATOM   963  C  CD  . GLU B 1 67 ? -11.241 -20.455 5.024   1.00 66.74 ? 586 GLU B CD  1 
ATOM   964  O  OE1 . GLU B 1 67 ? -10.905 -21.631 5.286   1.00 75.33 ? 586 GLU B OE1 1 
ATOM   965  O  OE2 . GLU B 1 67 ? -12.417 -20.045 5.104   1.00 72.97 ? 586 GLU B OE2 1 
ATOM   966  N  N   . LYS B 1 68 ? -7.046  -20.653 1.525   1.00 21.72 ? 587 LYS B N   1 
ATOM   967  C  CA  . LYS B 1 68 ? -6.531  -20.936 0.199   1.00 19.55 ? 587 LYS B CA  1 
ATOM   968  C  C   . LYS B 1 68 ? -5.486  -22.050 0.166   1.00 24.23 ? 587 LYS B C   1 
ATOM   969  O  O   . LYS B 1 68 ? -5.550  -22.946 -0.674  1.00 19.77 ? 587 LYS B O   1 
ATOM   970  C  CB  . LYS B 1 68 ? -5.929  -19.656 -0.393  1.00 20.42 ? 587 LYS B CB  1 
ATOM   971  C  CG  . LYS B 1 68 ? -5.392  -19.785 -1.811  1.00 25.20 ? 587 LYS B CG  1 
ATOM   972  C  CD  . LYS B 1 68 ? -6.530  -19.952 -2.808  1.00 29.11 ? 587 LYS B CD  1 
ATOM   973  C  CE  . LYS B 1 68 ? -6.035  -19.952 -4.247  1.00 33.68 ? 587 LYS B CE  1 
ATOM   974  N  NZ  . LYS B 1 68 ? -5.384  -18.668 -4.620  1.00 32.22 ? 587 LYS B NZ  1 
ATOM   975  N  N   . LEU B 1 69 ? -4.528  -22.000 1.083   1.00 19.45 ? 588 LEU B N   1 
ATOM   976  C  CA  . LEU B 1 69 ? -3.453  -22.984 1.078   1.00 20.48 ? 588 LEU B CA  1 
ATOM   977  C  C   . LEU B 1 69 ? -3.542  -24.143 2.063   1.00 23.07 ? 588 LEU B C   1 
ATOM   978  O  O   . LEU B 1 69 ? -2.879  -25.160 1.867   1.00 26.39 ? 588 LEU B O   1 
ATOM   979  C  CB  . LEU B 1 69 ? -2.118  -22.262 1.284   1.00 22.16 ? 588 LEU B CB  1 
ATOM   980  C  CG  . LEU B 1 69 ? -1.854  -21.086 0.340   1.00 21.40 ? 588 LEU B CG  1 
ATOM   981  C  CD1 . LEU B 1 69 ? -0.540  -20.406 0.717   1.00 18.40 ? 588 LEU B CD1 1 
ATOM   982  C  CD2 . LEU B 1 69 ? -1.832  -21.577 -1.109  1.00 18.20 ? 588 LEU B CD2 1 
ATOM   983  N  N   . PHE B 1 70 ? -4.360  -24.008 3.102   1.00 22.62 ? 589 PHE B N   1 
ATOM   984  C  CA  . PHE B 1 70 ? -4.447  -25.055 4.114   1.00 27.23 ? 589 PHE B CA  1 
ATOM   985  C  C   . PHE B 1 70 ? -5.841  -25.532 4.524   1.00 33.48 ? 589 PHE B C   1 
ATOM   986  O  O   . PHE B 1 70 ? -6.344  -25.171 5.592   1.00 27.62 ? 589 PHE B O   1 
ATOM   987  C  CB  . PHE B 1 70 ? -3.678  -24.607 5.358   1.00 21.96 ? 589 PHE B CB  1 
ATOM   988  C  CG  . PHE B 1 70 ? -2.238  -24.269 5.082   1.00 26.24 ? 589 PHE B CG  1 
ATOM   989  C  CD1 . PHE B 1 70 ? -1.318  -25.271 4.791   1.00 22.76 ? 589 PHE B CD1 1 
ATOM   990  C  CD2 . PHE B 1 70 ? -1.804  -22.943 5.086   1.00 21.70 ? 589 PHE B CD2 1 
ATOM   991  C  CE1 . PHE B 1 70 ? 0.013   -24.960 4.508   1.00 24.98 ? 589 PHE B CE1 1 
ATOM   992  C  CE2 . PHE B 1 70 ? -0.480  -22.625 4.805   1.00 20.87 ? 589 PHE B CE2 1 
ATOM   993  C  CZ  . PHE B 1 70 ? 0.432   -23.631 4.516   1.00 27.07 ? 589 PHE B CZ  1 
ATOM   994  N  N   . PRO B 1 71 ? -6.445  -26.363 3.676   1.00 43.90 ? 590 PRO B N   1 
ATOM   995  C  CA  . PRO B 1 71 ? -7.768  -26.957 3.923   1.00 47.54 ? 590 PRO B CA  1 
ATOM   996  C  C   . PRO B 1 71 ? -8.732  -26.052 4.674   1.00 51.55 ? 590 PRO B C   1 
ATOM   997  O  O   . PRO B 1 71 ? -9.418  -26.569 5.577   1.00 49.39 ? 590 PRO B O   1 
ATOM   998  C  CB  . PRO B 1 71 ? -7.602  -28.268 4.681   1.00 36.17 ? 590 PRO B CB  1 
HETATM 999  O  O   . HOH C 2 .  ? -1.472  9.090   -16.487 1.00 28.45 ? 2   HOH A O   1 
HETATM 1000 O  O   . HOH C 2 .  ? 13.288  5.942   -20.565 1.00 21.94 ? 3   HOH A O   1 
HETATM 1001 O  O   . HOH C 2 .  ? -6.126  8.406   -9.892  1.00 31.00 ? 4   HOH A O   1 
HETATM 1002 O  O   . HOH C 2 .  ? 9.894   10.612  -5.526  1.00 28.99 ? 7   HOH A O   1 
HETATM 1003 O  O   . HOH C 2 .  ? 8.311   11.012  -1.316  1.00 34.60 ? 10  HOH A O   1 
HETATM 1004 O  O   . HOH C 2 .  ? 9.432   16.848  -20.604 1.00 40.09 ? 14  HOH A O   1 
HETATM 1005 O  O   . HOH C 2 .  ? -2.003  2.981   -12.463 1.00 44.85 ? 16  HOH A O   1 
HETATM 1006 O  O   . HOH C 2 .  ? 14.723  8.619   -19.950 1.00 33.61 ? 18  HOH A O   1 
HETATM 1007 O  O   . HOH C 2 .  ? -3.996  16.983  -6.999  1.00 35.31 ? 19  HOH A O   1 
HETATM 1008 O  O   . HOH C 2 .  ? 7.199   13.370  -20.388 1.00 23.16 ? 20  HOH A O   1 
HETATM 1009 O  O   . HOH C 2 .  ? 8.007   3.435   -22.362 1.00 25.85 ? 22  HOH A O   1 
HETATM 1010 O  O   . HOH C 2 .  ? 0.383   10.337  -14.342 1.00 24.80 ? 24  HOH A O   1 
HETATM 1011 O  O   . HOH C 2 .  ? -7.221  6.151   -3.230  1.00 37.17 ? 26  HOH A O   1 
HETATM 1012 O  O   . HOH C 2 .  ? -3.632  18.448  -1.720  1.00 32.64 ? 31  HOH A O   1 
HETATM 1013 O  O   . HOH C 2 .  ? -7.658  11.107  -2.227  1.00 55.09 ? 34  HOH A O   1 
HETATM 1014 O  O   . HOH C 2 .  ? 6.569   19.338  -21.123 1.00 30.33 ? 35  HOH A O   1 
HETATM 1015 O  O   . HOH C 2 .  ? 5.360   15.107  -24.265 1.00 29.83 ? 37  HOH A O   1 
HETATM 1016 O  O   . HOH C 2 .  ? 5.344   5.100   5.004   1.00 56.97 ? 41  HOH A O   1 
HETATM 1017 O  O   . HOH C 2 .  ? 5.246   18.197  2.244   1.00 24.96 ? 42  HOH A O   1 
HETATM 1018 O  O   . HOH C 2 .  ? 16.297  10.024  -5.844  1.00 36.79 ? 46  HOH A O   1 
HETATM 1019 O  O   . HOH C 2 .  ? 17.169  10.719  -23.682 1.00 36.80 ? 47  HOH A O   1 
HETATM 1020 O  O   . HOH C 2 .  ? -4.805  17.883  14.922  1.00 64.88 ? 51  HOH A O   1 
HETATM 1021 O  O   . HOH C 2 .  ? 12.399  5.895   -8.412  1.00 35.39 ? 52  HOH A O   1 
HETATM 1022 O  O   . HOH C 2 .  ? -7.349  7.343   -7.894  1.00 50.27 ? 53  HOH A O   1 
HETATM 1023 O  O   . HOH C 2 .  ? 0.567   4.140   7.508   1.00 37.48 ? 56  HOH A O   1 
HETATM 1024 O  O   . HOH C 2 .  ? 14.463  13.174  -9.888  1.00 58.36 ? 58  HOH A O   1 
HETATM 1025 O  O   . HOH C 2 .  ? 5.285   15.943  4.800   1.00 65.16 ? 60  HOH A O   1 
HETATM 1026 O  O   . HOH C 2 .  ? -1.993  -1.263  -8.107  1.00 57.96 ? 61  HOH A O   1 
HETATM 1027 O  O   . HOH C 2 .  ? 8.687   4.209   -4.596  1.00 33.10 ? 63  HOH A O   1 
HETATM 1028 O  O   . HOH C 2 .  ? -2.812  9.345   12.674  1.00 50.64 ? 66  HOH A O   1 
HETATM 1029 O  O   . HOH C 2 .  ? -3.661  9.478   -14.604 1.00 43.10 ? 68  HOH A O   1 
HETATM 1030 O  O   . HOH C 2 .  ? 15.749  12.141  -13.166 1.00 47.75 ? 69  HOH A O   1 
HETATM 1031 O  O   . HOH C 2 .  ? -4.342  17.371  0.963   1.00 25.30 ? 72  HOH A O   1 
HETATM 1032 O  O   . HOH C 2 .  ? 11.356  10.838  0.112   1.00 54.76 ? 76  HOH A O   1 
HETATM 1033 O  O   . HOH C 2 .  ? -5.942  9.938   -3.890  1.00 77.31 ? 78  HOH A O   1 
HETATM 1034 O  O   . HOH C 2 .  ? 2.455   16.571  -10.361 1.00 32.56 ? 81  HOH A O   1 
HETATM 1035 O  O   . HOH C 2 .  ? -7.399  18.626  16.202  1.00 50.27 ? 82  HOH A O   1 
HETATM 1036 O  O   . HOH C 2 .  ? -5.410  17.990  -3.531  1.00 31.34 ? 85  HOH A O   1 
HETATM 1037 O  O   . HOH C 2 .  ? -6.430  10.050  -7.306  1.00 49.48 ? 91  HOH A O   1 
HETATM 1038 O  O   . HOH C 2 .  ? 0.264   14.851  -20.066 1.00 21.68 ? 94  HOH A O   1 
HETATM 1039 O  O   . HOH C 2 .  ? -6.731  2.684   -5.677  1.00 54.30 ? 96  HOH A O   1 
HETATM 1040 O  O   . HOH C 2 .  ? 0.139   16.251  -7.931  1.00 26.53 ? 97  HOH A O   1 
HETATM 1041 O  O   . HOH C 2 .  ? 12.027  3.784   -6.942  1.00 57.25 ? 98  HOH A O   1 
HETATM 1042 O  O   . HOH C 2 .  ? 2.820   3.309   8.724   1.00 61.77 ? 100 HOH A O   1 
HETATM 1043 O  O   . HOH C 2 .  ? 4.912   9.850   -25.164 1.00 53.35 ? 106 HOH A O   1 
HETATM 1044 O  O   . HOH C 2 .  ? 10.476  19.358  -20.144 1.00 50.17 ? 108 HOH A O   1 
HETATM 1045 O  O   . HOH C 2 .  ? -1.765  16.712  -20.018 1.00 38.48 ? 109 HOH A O   1 
HETATM 1046 O  O   . HOH C 2 .  ? 8.419   -1.468  -16.797 1.00 51.98 ? 112 HOH A O   1 
HETATM 1047 O  O   . HOH C 2 .  ? -5.492  20.460  -4.435  1.00 53.00 ? 113 HOH A O   1 
HETATM 1048 O  O   . HOH C 2 .  ? -9.537  8.366   -7.595  1.00 64.81 ? 116 HOH A O   1 
HETATM 1049 O  O   . HOH C 2 .  ? 12.879  10.001  -21.047 1.00 58.98 ? 120 HOH A O   1 
HETATM 1050 O  O   . HOH C 2 .  ? 2.912   21.618  -11.125 1.00 35.30 ? 125 HOH A O   1 
HETATM 1051 O  O   . HOH C 2 .  ? 16.759  0.894   -13.779 1.00 45.20 ? 126 HOH A O   1 
HETATM 1052 O  O   . HOH C 2 .  ? -4.735  15.768  -5.036  1.00 39.38 ? 129 HOH A O   1 
HETATM 1053 O  O   . HOH C 2 .  ? 1.752   1.021   -16.702 1.00 42.18 ? 132 HOH A O   1 
HETATM 1054 O  O   . HOH C 2 .  ? 16.989  13.294  -9.608  1.00 43.17 ? 133 HOH A O   1 
HETATM 1055 O  O   . HOH C 2 .  ? 0.607   10.341  -24.203 1.00 42.93 ? 134 HOH A O   1 
HETATM 1056 O  O   . HOH C 2 .  ? -8.167  5.677   -5.975  1.00 49.29 ? 136 HOH A O   1 
HETATM 1057 O  O   . HOH C 2 .  ? 1.169   8.802   6.457   1.00 31.77 ? 139 HOH A O   1 
HETATM 1058 O  O   . HOH C 2 .  ? 16.632  3.555   -14.373 1.00 41.17 ? 140 HOH A O   1 
HETATM 1059 O  O   . HOH C 2 .  ? 16.725  9.420   -12.542 1.00 42.82 ? 141 HOH A O   1 
HETATM 1060 O  O   . HOH C 2 .  ? 0.588   18.784  -8.840  1.00 39.23 ? 142 HOH A O   1 
HETATM 1061 O  O   . HOH C 2 .  ? 11.453  22.802  -16.542 1.00 38.76 ? 144 HOH A O   1 
HETATM 1062 O  O   . HOH C 2 .  ? 10.083  -0.819  -9.488  1.00 45.91 ? 147 HOH A O   1 
HETATM 1063 O  O   . HOH C 2 .  ? 12.784  7.839   -6.559  1.00 35.47 ? 150 HOH A O   1 
HETATM 1064 O  O   . HOH C 2 .  ? 2.781   17.900  7.943   1.00 42.39 ? 152 HOH A O   1 
HETATM 1065 O  O   . HOH C 2 .  ? -6.005  2.477   -15.920 1.00 64.86 ? 155 HOH A O   1 
HETATM 1066 O  O   . HOH C 2 .  ? -3.043  23.368  10.109  1.00 55.20 ? 157 HOH A O   1 
HETATM 1067 O  O   . HOH C 2 .  ? 4.151   22.536  -13.552 1.00 44.86 ? 158 HOH A O   1 
HETATM 1068 O  O   . HOH C 2 .  ? -4.351  18.891  17.509  1.00 45.72 ? 159 HOH A O   1 
HETATM 1069 O  O   . HOH C 2 .  ? 0.797   -1.723  -14.271 1.00 34.63 ? 160 HOH A O   1 
HETATM 1070 O  O   . HOH C 2 .  ? 7.908   4.763   4.077   1.00 58.93 ? 163 HOH A O   1 
HETATM 1071 O  O   . HOH C 2 .  ? 6.096   -3.109  -7.341  1.00 45.64 ? 164 HOH A O   1 
HETATM 1072 O  O   . HOH C 2 .  ? 7.398   13.565  -23.012 1.00 35.54 ? 165 HOH A O   1 
HETATM 1073 O  O   . HOH C 2 .  ? -3.496  15.185  -17.642 1.00 45.89 ? 166 HOH A O   1 
HETATM 1074 O  O   . HOH C 2 .  ? 17.509  13.415  -24.104 1.00 49.80 ? 167 HOH A O   1 
HETATM 1075 O  O   . HOH C 2 .  ? 19.413  10.885  -16.604 1.00 42.76 ? 168 HOH A O   1 
HETATM 1076 O  O   . HOH C 2 .  ? -2.338  20.852  -1.297  1.00 42.71 ? 169 HOH A O   1 
HETATM 1077 O  O   . HOH C 2 .  ? 14.417  4.360   -8.687  1.00 51.38 ? 170 HOH A O   1 
HETATM 1078 O  O   . HOH C 2 .  ? -2.059  14.564  -15.730 1.00 18.85 ? 174 HOH A O   1 
HETATM 1079 O  O   . HOH C 2 .  ? 2.047   19.884  -7.074  1.00 46.16 ? 175 HOH A O   1 
HETATM 1080 O  O   . HOH C 2 .  ? -1.989  21.705  1.669   1.00 43.30 ? 176 HOH A O   1 
HETATM 1081 O  O   . HOH C 2 .  ? -0.603  22.134  -2.818  1.00 42.32 ? 178 HOH A O   1 
HETATM 1082 O  O   . HOH C 2 .  ? 0.618   19.752  8.477   1.00 46.79 ? 180 HOH A O   1 
HETATM 1083 O  O   . HOH C 2 .  ? 3.478   1.229   6.768   1.00 44.14 ? 181 HOH A O   1 
HETATM 1084 O  O   . HOH C 2 .  ? -2.028  2.486   -8.707  1.00 44.14 ? 182 HOH A O   1 
HETATM 1085 O  O   . HOH C 2 .  ? -1.592  1.446   -6.309  1.00 47.93 ? 183 HOH A O   1 
HETATM 1086 O  O   . HOH C 2 .  ? -4.380  17.019  -19.961 1.00 45.08 ? 184 HOH A O   1 
HETATM 1087 O  O   . HOH C 2 .  ? 11.894  7.698   0.274   1.00 48.68 ? 188 HOH A O   1 
HETATM 1088 O  O   . HOH C 2 .  ? -0.401  0.585   -14.719 1.00 52.69 ? 190 HOH A O   1 
HETATM 1089 O  O   . HOH C 2 .  ? -3.624  18.916  3.322   1.00 52.11 ? 193 HOH A O   1 
HETATM 1090 O  O   . HOH C 2 .  ? 1.535   5.564   -24.013 1.00 56.08 ? 196 HOH A O   1 
HETATM 1091 O  O   . HOH C 2 .  ? 6.649   1.392   -4.210  1.00 57.88 ? 198 HOH A O   1 
HETATM 1092 O  O   . HOH C 2 .  ? 8.319   2.596   6.594   1.00 44.77 ? 199 HOH A O   1 
HETATM 1093 O  O   . HOH D 2 .  ? -10.009 -23.726 12.288  1.00 47.79 ? 1   HOH B O   1 
HETATM 1094 O  O   . HOH D 2 .  ? -0.661  -27.282 15.608  1.00 32.70 ? 5   HOH B O   1 
HETATM 1095 O  O   . HOH D 2 .  ? -2.517  -17.558 -4.527  1.00 28.99 ? 6   HOH B O   1 
HETATM 1096 O  O   . HOH D 2 .  ? 4.374   -2.809  7.689   1.00 31.03 ? 8   HOH B O   1 
HETATM 1097 O  O   . HOH D 2 .  ? 7.003   -21.967 2.048   1.00 28.85 ? 9   HOH B O   1 
HETATM 1098 O  O   . HOH D 2 .  ? -4.470  -10.734 14.505  1.00 21.02 ? 11  HOH B O   1 
HETATM 1099 O  O   . HOH D 2 .  ? -5.354  -3.642  16.552  1.00 30.82 ? 12  HOH B O   1 
HETATM 1100 O  O   . HOH D 2 .  ? -1.089  -25.375 -0.411  1.00 26.11 ? 13  HOH B O   1 
HETATM 1101 O  O   . HOH D 2 .  ? -8.232  -17.285 0.430   1.00 24.01 ? 15  HOH B O   1 
HETATM 1102 O  O   . HOH D 2 .  ? 1.533   -20.873 16.511  1.00 22.57 ? 17  HOH B O   1 
HETATM 1103 O  O   . HOH D 2 .  ? 6.017   -19.384 3.192   1.00 22.30 ? 21  HOH B O   1 
HETATM 1104 O  O   . HOH D 2 .  ? -5.287  -0.662  15.132  1.00 26.21 ? 23  HOH B O   1 
HETATM 1105 O  O   . HOH D 2 .  ? 6.129   -24.386 12.025  1.00 64.30 ? 25  HOH B O   1 
HETATM 1106 O  O   . HOH D 2 .  ? 13.884  -11.788 8.103   1.00 54.91 ? 27  HOH B O   1 
HETATM 1107 O  O   . HOH D 2 .  ? -5.931  -12.067 -0.213  1.00 32.58 ? 28  HOH B O   1 
HETATM 1108 O  O   . HOH D 2 .  ? -7.309  -23.014 22.985  1.00 27.96 ? 29  HOH B O   1 
HETATM 1109 O  O   . HOH D 2 .  ? -6.014  6.925   8.451   1.00 35.08 ? 30  HOH B O   1 
HETATM 1110 O  O   . HOH D 2 .  ? 4.997   -10.785 3.897   1.00 41.62 ? 32  HOH B O   1 
HETATM 1111 O  O   . HOH D 2 .  ? -13.210 -4.190  11.237  1.00 24.90 ? 33  HOH B O   1 
HETATM 1112 O  O   . HOH D 2 .  ? -12.115 -1.577  15.571  1.00 30.68 ? 36  HOH B O   1 
HETATM 1113 O  O   . HOH D 2 .  ? -9.801  -13.445 4.935   1.00 34.25 ? 38  HOH B O   1 
HETATM 1114 O  O   . HOH D 2 .  ? 2.866   -7.807  12.704  1.00 68.60 ? 39  HOH B O   1 
HETATM 1115 O  O   . HOH D 2 .  ? -12.824 -7.244  6.714   1.00 38.39 ? 40  HOH B O   1 
HETATM 1116 O  O   . HOH D 2 .  ? -3.018  -15.004 -3.411  1.00 31.24 ? 43  HOH B O   1 
HETATM 1117 O  O   . HOH D 2 .  ? -4.232  -27.326 -0.084  1.00 58.94 ? 44  HOH B O   1 
HETATM 1118 O  O   . HOH D 2 .  ? -8.114  -23.399 6.817   1.00 40.57 ? 45  HOH B O   1 
HETATM 1119 O  O   . HOH D 2 .  ? -11.340 -22.148 14.081  1.00 55.29 ? 48  HOH B O   1 
HETATM 1120 O  O   . HOH D 2 .  ? -7.134  -28.938 9.205   1.00 57.75 ? 49  HOH B O   1 
HETATM 1121 O  O   . HOH D 2 .  ? -5.879  -4.003  -1.389  1.00 36.02 ? 50  HOH B O   1 
HETATM 1122 O  O   . HOH D 2 .  ? -11.951 -24.070 4.716   1.00 54.79 ? 54  HOH B O   1 
HETATM 1123 O  O   . HOH D 2 .  ? -7.112  1.725   3.753   1.00 41.45 ? 55  HOH B O   1 
HETATM 1124 O  O   . HOH D 2 .  ? -4.862  -25.267 17.456  1.00 27.22 ? 57  HOH B O   1 
HETATM 1125 O  O   . HOH D 2 .  ? 5.156   -25.579 13.966  1.00 46.26 ? 59  HOH B O   1 
HETATM 1126 O  O   . HOH D 2 .  ? -12.383 -0.150  8.122   1.00 53.13 ? 62  HOH B O   1 
HETATM 1127 O  O   . HOH D 2 .  ? -8.000  -14.899 18.929  1.00 46.55 ? 64  HOH B O   1 
HETATM 1128 O  O   . HOH D 2 .  ? 7.042   -17.439 14.531  1.00 35.74 ? 65  HOH B O   1 
HETATM 1129 O  O   . HOH D 2 .  ? 6.801   -26.400 17.443  1.00 63.01 ? 67  HOH B O   1 
HETATM 1130 O  O   . HOH D 2 .  ? 1.130   -16.131 11.139  1.00 17.72 ? 70  HOH B O   1 
HETATM 1131 O  O   . HOH D 2 .  ? 4.169   -17.209 11.244  1.00 29.43 ? 71  HOH B O   1 
HETATM 1132 O  O   . HOH D 2 .  ? -3.373  -24.774 -2.264  1.00 46.97 ? 73  HOH B O   1 
HETATM 1133 O  O   . HOH D 2 .  ? 4.088   -8.618  2.561   1.00 51.05 ? 74  HOH B O   1 
HETATM 1134 O  O   . HOH D 2 .  ? 5.032   -9.051  11.444  1.00 31.27 ? 75  HOH B O   1 
HETATM 1135 O  O   . HOH D 2 .  ? -7.370  0.815   15.057  1.00 57.82 ? 77  HOH B O   1 
HETATM 1136 O  O   . HOH D 2 .  ? -1.956  -7.915  16.221  1.00 50.33 ? 79  HOH B O   1 
HETATM 1137 O  O   . HOH D 2 .  ? -11.486 -23.106 2.061   1.00 67.41 ? 80  HOH B O   1 
HETATM 1138 O  O   . HOH D 2 .  ? -5.535  2.470   0.098   1.00 47.03 ? 83  HOH B O   1 
HETATM 1139 O  O   . HOH D 2 .  ? -10.460 -16.148 1.583   1.00 43.60 ? 84  HOH B O   1 
HETATM 1140 O  O   . HOH D 2 .  ? 3.798   -26.533 15.768  1.00 42.35 ? 86  HOH B O   1 
HETATM 1141 O  O   . HOH D 2 .  ? 4.854   -25.287 18.727  1.00 68.45 ? 87  HOH B O   1 
HETATM 1142 O  O   . HOH D 2 .  ? -8.890  -11.671 0.296   1.00 58.35 ? 88  HOH B O   1 
HETATM 1143 O  O   . HOH D 2 .  ? -12.049 3.700   13.716  1.00 43.54 ? 89  HOH B O   1 
HETATM 1144 O  O   . HOH D 2 .  ? -4.857  -9.811  -1.859  1.00 48.40 ? 90  HOH B O   1 
HETATM 1145 O  O   . HOH D 2 .  ? -6.762  -1.561  -0.783  1.00 49.72 ? 92  HOH B O   1 
HETATM 1146 O  O   . HOH D 2 .  ? 7.161   -17.131 0.595   1.00 25.70 ? 93  HOH B O   1 
HETATM 1147 O  O   . HOH D 2 .  ? -17.435 6.819   11.873  1.00 69.60 ? 95  HOH B O   1 
HETATM 1148 O  O   . HOH D 2 .  ? -11.859 4.184   6.108   1.00 69.20 ? 99  HOH B O   1 
HETATM 1149 O  O   . HOH D 2 .  ? 5.093   -6.454  11.677  1.00 72.30 ? 101 HOH B O   1 
HETATM 1150 O  O   . HOH D 2 .  ? -12.457 -3.609  3.391   1.00 65.14 ? 102 HOH B O   1 
HETATM 1151 O  O   . HOH D 2 .  ? -15.875 8.812   14.691  1.00 53.43 ? 103 HOH B O   1 
HETATM 1152 O  O   . HOH D 2 .  ? -5.283  -13.666 14.380  1.00 36.91 ? 104 HOH B O   1 
HETATM 1153 O  O   . HOH D 2 .  ? -3.705  -4.879  18.232  1.00 70.71 ? 105 HOH B O   1 
HETATM 1154 O  O   . HOH D 2 .  ? 2.310   -27.824 11.600  1.00 66.22 ? 107 HOH B O   1 
HETATM 1155 O  O   . HOH D 2 .  ? 8.104   -23.919 3.305   1.00 46.51 ? 110 HOH B O   1 
HETATM 1156 O  O   . HOH D 2 .  ? -14.045 -2.013  9.497   1.00 62.91 ? 111 HOH B O   1 
HETATM 1157 O  O   . HOH D 2 .  ? -12.535 -14.340 5.381   1.00 52.53 ? 114 HOH B O   1 
HETATM 1158 O  O   . HOH D 2 .  ? 6.084   -13.548 5.307   1.00 33.69 ? 115 HOH B O   1 
HETATM 1159 O  O   . HOH D 2 .  ? 8.392   -2.392  5.992   1.00 52.30 ? 117 HOH B O   1 
HETATM 1160 O  O   . HOH D 2 .  ? -6.077  8.894   11.670  1.00 52.86 ? 118 HOH B O   1 
HETATM 1161 O  O   . HOH D 2 .  ? -13.940 8.751   16.371  1.00 44.21 ? 119 HOH B O   1 
HETATM 1162 O  O   . HOH D 2 .  ? -1.478  -10.616 15.512  1.00 56.18 ? 121 HOH B O   1 
HETATM 1163 O  O   . HOH D 2 .  ? -18.278 7.144   9.135   1.00 55.08 ? 122 HOH B O   1 
HETATM 1164 O  O   . HOH D 2 .  ? 1.647   -0.256  0.571   1.00 42.52 ? 123 HOH B O   1 
HETATM 1165 O  O   . HOH D 2 .  ? -5.176  -30.410 7.579   1.00 51.98 ? 124 HOH B O   1 
HETATM 1166 O  O   . HOH D 2 .  ? -8.812  -25.744 1.800   1.00 34.20 ? 127 HOH B O   1 
HETATM 1167 O  O   . HOH D 2 .  ? -7.709  -20.425 24.810  1.00 38.51 ? 128 HOH B O   1 
HETATM 1168 O  O   . HOH D 2 .  ? -13.914 -22.278 2.133   1.00 52.61 ? 130 HOH B O   1 
HETATM 1169 O  O   . HOH D 2 .  ? 2.075   -20.202 19.191  1.00 35.17 ? 131 HOH B O   1 
HETATM 1170 O  O   . HOH D 2 .  ? 5.480   -28.589 18.271  1.00 56.97 ? 135 HOH B O   1 
HETATM 1171 O  O   . HOH D 2 .  ? 4.662   -13.969 12.623  1.00 41.07 ? 137 HOH B O   1 
HETATM 1172 O  O   . HOH D 2 .  ? 8.413   -25.147 5.713   1.00 53.05 ? 138 HOH B O   1 
HETATM 1173 O  O   . HOH D 2 .  ? -6.428  -26.726 8.109   1.00 51.78 ? 143 HOH B O   1 
HETATM 1174 O  O   . HOH D 2 .  ? -8.082  -24.868 9.857   1.00 51.08 ? 145 HOH B O   1 
HETATM 1175 O  O   . HOH D 2 .  ? 0.361   -13.816 -4.976  1.00 31.40 ? 146 HOH B O   1 
HETATM 1176 O  O   . HOH D 2 .  ? 6.647   -6.189  9.494   1.00 50.41 ? 148 HOH B O   1 
HETATM 1177 O  O   . HOH D 2 .  ? -15.548 -1.129  12.360  1.00 56.53 ? 149 HOH B O   1 
HETATM 1178 O  O   . HOH D 2 .  ? -14.750 -19.393 4.771   1.00 47.22 ? 151 HOH B O   1 
HETATM 1179 O  O   . HOH D 2 .  ? -8.594  -27.159 10.772  1.00 52.83 ? 153 HOH B O   1 
HETATM 1180 O  O   . HOH D 2 .  ? 6.495   -25.107 9.532   1.00 59.97 ? 154 HOH B O   1 
HETATM 1181 O  O   . HOH D 2 .  ? -19.609 9.648   8.699   1.00 53.64 ? 156 HOH B O   1 
HETATM 1182 O  O   . HOH D 2 .  ? -9.858  -23.966 -0.073  1.00 61.35 ? 161 HOH B O   1 
HETATM 1183 O  O   . HOH D 2 .  ? -4.728  -13.704 -2.065  1.00 56.85 ? 162 HOH B O   1 
HETATM 1184 O  O   . HOH D 2 .  ? 4.597   -29.097 11.324  1.00 42.48 ? 171 HOH B O   1 
HETATM 1185 O  O   . HOH D 2 .  ? -1.438  -13.441 17.799  1.00 58.49 ? 172 HOH B O   1 
HETATM 1186 O  O   . HOH D 2 .  ? -5.065  -28.750 3.314   1.00 53.25 ? 173 HOH B O   1 
HETATM 1187 O  O   . HOH D 2 .  ? -16.265 -22.905 2.574   1.00 48.05 ? 177 HOH B O   1 
HETATM 1188 O  O   . HOH D 2 .  ? 6.017   -15.125 14.438  1.00 50.05 ? 179 HOH B O   1 
HETATM 1189 O  O   . HOH D 2 .  ? 3.781   -18.480 20.359  1.00 44.90 ? 185 HOH B O   1 
HETATM 1190 O  O   . HOH D 2 .  ? -2.423  -24.736 11.974  1.00 44.81 ? 186 HOH B O   1 
HETATM 1191 O  O   . HOH D 2 .  ? -6.065  -19.881 -7.661  1.00 50.66 ? 187 HOH B O   1 
HETATM 1192 O  O   . HOH D 2 .  ? -0.104  2.810   11.611  1.00 45.70 ? 189 HOH B O   1 
HETATM 1193 O  O   . HOH D 2 .  ? -7.173  -8.792  -1.750  1.00 45.99 ? 191 HOH B O   1 
HETATM 1194 O  O   . HOH D 2 .  ? -9.719  -19.392 -0.278  1.00 52.89 ? 192 HOH B O   1 
HETATM 1195 O  O   . HOH D 2 .  ? -13.772 1.854   10.423  1.00 42.66 ? 194 HOH B O   1 
HETATM 1196 O  O   . HOH D 2 .  ? -16.423 10.714  16.329  1.00 53.50 ? 195 HOH B O   1 
HETATM 1197 O  O   . HOH D 2 .  ? -5.493  -25.141 10.177  1.00 54.26 ? 197 HOH B O   1 
# 
